data_3QJG
#
_entry.id   3QJG
#
_cell.length_a   160.991
_cell.length_b   111.256
_cell.length_c   154.569
_cell.angle_alpha   90.000
_cell.angle_beta   97.250
_cell.angle_gamma   90.000
#
_symmetry.space_group_name_H-M   'C 1 2 1'
#
loop_
_entity.id
_entity.type
_entity.pdbx_description
1 polymer 'Epidermin biosynthesis protein EpiD'
2 non-polymer 'FLAVIN MONONUCLEOTIDE'
3 non-polymer 'CHLORIDE ION'
4 water water
#
_entity_poly.entity_id   1
_entity_poly.type   'polypeptide(L)'
_entity_poly.pdbx_seq_one_letter_code
;SNAMGENVLICLCGSVNSINISHYIIELKSKFDEVNVIASTNGRKFINGEILKQFCDNYYDEFEDPFLNHVDIANKHDKI
IILPATSNTINKIANGICDNLLLTICHTAFEKLSIFPNMNLRMWENPVTQNNIRLLKDYGVSIYPANISESYELASKTFK
KNVVAPEPYKVLEFI
;
_entity_poly.pdbx_strand_id   A,B,C,D,E,F,G,H,I,J,K,L
#
# COMPACT_ATOMS: atom_id res chain seq x y z
N GLY A 5 -6.99 -39.32 -26.00
CA GLY A 5 -7.02 -37.93 -25.42
C GLY A 5 -7.84 -37.70 -24.14
N GLU A 6 -7.62 -38.52 -23.13
CA GLU A 6 -8.15 -38.22 -21.79
C GLU A 6 -7.37 -37.05 -21.10
N ASN A 7 -8.04 -36.31 -20.19
CA ASN A 7 -7.40 -35.31 -19.34
C ASN A 7 -7.49 -35.67 -17.89
N VAL A 8 -6.42 -35.39 -17.15
CA VAL A 8 -6.47 -35.67 -15.70
C VAL A 8 -6.23 -34.34 -14.99
N LEU A 9 -6.85 -34.16 -13.85
CA LEU A 9 -6.63 -32.99 -13.07
C LEU A 9 -5.98 -33.48 -11.79
N ILE A 10 -4.86 -32.84 -11.40
CA ILE A 10 -4.25 -33.12 -10.10
C ILE A 10 -4.66 -32.05 -9.12
N CYS A 11 -5.22 -32.47 -8.00
CA CYS A 11 -5.57 -31.57 -6.92
C CYS A 11 -4.49 -31.66 -5.83
N LEU A 12 -3.76 -30.57 -5.57
CA LEU A 12 -2.68 -30.57 -4.57
C LEU A 12 -3.19 -30.02 -3.24
N CYS A 13 -2.84 -30.64 -2.15
CA CYS A 13 -3.26 -30.13 -0.86
C CYS A 13 -2.02 -29.64 -0.04
N GLY A 14 -2.29 -29.14 1.16
CA GLY A 14 -1.28 -28.57 2.07
C GLY A 14 -0.36 -29.54 2.81
N SER A 15 0.64 -30.01 2.09
CA SER A 15 1.58 -31.03 2.57
C SER A 15 2.88 -30.80 1.84
N VAL A 16 3.99 -31.20 2.45
CA VAL A 16 5.28 -31.01 1.83
C VAL A 16 5.45 -31.90 0.59
N ASN A 17 4.77 -33.05 0.56
CA ASN A 17 4.81 -33.91 -0.61
C ASN A 17 4.28 -33.28 -1.92
N SER A 18 3.50 -32.21 -1.83
CA SER A 18 3.16 -31.40 -3.02
C SER A 18 4.35 -30.86 -3.79
N ILE A 19 5.48 -30.80 -3.10
CA ILE A 19 6.76 -30.38 -3.67
C ILE A 19 7.30 -31.30 -4.74
N ASN A 20 6.82 -32.54 -4.76
CA ASN A 20 7.23 -33.55 -5.73
C ASN A 20 6.32 -33.57 -6.98
N ILE A 21 5.28 -32.74 -7.00
CA ILE A 21 4.29 -32.84 -8.07
C ILE A 21 4.83 -32.72 -9.51
N SER A 22 5.94 -32.04 -9.75
CA SER A 22 6.43 -32.03 -11.14
C SER A 22 6.77 -33.46 -11.70
N HIS A 23 7.18 -34.37 -10.81
CA HIS A 23 7.50 -35.76 -11.23
C HIS A 23 6.25 -36.50 -11.69
N TYR A 24 5.15 -36.36 -10.93
CA TYR A 24 3.90 -37.00 -11.26
C TYR A 24 3.33 -36.40 -12.54
N ILE A 25 3.40 -35.09 -12.67
CA ILE A 25 2.95 -34.45 -13.91
C ILE A 25 3.73 -35.01 -15.10
N ILE A 26 5.06 -35.09 -14.96
CA ILE A 26 5.86 -35.53 -16.09
C ILE A 26 5.42 -36.93 -16.55
N GLU A 27 5.11 -37.78 -15.58
CA GLU A 27 4.76 -39.17 -15.85
C GLU A 27 3.32 -39.34 -16.34
N LEU A 28 2.38 -38.57 -15.80
CA LEU A 28 1.00 -38.56 -16.27
C LEU A 28 0.90 -38.08 -17.73
N LYS A 29 1.80 -37.20 -18.16
CA LYS A 29 1.87 -36.80 -19.56
C LYS A 29 2.10 -37.93 -20.57
N SER A 30 2.64 -39.06 -20.15
CA SER A 30 2.73 -40.24 -21.03
C SER A 30 1.38 -40.96 -21.24
N LYS A 31 0.45 -40.86 -20.26
CA LYS A 31 -0.87 -41.47 -20.38
C LYS A 31 -1.99 -40.52 -20.79
N PHE A 32 -1.85 -39.23 -20.48
CA PHE A 32 -2.97 -38.29 -20.62
C PHE A 32 -2.62 -37.14 -21.53
N ASP A 33 -3.58 -36.63 -22.28
CA ASP A 33 -3.32 -35.49 -23.17
CA ASP A 33 -3.31 -35.51 -23.17
C ASP A 33 -2.95 -34.26 -22.35
N GLU A 34 -3.89 -33.70 -21.61
CA GLU A 34 -3.59 -32.57 -20.74
C GLU A 34 -3.43 -33.09 -19.35
N VAL A 35 -2.44 -32.56 -18.63
CA VAL A 35 -2.36 -32.79 -17.19
C VAL A 35 -2.43 -31.39 -16.59
N ASN A 36 -3.46 -31.11 -15.80
CA ASN A 36 -3.77 -29.81 -15.24
C ASN A 36 -3.72 -29.89 -13.75
N VAL A 37 -3.60 -28.73 -13.11
CA VAL A 37 -3.35 -28.70 -11.70
C VAL A 37 -4.13 -27.61 -11.06
N ILE A 38 -4.60 -27.90 -9.85
CA ILE A 38 -5.18 -26.92 -8.96
C ILE A 38 -4.71 -27.20 -7.54
N ALA A 39 -4.48 -26.16 -6.74
CA ALA A 39 -4.14 -26.34 -5.30
C ALA A 39 -5.27 -25.92 -4.41
N SER A 40 -5.30 -26.46 -3.19
CA SER A 40 -6.18 -26.01 -2.15
C SER A 40 -5.71 -24.64 -1.69
N THR A 41 -6.45 -24.02 -0.76
CA THR A 41 -6.10 -22.64 -0.43
C THR A 41 -4.79 -22.71 0.36
N ASN A 42 -4.80 -23.51 1.40
CA ASN A 42 -3.62 -23.77 2.19
C ASN A 42 -2.50 -24.42 1.42
N GLY A 43 -2.83 -25.13 0.33
CA GLY A 43 -1.87 -25.79 -0.47
C GLY A 43 -0.99 -24.85 -1.25
N ARG A 44 -1.51 -23.66 -1.53
CA ARG A 44 -0.83 -22.68 -2.42
C ARG A 44 0.57 -22.31 -1.91
N LYS A 45 0.73 -22.28 -0.59
CA LYS A 45 2.01 -21.86 0.01
C LYS A 45 3.11 -22.89 -0.15
N PHE A 46 2.76 -24.14 -0.45
CA PHE A 46 3.74 -25.20 -0.65
C PHE A 46 4.31 -25.26 -2.08
N ILE A 47 3.71 -24.55 -3.04
CA ILE A 47 4.06 -24.73 -4.45
CA ILE A 47 4.08 -24.74 -4.45
C ILE A 47 4.37 -23.39 -5.14
N ASN A 48 4.77 -23.46 -6.40
CA ASN A 48 5.14 -22.25 -7.09
C ASN A 48 4.43 -22.39 -8.42
N GLY A 49 3.34 -21.66 -8.56
CA GLY A 49 2.47 -21.81 -9.68
C GLY A 49 3.13 -21.63 -11.02
N GLU A 50 4.17 -20.82 -11.10
CA GLU A 50 4.79 -20.61 -12.43
C GLU A 50 5.72 -21.78 -12.76
N ILE A 51 6.29 -22.39 -11.72
CA ILE A 51 7.10 -23.62 -11.86
C ILE A 51 6.17 -24.75 -12.34
N LEU A 52 5.01 -24.89 -11.74
CA LEU A 52 4.02 -25.87 -12.18
C LEU A 52 3.71 -25.69 -13.67
N LYS A 53 3.60 -24.45 -14.13
CA LYS A 53 3.27 -24.23 -15.52
C LYS A 53 4.35 -24.57 -16.49
N GLN A 54 5.54 -24.86 -15.99
CA GLN A 54 6.60 -25.37 -16.83
C GLN A 54 6.27 -26.81 -17.26
N PHE A 55 5.46 -27.48 -16.43
CA PHE A 55 5.16 -28.91 -16.65
C PHE A 55 3.67 -29.17 -16.97
N CYS A 56 2.75 -28.56 -16.24
CA CYS A 56 1.34 -28.78 -16.49
C CYS A 56 0.83 -27.97 -17.68
N ASP A 57 -0.40 -28.27 -18.03
CA ASP A 57 -0.99 -27.59 -19.16
C ASP A 57 -1.76 -26.40 -18.62
N ASN A 58 -2.49 -26.57 -17.51
CA ASN A 58 -3.22 -25.49 -16.96
C ASN A 58 -3.08 -25.53 -15.49
N TYR A 59 -2.79 -24.36 -14.92
CA TYR A 59 -2.79 -24.23 -13.50
C TYR A 59 -3.97 -23.34 -13.17
N TYR A 60 -4.95 -23.92 -12.46
CA TYR A 60 -6.19 -23.21 -12.16
C TYR A 60 -5.91 -22.52 -10.87
N ASP A 61 -6.10 -21.21 -10.89
CA ASP A 61 -5.78 -20.39 -9.71
C ASP A 61 -7.02 -19.52 -9.31
N GLU A 62 -7.73 -19.94 -8.28
CA GLU A 62 -8.93 -19.28 -7.76
C GLU A 62 -8.68 -17.81 -7.31
N PHE A 63 -7.47 -17.51 -6.87
CA PHE A 63 -7.07 -16.14 -6.43
CA PHE A 63 -7.16 -16.14 -6.42
C PHE A 63 -6.94 -15.23 -7.63
N GLU A 64 -6.36 -15.76 -8.68
CA GLU A 64 -6.18 -14.97 -9.89
CA GLU A 64 -6.16 -15.01 -9.93
C GLU A 64 -7.48 -14.87 -10.70
N ASP A 65 -8.28 -15.93 -10.71
CA ASP A 65 -9.55 -15.90 -11.44
C ASP A 65 -10.71 -16.46 -10.64
N PRO A 66 -11.35 -15.62 -9.83
CA PRO A 66 -12.22 -16.18 -8.80
C PRO A 66 -13.53 -16.73 -9.37
N PHE A 67 -13.78 -16.49 -10.65
CA PHE A 67 -14.98 -16.97 -11.29
C PHE A 67 -14.85 -18.27 -12.12
N LEU A 68 -13.72 -18.96 -11.97
CA LEU A 68 -13.56 -20.28 -12.54
C LEU A 68 -14.69 -21.18 -12.11
N ASN A 69 -15.22 -21.91 -13.08
CA ASN A 69 -16.37 -22.76 -12.88
C ASN A 69 -16.01 -24.22 -12.70
N HIS A 70 -16.38 -24.72 -11.52
CA HIS A 70 -16.17 -26.05 -11.08
C HIS A 70 -16.85 -27.09 -11.99
N VAL A 71 -18.03 -26.82 -12.54
CA VAL A 71 -18.68 -27.76 -13.42
C VAL A 71 -17.90 -27.86 -14.75
N ASP A 72 -17.52 -26.72 -15.29
CA ASP A 72 -16.81 -26.76 -16.58
C ASP A 72 -15.43 -27.45 -16.46
N ILE A 73 -14.71 -27.14 -15.38
CA ILE A 73 -13.45 -27.78 -15.10
C ILE A 73 -13.65 -29.29 -14.93
N ALA A 74 -14.57 -29.74 -14.06
CA ALA A 74 -14.78 -31.15 -13.85
C ALA A 74 -15.08 -31.88 -15.17
N ASN A 75 -15.95 -31.31 -16.01
CA ASN A 75 -16.38 -31.95 -17.27
C ASN A 75 -15.30 -32.07 -18.31
N LYS A 76 -14.30 -31.21 -18.20
CA LYS A 76 -13.12 -31.27 -19.07
C LYS A 76 -12.19 -32.46 -18.69
N HIS A 77 -12.40 -33.07 -17.52
CA HIS A 77 -11.49 -34.11 -17.08
C HIS A 77 -12.14 -35.51 -16.92
N ASP A 78 -11.42 -36.51 -17.41
CA ASP A 78 -11.85 -37.87 -17.31
C ASP A 78 -11.48 -38.38 -15.96
N LYS A 79 -10.35 -37.94 -15.41
CA LYS A 79 -9.90 -38.44 -14.10
C LYS A 79 -9.54 -37.24 -13.29
N ILE A 80 -9.93 -37.26 -12.02
CA ILE A 80 -9.54 -36.29 -11.09
C ILE A 80 -8.92 -37.00 -9.93
N ILE A 81 -7.73 -36.54 -9.55
CA ILE A 81 -6.98 -37.13 -8.46
C ILE A 81 -6.64 -36.12 -7.37
N ILE A 82 -6.75 -36.52 -6.11
CA ILE A 82 -6.21 -35.68 -5.07
C ILE A 82 -4.86 -36.26 -4.60
N LEU A 83 -3.78 -35.54 -4.90
CA LEU A 83 -2.42 -36.03 -4.63
C LEU A 83 -1.45 -34.87 -4.38
N PRO A 84 -0.89 -34.77 -3.16
CA PRO A 84 -1.20 -35.51 -1.92
C PRO A 84 -2.53 -35.03 -1.33
N ALA A 85 -3.23 -35.93 -0.64
CA ALA A 85 -4.51 -35.67 -0.09
C ALA A 85 -4.30 -35.60 1.39
N THR A 86 -4.59 -34.42 1.96
CA THR A 86 -4.61 -34.18 3.37
C THR A 86 -5.82 -34.76 4.00
N SER A 87 -5.69 -35.02 5.30
CA SER A 87 -6.81 -35.38 6.09
C SER A 87 -7.98 -34.36 6.03
N ASN A 88 -7.68 -33.05 6.06
CA ASN A 88 -8.74 -32.04 5.98
C ASN A 88 -9.54 -32.13 4.74
N THR A 89 -8.85 -32.15 3.56
CA THR A 89 -9.55 -32.28 2.33
C THR A 89 -10.41 -33.58 2.28
N ILE A 90 -9.89 -34.72 2.73
CA ILE A 90 -10.66 -35.98 2.67
C ILE A 90 -11.98 -35.84 3.50
N ASN A 91 -11.82 -35.25 4.68
CA ASN A 91 -12.92 -35.13 5.62
C ASN A 91 -13.94 -34.02 5.18
N LYS A 92 -13.44 -32.98 4.54
CA LYS A 92 -14.32 -31.99 3.94
C LYS A 92 -15.11 -32.66 2.78
N ILE A 93 -14.41 -33.35 1.88
CA ILE A 93 -15.09 -34.09 0.84
C ILE A 93 -16.09 -35.12 1.37
N ALA A 94 -15.73 -35.90 2.40
CA ALA A 94 -16.63 -36.90 2.90
C ALA A 94 -17.93 -36.18 3.20
N ASN A 95 -17.88 -34.92 3.65
CA ASN A 95 -19.09 -34.20 4.22
C ASN A 95 -19.72 -33.19 3.28
N GLY A 96 -19.23 -33.11 2.09
CA GLY A 96 -19.79 -32.25 1.07
C GLY A 96 -19.46 -30.81 1.24
N ILE A 97 -18.41 -30.53 2.01
CA ILE A 97 -17.96 -29.18 2.35
CA ILE A 97 -17.99 -29.18 2.33
C ILE A 97 -17.11 -28.78 1.14
N CYS A 98 -17.50 -27.74 0.44
CA CYS A 98 -16.73 -27.25 -0.70
C CYS A 98 -16.58 -25.75 -0.58
N ASP A 99 -15.64 -25.31 0.28
CA ASP A 99 -15.43 -23.86 0.48
C ASP A 99 -14.26 -23.25 -0.33
N ASN A 100 -13.67 -24.07 -1.23
CA ASN A 100 -12.77 -23.57 -2.27
C ASN A 100 -12.95 -24.24 -3.63
N LEU A 101 -12.23 -23.80 -4.67
CA LEU A 101 -12.50 -24.30 -5.98
C LEU A 101 -12.19 -25.83 -6.11
N LEU A 102 -11.05 -26.26 -5.56
CA LEU A 102 -10.67 -27.64 -5.59
C LEU A 102 -11.72 -28.53 -5.00
N LEU A 103 -12.25 -28.14 -3.84
CA LEU A 103 -13.19 -28.98 -3.16
C LEU A 103 -14.54 -29.07 -3.85
N THR A 104 -14.95 -27.95 -4.44
CA THR A 104 -16.16 -27.88 -5.25
C THR A 104 -16.09 -28.74 -6.54
N ILE A 105 -14.95 -28.70 -7.21
CA ILE A 105 -14.66 -29.60 -8.28
C ILE A 105 -14.81 -31.06 -7.89
N CYS A 106 -14.32 -31.47 -6.71
CA CYS A 106 -14.36 -32.87 -6.29
C CYS A 106 -15.80 -33.31 -5.89
N HIS A 107 -16.50 -32.39 -5.25
CA HIS A 107 -17.92 -32.56 -4.94
C HIS A 107 -18.78 -32.86 -6.19
N THR A 108 -18.43 -32.31 -7.32
CA THR A 108 -19.21 -32.41 -8.52
CA THR A 108 -19.26 -32.47 -8.50
C THR A 108 -18.89 -33.71 -9.32
N ALA A 109 -17.91 -34.49 -8.87
CA ALA A 109 -17.32 -35.49 -9.77
C ALA A 109 -16.78 -36.73 -9.07
N PHE A 110 -17.51 -37.19 -8.03
CA PHE A 110 -17.11 -38.35 -7.26
C PHE A 110 -16.77 -39.60 -8.10
N GLU A 111 -17.60 -39.84 -9.12
CA GLU A 111 -17.45 -40.93 -10.09
C GLU A 111 -16.13 -40.84 -10.85
N LYS A 112 -15.44 -39.68 -10.78
CA LYS A 112 -14.17 -39.54 -11.48
C LYS A 112 -12.98 -39.44 -10.57
N LEU A 113 -13.16 -39.65 -9.26
CA LEU A 113 -12.26 -39.14 -8.28
C LEU A 113 -11.49 -40.18 -7.52
N SER A 114 -10.18 -39.97 -7.44
CA SER A 114 -9.22 -40.88 -6.80
C SER A 114 -8.46 -40.05 -5.80
N ILE A 115 -8.33 -40.58 -4.58
CA ILE A 115 -7.67 -39.91 -3.48
C ILE A 115 -6.42 -40.73 -3.09
N PHE A 116 -5.26 -40.06 -3.02
CA PHE A 116 -4.00 -40.59 -2.55
C PHE A 116 -3.63 -39.94 -1.24
N PRO A 117 -4.10 -40.52 -0.12
CA PRO A 117 -3.91 -39.96 1.20
C PRO A 117 -2.46 -39.80 1.61
N ASN A 118 -2.20 -38.76 2.41
CA ASN A 118 -0.85 -38.37 2.76
C ASN A 118 -0.87 -37.61 4.07
N MET A 119 -0.46 -38.25 5.16
CA MET A 119 -0.64 -37.63 6.44
C MET A 119 -0.02 -38.43 7.54
N ASN A 120 0.28 -37.78 8.66
CA ASN A 120 0.77 -38.49 9.84
C ASN A 120 -0.16 -39.62 10.19
N LEU A 121 0.39 -40.75 10.58
CA LEU A 121 -0.43 -41.89 11.03
C LEU A 121 -1.54 -41.54 12.05
N ARG A 122 -1.29 -40.58 12.95
CA ARG A 122 -2.29 -40.20 13.98
CA ARG A 122 -2.27 -40.24 13.98
C ARG A 122 -3.52 -39.68 13.34
N MET A 123 -3.34 -38.99 12.21
CA MET A 123 -4.45 -38.39 11.54
C MET A 123 -5.16 -39.45 10.70
N TRP A 124 -4.39 -40.37 10.13
CA TRP A 124 -4.93 -41.50 9.34
C TRP A 124 -5.78 -42.38 10.24
N GLU A 125 -5.34 -42.54 11.46
CA GLU A 125 -5.98 -43.47 12.34
C GLU A 125 -7.01 -42.79 13.21
N ASN A 126 -7.19 -41.48 13.03
CA ASN A 126 -8.29 -40.80 13.70
C ASN A 126 -9.58 -41.45 13.21
N PRO A 127 -10.45 -41.97 14.11
CA PRO A 127 -11.66 -42.67 13.66
C PRO A 127 -12.59 -41.87 12.77
N VAL A 128 -12.49 -40.55 12.86
CA VAL A 128 -13.28 -39.69 12.04
C VAL A 128 -12.76 -39.87 10.65
N THR A 129 -11.45 -39.75 10.47
CA THR A 129 -10.86 -39.91 9.14
C THR A 129 -11.17 -41.32 8.61
N GLN A 130 -11.11 -42.32 9.49
CA GLN A 130 -11.40 -43.69 9.04
C GLN A 130 -12.87 -43.86 8.66
N ASN A 131 -13.78 -43.17 9.32
CA ASN A 131 -15.21 -43.30 8.95
C ASN A 131 -15.50 -42.66 7.57
N ASN A 132 -14.84 -41.52 7.34
CA ASN A 132 -14.98 -40.76 6.11
C ASN A 132 -14.40 -41.45 4.92
N ILE A 133 -13.24 -42.06 5.05
CA ILE A 133 -12.69 -42.90 4.00
C ILE A 133 -13.63 -44.03 3.59
N ARG A 134 -14.26 -44.71 4.58
CA ARG A 134 -15.23 -45.77 4.33
C ARG A 134 -16.47 -45.31 3.59
N LEU A 135 -17.01 -44.15 4.01
CA LEU A 135 -18.09 -43.45 3.31
C LEU A 135 -17.70 -43.02 1.90
N LEU A 136 -16.52 -42.46 1.76
CA LEU A 136 -16.09 -42.09 0.40
C LEU A 136 -16.11 -43.34 -0.51
N LYS A 137 -15.63 -44.47 0.01
CA LYS A 137 -15.69 -45.77 -0.74
C LYS A 137 -17.11 -46.15 -1.02
N ASP A 138 -17.97 -46.14 0.01
CA ASP A 138 -19.41 -46.35 -0.21
C ASP A 138 -19.98 -45.51 -1.42
N TYR A 139 -19.54 -44.28 -1.58
CA TYR A 139 -20.10 -43.42 -2.58
C TYR A 139 -19.35 -43.45 -3.86
N GLY A 140 -18.41 -44.36 -3.94
CA GLY A 140 -17.78 -44.69 -5.19
C GLY A 140 -16.55 -43.91 -5.50
N VAL A 141 -15.97 -43.22 -4.50
CA VAL A 141 -14.65 -42.59 -4.69
C VAL A 141 -13.56 -43.66 -4.56
N SER A 142 -12.61 -43.68 -5.46
CA SER A 142 -11.45 -44.57 -5.31
C SER A 142 -10.39 -44.03 -4.29
N ILE A 143 -10.02 -44.83 -3.29
CA ILE A 143 -9.00 -44.48 -2.28
C ILE A 143 -7.80 -45.40 -2.49
N TYR A 144 -6.64 -44.81 -2.80
CA TYR A 144 -5.43 -45.58 -2.98
C TYR A 144 -5.15 -46.32 -1.64
N PRO A 145 -4.81 -47.63 -1.73
CA PRO A 145 -4.52 -48.39 -0.54
C PRO A 145 -3.12 -47.99 -0.07
N ALA A 146 -3.05 -46.85 0.57
CA ALA A 146 -1.81 -46.22 0.91
C ALA A 146 -0.95 -47.04 1.86
N ASN A 147 0.32 -47.03 1.45
CA ASN A 147 1.48 -47.50 2.15
C ASN A 147 1.79 -46.73 3.47
N ILE A 148 1.72 -47.41 4.64
CA ILE A 148 2.24 -46.88 5.93
C ILE A 148 3.76 -47.03 6.04
N SER A 149 4.47 -45.92 6.27
CA SER A 149 5.95 -45.96 6.35
C SER A 149 6.45 -45.09 7.49
N GLU A 150 7.60 -45.46 8.04
CA GLU A 150 8.27 -44.70 9.11
C GLU A 150 9.61 -44.25 8.57
N SER A 151 9.83 -42.93 8.56
CA SER A 151 11.06 -42.37 8.04
C SER A 151 11.57 -41.24 8.96
N TYR A 152 12.84 -40.91 8.79
CA TYR A 152 13.45 -39.86 9.57
C TYR A 152 13.04 -38.56 8.91
N GLU A 153 12.56 -37.62 9.72
CA GLU A 153 12.13 -36.34 9.18
C GLU A 153 13.16 -35.27 9.53
N LEU A 154 13.88 -34.75 8.54
CA LEU A 154 14.88 -33.69 8.77
C LEU A 154 14.32 -32.48 9.57
N ALA A 155 13.15 -31.99 9.15
CA ALA A 155 12.54 -30.78 9.72
C ALA A 155 12.35 -30.83 11.25
N SER A 156 11.95 -31.99 11.78
CA SER A 156 11.81 -32.20 13.26
C SER A 156 12.98 -33.01 13.91
N LYS A 157 13.91 -33.49 13.09
CA LYS A 157 14.94 -34.44 13.54
C LYS A 157 14.37 -35.63 14.38
N THR A 158 13.22 -36.17 13.98
CA THR A 158 12.63 -37.32 14.67
C THR A 158 12.14 -38.31 13.64
N PHE A 159 11.72 -39.48 14.11
CA PHE A 159 11.10 -40.48 13.26
C PHE A 159 9.58 -40.34 13.32
N LYS A 160 8.96 -40.28 12.15
CA LYS A 160 7.50 -40.19 12.02
C LYS A 160 6.89 -41.29 11.15
N LYS A 161 5.65 -41.63 11.47
CA LYS A 161 4.89 -42.64 10.75
C LYS A 161 3.85 -41.91 9.91
N ASN A 162 3.72 -42.31 8.66
CA ASN A 162 2.93 -41.59 7.69
C ASN A 162 2.26 -42.59 6.80
N VAL A 163 1.08 -42.25 6.31
N VAL A 163 1.07 -42.27 6.29
CA VAL A 163 0.60 -42.77 5.05
CA VAL A 163 0.62 -42.82 5.03
C VAL A 163 1.09 -41.76 3.99
C VAL A 163 1.08 -41.79 3.99
N VAL A 164 1.61 -42.25 2.88
CA VAL A 164 2.26 -41.38 1.89
C VAL A 164 1.76 -41.59 0.46
N ALA A 165 1.84 -40.55 -0.37
CA ALA A 165 1.50 -40.67 -1.81
C ALA A 165 2.48 -41.65 -2.45
N PRO A 166 2.02 -42.46 -3.41
CA PRO A 166 2.89 -43.47 -3.93
C PRO A 166 3.70 -42.94 -5.09
N GLU A 167 4.60 -43.78 -5.56
CA GLU A 167 5.42 -43.34 -6.67
CA GLU A 167 5.44 -43.50 -6.71
C GLU A 167 4.56 -43.16 -7.92
N PRO A 168 4.97 -42.20 -8.81
CA PRO A 168 4.21 -41.88 -10.00
C PRO A 168 3.68 -43.06 -10.84
N TYR A 169 4.49 -44.11 -11.01
CA TYR A 169 3.97 -45.27 -11.76
C TYR A 169 2.76 -45.94 -11.08
N LYS A 170 2.69 -45.91 -9.75
CA LYS A 170 1.55 -46.54 -9.05
C LYS A 170 0.29 -45.73 -9.24
N VAL A 171 0.46 -44.41 -9.32
CA VAL A 171 -0.63 -43.50 -9.63
C VAL A 171 -1.16 -43.85 -11.01
N LEU A 172 -0.26 -43.98 -12.01
CA LEU A 172 -0.67 -44.31 -13.39
C LEU A 172 -1.51 -45.59 -13.45
N GLU A 173 -1.10 -46.60 -12.66
CA GLU A 173 -1.78 -47.90 -12.62
C GLU A 173 -3.09 -47.87 -11.87
N PHE A 174 -3.27 -46.92 -10.97
CA PHE A 174 -4.47 -46.91 -10.12
C PHE A 174 -5.57 -46.18 -10.86
N ILE A 175 -5.23 -45.28 -11.78
CA ILE A 175 -6.29 -44.45 -12.37
C ILE A 175 -6.59 -44.90 -13.81
N GLU B 6 -42.93 -7.80 11.54
CA GLU B 6 -42.29 -9.05 11.03
C GLU B 6 -41.08 -8.78 10.10
N ASN B 7 -39.91 -9.34 10.41
CA ASN B 7 -38.69 -9.16 9.62
C ASN B 7 -38.19 -10.45 8.95
N VAL B 8 -37.61 -10.32 7.76
CA VAL B 8 -37.00 -11.45 7.10
C VAL B 8 -35.51 -11.21 6.77
N LEU B 9 -34.67 -12.26 6.98
CA LEU B 9 -33.27 -12.20 6.55
C LEU B 9 -33.00 -13.11 5.35
N ILE B 10 -32.47 -12.50 4.30
CA ILE B 10 -31.99 -13.24 3.14
C ILE B 10 -30.45 -13.45 3.24
N CYS B 11 -30.04 -14.71 3.11
CA CYS B 11 -28.66 -15.17 3.20
C CYS B 11 -28.32 -15.61 1.78
N LEU B 12 -27.46 -14.84 1.11
CA LEU B 12 -27.03 -15.08 -0.30
C LEU B 12 -25.74 -15.88 -0.22
N CYS B 13 -25.59 -16.90 -1.08
CA CYS B 13 -24.43 -17.75 -1.13
C CYS B 13 -23.72 -17.54 -2.46
N GLY B 14 -22.60 -18.23 -2.65
CA GLY B 14 -21.82 -18.04 -3.85
C GLY B 14 -22.38 -18.64 -5.11
N SER B 15 -23.38 -17.96 -5.70
CA SER B 15 -24.05 -18.37 -6.93
C SER B 15 -24.40 -17.19 -7.84
N VAL B 16 -24.32 -17.36 -9.18
CA VAL B 16 -24.69 -16.28 -10.09
C VAL B 16 -26.16 -15.86 -9.98
N ASN B 17 -27.04 -16.73 -9.47
CA ASN B 17 -28.47 -16.36 -9.18
C ASN B 17 -28.65 -15.34 -8.08
N SER B 18 -27.58 -15.06 -7.35
CA SER B 18 -27.57 -13.98 -6.36
C SER B 18 -27.76 -12.57 -6.96
N ILE B 19 -27.40 -12.38 -8.23
CA ILE B 19 -27.56 -11.07 -8.87
C ILE B 19 -29.04 -10.69 -9.17
N ASN B 20 -29.97 -11.59 -8.87
CA ASN B 20 -31.40 -11.32 -9.00
C ASN B 20 -32.07 -11.04 -7.66
N ILE B 21 -31.29 -10.96 -6.60
CA ILE B 21 -31.84 -10.86 -5.27
C ILE B 21 -32.69 -9.59 -5.05
N SER B 22 -32.45 -8.56 -5.88
CA SER B 22 -33.21 -7.31 -5.79
C SER B 22 -34.73 -7.52 -5.99
N HIS B 23 -35.09 -8.37 -6.94
CA HIS B 23 -36.50 -8.77 -7.14
C HIS B 23 -37.05 -9.52 -5.92
N TYR B 24 -36.23 -10.33 -5.26
CA TYR B 24 -36.68 -11.01 -4.06
C TYR B 24 -36.94 -9.99 -2.93
N ILE B 25 -36.04 -9.02 -2.77
CA ILE B 25 -36.16 -8.05 -1.70
C ILE B 25 -37.40 -7.22 -1.94
N ILE B 26 -37.55 -6.72 -3.18
CA ILE B 26 -38.68 -5.87 -3.50
C ILE B 26 -39.99 -6.59 -3.19
N GLU B 27 -40.12 -7.85 -3.64
CA GLU B 27 -41.37 -8.58 -3.39
CA GLU B 27 -41.34 -8.64 -3.39
C GLU B 27 -41.54 -8.92 -1.91
N LEU B 28 -40.45 -9.20 -1.21
CA LEU B 28 -40.57 -9.53 0.18
C LEU B 28 -40.96 -8.27 1.01
N LYS B 29 -40.61 -7.08 0.52
CA LYS B 29 -40.99 -5.83 1.20
C LYS B 29 -42.51 -5.55 1.13
N SER B 30 -43.27 -6.36 0.38
CA SER B 30 -44.72 -6.24 0.35
C SER B 30 -45.32 -6.86 1.59
N LYS B 31 -44.57 -7.71 2.28
CA LYS B 31 -45.14 -8.48 3.37
C LYS B 31 -44.42 -8.38 4.72
N PHE B 32 -43.19 -7.91 4.71
CA PHE B 32 -42.37 -7.87 5.90
C PHE B 32 -41.97 -6.44 6.15
N ASP B 33 -41.85 -6.03 7.41
CA ASP B 33 -41.36 -4.68 7.72
CA ASP B 33 -41.36 -4.69 7.71
C ASP B 33 -39.95 -4.47 7.16
N GLU B 34 -38.98 -5.22 7.67
CA GLU B 34 -37.62 -5.12 7.18
C GLU B 34 -37.29 -6.35 6.38
N VAL B 35 -36.62 -6.11 5.26
CA VAL B 35 -35.96 -7.16 4.49
C VAL B 35 -34.45 -6.82 4.57
N ASN B 36 -33.74 -7.67 5.32
CA ASN B 36 -32.30 -7.58 5.50
C ASN B 36 -31.55 -8.66 4.75
N VAL B 37 -30.27 -8.44 4.60
CA VAL B 37 -29.46 -9.30 3.77
C VAL B 37 -28.04 -9.48 4.33
N ILE B 38 -27.55 -10.71 4.15
CA ILE B 38 -26.18 -11.11 4.43
C ILE B 38 -25.71 -12.07 3.33
N ALA B 39 -24.44 -11.93 2.93
CA ALA B 39 -23.80 -12.79 1.94
C ALA B 39 -22.81 -13.62 2.66
N SER B 40 -22.55 -14.80 2.09
CA SER B 40 -21.41 -15.59 2.45
C SER B 40 -20.13 -14.90 1.95
N THR B 41 -19.01 -15.33 2.53
CA THR B 41 -17.72 -14.80 2.19
C THR B 41 -17.47 -14.99 0.66
N ASN B 42 -17.68 -16.21 0.13
CA ASN B 42 -17.57 -16.44 -1.34
C ASN B 42 -18.70 -15.81 -2.15
N GLY B 43 -19.81 -15.57 -1.51
CA GLY B 43 -20.86 -14.86 -2.23
C GLY B 43 -20.62 -13.36 -2.42
N ARG B 44 -19.76 -12.76 -1.60
CA ARG B 44 -19.60 -11.32 -1.64
C ARG B 44 -19.24 -10.87 -3.04
N LYS B 45 -18.50 -11.68 -3.73
CA LYS B 45 -17.94 -11.32 -5.04
C LYS B 45 -19.00 -11.37 -6.13
N PHE B 46 -20.16 -11.97 -5.83
CA PHE B 46 -21.27 -12.05 -6.79
C PHE B 46 -22.21 -10.87 -6.73
N ILE B 47 -22.16 -10.08 -5.66
CA ILE B 47 -23.14 -9.03 -5.46
C ILE B 47 -22.42 -7.69 -5.35
N ASN B 48 -23.20 -6.63 -5.23
CA ASN B 48 -22.68 -5.27 -5.12
C ASN B 48 -23.45 -4.72 -3.90
N GLY B 49 -22.74 -4.58 -2.80
CA GLY B 49 -23.31 -4.20 -1.48
C GLY B 49 -24.13 -2.91 -1.48
N GLU B 50 -23.65 -1.89 -2.18
CA GLU B 50 -24.30 -0.57 -2.19
C GLU B 50 -25.61 -0.65 -3.01
N ILE B 51 -25.59 -1.53 -4.00
CA ILE B 51 -26.79 -1.78 -4.79
C ILE B 51 -27.84 -2.44 -3.94
N LEU B 52 -27.44 -3.35 -3.07
CA LEU B 52 -28.34 -4.08 -2.20
C LEU B 52 -28.99 -3.17 -1.17
N LYS B 53 -28.22 -2.21 -0.69
CA LYS B 53 -28.71 -1.23 0.24
C LYS B 53 -29.69 -0.22 -0.38
N GLN B 54 -29.72 -0.10 -1.70
CA GLN B 54 -30.82 0.59 -2.37
C GLN B 54 -32.20 -0.06 -2.15
N PHE B 55 -32.25 -1.30 -1.70
CA PHE B 55 -33.49 -2.08 -1.63
C PHE B 55 -33.72 -2.71 -0.25
N CYS B 56 -32.66 -3.25 0.37
CA CYS B 56 -32.84 -3.90 1.65
C CYS B 56 -32.69 -2.86 2.76
N ASP B 57 -33.09 -3.21 3.96
CA ASP B 57 -33.04 -2.26 5.02
C ASP B 57 -31.65 -2.25 5.68
N ASN B 58 -31.10 -3.43 5.93
CA ASN B 58 -29.73 -3.57 6.43
C ASN B 58 -29.02 -4.62 5.66
N TYR B 59 -27.79 -4.32 5.26
CA TYR B 59 -26.92 -5.29 4.61
C TYR B 59 -25.86 -5.62 5.61
N TYR B 60 -25.86 -6.84 6.13
CA TYR B 60 -24.85 -7.20 7.12
C TYR B 60 -23.55 -7.67 6.48
N ASP B 61 -22.51 -6.93 6.80
CA ASP B 61 -21.16 -7.13 6.24
C ASP B 61 -20.09 -7.38 7.35
N GLU B 62 -19.82 -8.64 7.62
CA GLU B 62 -18.72 -9.12 8.47
C GLU B 62 -17.34 -8.49 8.16
N PHE B 63 -17.04 -8.25 6.89
CA PHE B 63 -15.73 -7.70 6.53
CA PHE B 63 -15.74 -7.70 6.53
C PHE B 63 -15.64 -6.26 7.02
N GLU B 64 -16.68 -5.44 6.78
CA GLU B 64 -16.75 -4.08 7.34
C GLU B 64 -16.97 -4.07 8.86
N ASP B 65 -17.78 -4.96 9.41
CA ASP B 65 -18.08 -4.94 10.85
CA ASP B 65 -18.10 -4.94 10.86
C ASP B 65 -17.91 -6.34 11.45
N PRO B 66 -16.67 -6.76 11.74
CA PRO B 66 -16.36 -8.12 12.20
C PRO B 66 -17.04 -8.60 13.49
N PHE B 67 -17.49 -7.67 14.31
CA PHE B 67 -18.11 -8.03 15.63
C PHE B 67 -19.66 -8.10 15.64
N LEU B 68 -20.23 -8.07 14.46
CA LEU B 68 -21.68 -8.29 14.35
C LEU B 68 -22.10 -9.59 15.03
N ASN B 69 -23.17 -9.50 15.79
CA ASN B 69 -23.55 -10.64 16.63
C ASN B 69 -24.65 -11.50 16.04
N HIS B 70 -24.36 -12.79 15.81
CA HIS B 70 -25.30 -13.80 15.25
C HIS B 70 -26.60 -13.95 16.05
N VAL B 71 -26.49 -13.95 17.37
CA VAL B 71 -27.68 -14.21 18.19
C VAL B 71 -28.59 -13.00 18.06
N ASP B 72 -28.00 -11.79 17.98
CA ASP B 72 -28.79 -10.55 17.95
C ASP B 72 -29.45 -10.41 16.61
N ILE B 73 -28.71 -10.73 15.55
CA ILE B 73 -29.29 -10.76 14.21
C ILE B 73 -30.35 -11.83 14.02
N ALA B 74 -30.12 -13.02 14.55
CA ALA B 74 -31.08 -14.12 14.45
C ALA B 74 -32.37 -13.75 15.18
N ASN B 75 -32.24 -13.21 16.38
CA ASN B 75 -33.38 -12.88 17.24
C ASN B 75 -34.29 -11.80 16.64
N LYS B 76 -33.67 -10.86 15.96
CA LYS B 76 -34.32 -9.78 15.25
C LYS B 76 -35.26 -10.25 14.14
N HIS B 77 -35.09 -11.48 13.63
CA HIS B 77 -35.81 -11.89 12.43
C HIS B 77 -36.74 -13.04 12.68
N ASP B 78 -37.90 -12.98 12.07
CA ASP B 78 -38.92 -14.03 12.20
C ASP B 78 -38.70 -15.20 11.22
N LYS B 79 -38.21 -14.88 10.02
CA LYS B 79 -37.90 -15.85 9.00
C LYS B 79 -36.50 -15.55 8.51
N ILE B 80 -35.70 -16.58 8.30
CA ILE B 80 -34.37 -16.44 7.69
C ILE B 80 -34.42 -17.37 6.51
N ILE B 81 -34.05 -16.88 5.34
CA ILE B 81 -34.07 -17.72 4.19
C ILE B 81 -32.66 -17.74 3.58
N ILE B 82 -32.27 -18.89 3.01
CA ILE B 82 -31.05 -18.99 2.22
C ILE B 82 -31.43 -19.11 0.80
N LEU B 83 -30.95 -18.17 -0.01
CA LEU B 83 -31.39 -18.10 -1.35
C LEU B 83 -30.52 -17.11 -2.08
N PRO B 84 -29.85 -17.55 -3.14
CA PRO B 84 -29.73 -18.99 -3.52
C PRO B 84 -28.87 -19.78 -2.53
N ALA B 85 -29.23 -21.05 -2.27
CA ALA B 85 -28.44 -21.84 -1.31
C ALA B 85 -27.51 -22.79 -2.02
N THR B 86 -26.21 -22.59 -1.87
CA THR B 86 -25.19 -23.51 -2.37
C THR B 86 -25.17 -24.86 -1.69
N SER B 87 -24.65 -25.85 -2.40
CA SER B 87 -24.33 -27.16 -1.83
C SER B 87 -23.42 -27.01 -0.62
N ASN B 88 -22.39 -26.19 -0.77
CA ASN B 88 -21.49 -25.96 0.33
C ASN B 88 -22.18 -25.49 1.59
N THR B 89 -23.02 -24.49 1.48
CA THR B 89 -23.68 -23.93 2.67
C THR B 89 -24.60 -24.92 3.30
N ILE B 90 -25.31 -25.67 2.44
CA ILE B 90 -26.25 -26.70 2.92
C ILE B 90 -25.52 -27.76 3.73
N ASN B 91 -24.41 -28.19 3.14
CA ASN B 91 -23.59 -29.25 3.71
C ASN B 91 -22.86 -28.79 4.94
N LYS B 92 -22.43 -27.53 4.96
CA LYS B 92 -21.90 -26.94 6.20
C LYS B 92 -22.97 -26.85 7.29
N ILE B 93 -24.15 -26.33 6.99
CA ILE B 93 -25.21 -26.21 8.01
C ILE B 93 -25.62 -27.56 8.59
N ALA B 94 -25.72 -28.60 7.75
CA ALA B 94 -26.09 -29.98 8.21
C ALA B 94 -25.14 -30.55 9.23
N ASN B 95 -23.90 -30.14 9.10
CA ASN B 95 -22.77 -30.55 9.93
C ASN B 95 -22.42 -29.66 11.13
N GLY B 96 -23.10 -28.52 11.27
CA GLY B 96 -22.85 -27.56 12.35
C GLY B 96 -21.66 -26.62 12.08
N ILE B 97 -21.19 -26.55 10.83
CA ILE B 97 -20.04 -25.78 10.53
C ILE B 97 -20.51 -24.34 10.35
N CYS B 98 -19.87 -23.41 11.04
CA CYS B 98 -20.24 -22.04 10.99
C CYS B 98 -19.03 -21.18 11.18
N ASP B 99 -18.23 -21.06 10.10
CA ASP B 99 -16.98 -20.36 10.15
C ASP B 99 -17.06 -19.00 9.39
N ASN B 100 -18.28 -18.60 9.02
CA ASN B 100 -18.58 -17.23 8.70
C ASN B 100 -19.87 -16.83 9.44
N LEU B 101 -20.19 -15.52 9.39
CA LEU B 101 -21.37 -14.96 10.06
C LEU B 101 -22.74 -15.51 9.60
N LEU B 102 -22.94 -15.54 8.27
CA LEU B 102 -24.11 -16.19 7.71
C LEU B 102 -24.39 -17.58 8.30
N LEU B 103 -23.36 -18.45 8.27
CA LEU B 103 -23.52 -19.83 8.75
C LEU B 103 -23.85 -19.85 10.20
N THR B 104 -23.25 -18.91 10.92
CA THR B 104 -23.41 -18.86 12.37
C THR B 104 -24.80 -18.43 12.74
N ILE B 105 -25.33 -17.47 11.99
CA ILE B 105 -26.75 -17.09 12.17
C ILE B 105 -27.67 -18.29 11.96
N CYS B 106 -27.47 -19.01 10.86
CA CYS B 106 -28.43 -20.08 10.50
C CYS B 106 -28.36 -21.18 11.55
N HIS B 107 -27.15 -21.41 12.05
CA HIS B 107 -26.88 -22.46 13.03
C HIS B 107 -27.69 -22.25 14.30
N THR B 108 -27.94 -20.99 14.62
CA THR B 108 -28.65 -20.57 15.81
C THR B 108 -30.20 -20.55 15.63
N ALA B 109 -30.69 -20.71 14.39
CA ALA B 109 -32.11 -20.55 14.12
C ALA B 109 -32.69 -21.53 13.10
N PHE B 110 -32.42 -22.82 13.31
CA PHE B 110 -33.01 -23.90 12.52
C PHE B 110 -34.52 -23.79 12.40
N GLU B 111 -35.17 -23.48 13.50
CA GLU B 111 -36.63 -23.37 13.49
C GLU B 111 -37.19 -22.24 12.63
N LYS B 112 -36.37 -21.28 12.22
CA LYS B 112 -36.84 -20.15 11.38
C LYS B 112 -36.31 -20.25 9.98
N LEU B 113 -35.60 -21.34 9.67
CA LEU B 113 -34.83 -21.41 8.46
C LEU B 113 -35.56 -22.07 7.27
N SER B 114 -35.42 -21.49 6.08
CA SER B 114 -35.96 -22.05 4.87
C SER B 114 -34.86 -22.01 3.80
N ILE B 115 -34.62 -23.14 3.15
CA ILE B 115 -33.52 -23.23 2.21
C ILE B 115 -34.03 -23.35 0.79
N PHE B 116 -33.46 -22.61 -0.13
CA PHE B 116 -33.84 -22.73 -1.53
C PHE B 116 -32.65 -23.15 -2.33
N PRO B 117 -32.51 -24.47 -2.57
CA PRO B 117 -31.32 -25.01 -3.19
C PRO B 117 -31.07 -24.52 -4.60
N ASN B 118 -29.82 -24.30 -4.94
CA ASN B 118 -29.45 -23.76 -6.22
C ASN B 118 -28.09 -24.31 -6.59
N MET B 119 -28.06 -25.33 -7.46
CA MET B 119 -26.79 -25.99 -7.81
C MET B 119 -26.96 -26.90 -9.04
N ASN B 120 -25.83 -27.28 -9.60
CA ASN B 120 -25.78 -28.31 -10.63
C ASN B 120 -26.40 -29.63 -10.13
N LEU B 121 -27.19 -30.25 -11.01
CA LEU B 121 -27.64 -31.65 -10.89
C LEU B 121 -26.60 -32.55 -10.16
N ARG B 122 -25.34 -32.53 -10.58
CA ARG B 122 -24.37 -33.43 -9.95
C ARG B 122 -24.10 -33.17 -8.47
N MET B 123 -24.23 -31.91 -8.02
CA MET B 123 -24.06 -31.57 -6.63
C MET B 123 -25.28 -31.93 -5.87
N TRP B 124 -26.43 -31.57 -6.43
CA TRP B 124 -27.72 -31.98 -5.93
C TRP B 124 -27.88 -33.48 -5.83
N GLU B 125 -27.46 -34.22 -6.85
CA GLU B 125 -27.47 -35.69 -6.81
C GLU B 125 -26.32 -36.34 -5.99
N ASN B 126 -25.31 -35.55 -5.58
CA ASN B 126 -24.28 -36.07 -4.72
C ASN B 126 -24.94 -36.75 -3.49
N PRO B 127 -24.53 -37.99 -3.13
CA PRO B 127 -25.20 -38.67 -2.00
C PRO B 127 -25.06 -37.96 -0.68
N VAL B 128 -23.94 -37.26 -0.44
CA VAL B 128 -23.76 -36.51 0.80
C VAL B 128 -24.77 -35.36 0.91
N THR B 129 -24.90 -34.61 -0.17
CA THR B 129 -25.81 -33.56 -0.25
C THR B 129 -27.25 -34.03 0.04
N GLN B 130 -27.63 -35.20 -0.53
CA GLN B 130 -28.95 -35.71 -0.28
CA GLN B 130 -28.93 -35.82 -0.32
C GLN B 130 -29.13 -36.23 1.15
N ASN B 131 -28.14 -36.91 1.72
CA ASN B 131 -28.21 -37.28 3.17
C ASN B 131 -28.33 -36.01 4.03
N ASN B 132 -27.55 -34.99 3.71
CA ASN B 132 -27.60 -33.71 4.44
C ASN B 132 -28.95 -32.99 4.35
N ILE B 133 -29.58 -32.95 3.18
CA ILE B 133 -30.91 -32.40 3.04
C ILE B 133 -31.93 -33.15 3.94
N ARG B 134 -31.76 -34.45 4.00
CA ARG B 134 -32.64 -35.30 4.78
C ARG B 134 -32.45 -35.03 6.22
N LEU B 135 -31.21 -35.10 6.68
CA LEU B 135 -30.87 -34.66 8.04
C LEU B 135 -31.47 -33.29 8.39
N LEU B 136 -31.30 -32.28 7.54
CA LEU B 136 -31.82 -30.95 7.92
C LEU B 136 -33.37 -30.97 8.10
N LYS B 137 -34.07 -31.75 7.29
CA LYS B 137 -35.51 -31.81 7.39
C LYS B 137 -35.90 -32.44 8.70
N ASP B 138 -35.18 -33.48 9.12
CA ASP B 138 -35.47 -34.10 10.40
C ASP B 138 -35.17 -33.13 11.50
N TYR B 139 -34.34 -32.13 11.26
CA TYR B 139 -34.04 -31.19 12.32
C TYR B 139 -34.84 -29.91 12.23
N GLY B 140 -35.91 -29.92 11.45
CA GLY B 140 -36.84 -28.80 11.45
C GLY B 140 -36.61 -27.80 10.33
N VAL B 141 -35.50 -27.88 9.62
CA VAL B 141 -35.27 -26.93 8.54
C VAL B 141 -36.22 -27.22 7.40
N SER B 142 -36.71 -26.14 6.77
CA SER B 142 -37.65 -26.21 5.64
C SER B 142 -36.87 -26.11 4.36
N ILE B 143 -37.03 -27.08 3.48
CA ILE B 143 -36.26 -27.09 2.23
C ILE B 143 -37.23 -27.07 1.06
N TYR B 144 -37.10 -26.07 0.22
CA TYR B 144 -37.93 -25.99 -0.96
C TYR B 144 -37.74 -27.25 -1.80
N PRO B 145 -38.84 -27.88 -2.22
CA PRO B 145 -38.71 -29.11 -2.97
C PRO B 145 -38.50 -28.78 -4.44
N ALA B 146 -37.32 -28.24 -4.70
CA ALA B 146 -36.84 -27.78 -6.02
C ALA B 146 -36.86 -28.89 -7.08
N ASN B 147 -37.15 -28.55 -8.34
CA ASN B 147 -37.09 -29.52 -9.43
C ASN B 147 -35.91 -29.27 -10.35
N ILE B 148 -35.34 -30.34 -10.87
CA ILE B 148 -34.32 -30.25 -11.88
C ILE B 148 -34.91 -29.64 -13.15
N SER B 149 -34.23 -28.64 -13.68
CA SER B 149 -34.60 -27.96 -14.93
C SER B 149 -33.33 -27.86 -15.81
N GLU B 150 -33.48 -27.91 -17.12
CA GLU B 150 -32.35 -27.78 -18.03
C GLU B 150 -32.44 -26.37 -18.63
N SER B 151 -31.32 -25.66 -18.67
CA SER B 151 -31.22 -24.31 -19.25
CA SER B 151 -31.24 -24.34 -19.28
C SER B 151 -29.96 -24.24 -20.10
N TYR B 152 -30.02 -23.46 -21.17
CA TYR B 152 -28.81 -23.10 -21.90
C TYR B 152 -28.06 -22.02 -21.06
N GLU B 153 -26.78 -22.25 -20.82
CA GLU B 153 -25.92 -21.35 -20.04
C GLU B 153 -24.94 -20.59 -20.98
N LEU B 154 -25.10 -19.28 -21.09
CA LEU B 154 -24.23 -18.47 -21.95
C LEU B 154 -22.72 -18.52 -21.58
N ALA B 155 -22.46 -18.60 -20.29
CA ALA B 155 -21.10 -18.61 -19.76
C ALA B 155 -20.28 -19.75 -20.35
N SER B 156 -20.92 -20.92 -20.54
CA SER B 156 -20.26 -22.11 -21.07
C SER B 156 -20.66 -22.52 -22.49
N LYS B 157 -21.65 -21.85 -23.08
CA LYS B 157 -22.19 -22.22 -24.38
C LYS B 157 -22.60 -23.71 -24.40
N THR B 158 -23.23 -24.15 -23.30
CA THR B 158 -23.75 -25.49 -23.16
C THR B 158 -25.01 -25.50 -22.27
N PHE B 159 -25.76 -26.60 -22.36
CA PHE B 159 -27.01 -26.80 -21.67
C PHE B 159 -26.58 -27.42 -20.38
N LYS B 160 -27.14 -26.89 -19.29
CA LYS B 160 -26.82 -27.31 -17.96
C LYS B 160 -28.09 -27.74 -17.25
N LYS B 161 -27.96 -28.69 -16.33
CA LYS B 161 -29.07 -29.11 -15.51
C LYS B 161 -28.84 -28.69 -14.09
N ASN B 162 -29.85 -28.02 -13.54
CA ASN B 162 -29.78 -27.41 -12.25
C ASN B 162 -31.05 -27.58 -11.43
N VAL B 163 -30.93 -27.50 -10.11
CA VAL B 163 -32.05 -27.07 -9.28
C VAL B 163 -31.81 -25.60 -9.07
N VAL B 164 -32.86 -24.79 -9.17
CA VAL B 164 -32.77 -23.33 -8.99
C VAL B 164 -33.76 -22.75 -7.98
N ALA B 165 -33.40 -21.61 -7.42
CA ALA B 165 -34.26 -20.79 -6.57
C ALA B 165 -35.56 -20.53 -7.30
N PRO B 166 -36.66 -20.66 -6.61
CA PRO B 166 -37.90 -20.38 -7.34
C PRO B 166 -38.16 -18.89 -7.43
N GLU B 167 -39.18 -18.51 -8.22
CA GLU B 167 -39.57 -17.11 -8.33
C GLU B 167 -40.01 -16.54 -6.97
N PRO B 168 -39.82 -15.22 -6.78
CA PRO B 168 -40.18 -14.51 -5.54
C PRO B 168 -41.54 -14.86 -4.95
N TYR B 169 -42.60 -14.88 -5.79
CA TYR B 169 -43.95 -15.22 -5.33
C TYR B 169 -43.99 -16.60 -4.68
N LYS B 170 -43.23 -17.55 -5.25
CA LYS B 170 -43.06 -18.88 -4.68
C LYS B 170 -42.35 -18.85 -3.31
N VAL B 171 -41.35 -17.99 -3.16
CA VAL B 171 -40.69 -17.82 -1.86
C VAL B 171 -41.67 -17.30 -0.80
N LEU B 172 -42.43 -16.26 -1.16
CA LEU B 172 -43.44 -15.72 -0.24
C LEU B 172 -44.42 -16.77 0.25
N GLU B 173 -44.87 -17.62 -0.67
CA GLU B 173 -45.81 -18.74 -0.43
C GLU B 173 -45.26 -19.78 0.55
N PHE B 174 -43.97 -20.07 0.41
CA PHE B 174 -43.31 -21.17 1.12
C PHE B 174 -42.90 -20.83 2.55
N ILE B 175 -42.54 -19.58 2.83
CA ILE B 175 -41.93 -19.25 4.14
C ILE B 175 -42.93 -18.77 5.17
N GLU C 6 5.99 -31.44 31.07
CA GLU C 6 4.50 -31.24 31.20
C GLU C 6 4.05 -29.90 30.62
N ASN C 7 3.74 -29.88 29.34
CA ASN C 7 3.25 -28.66 28.70
C ASN C 7 1.77 -28.78 28.36
N VAL C 8 1.10 -27.64 28.43
CA VAL C 8 -0.32 -27.55 28.09
C VAL C 8 -0.47 -26.49 27.06
N LEU C 9 -1.29 -26.80 26.04
CA LEU C 9 -1.66 -25.86 24.97
C LEU C 9 -3.10 -25.44 25.13
N ILE C 10 -3.30 -24.17 25.38
CA ILE C 10 -4.64 -23.59 25.30
C ILE C 10 -4.98 -23.17 23.88
N CYS C 11 -6.06 -23.72 23.32
CA CYS C 11 -6.59 -23.28 22.02
C CYS C 11 -7.78 -22.31 22.19
N LEU C 12 -7.66 -21.15 21.53
CA LEU C 12 -8.66 -20.06 21.68
C LEU C 12 -9.51 -19.88 20.47
N CYS C 13 -10.80 -19.77 20.73
CA CYS C 13 -11.79 -19.65 19.69
C CYS C 13 -12.50 -18.28 19.64
N GLY C 14 -13.33 -18.09 18.62
CA GLY C 14 -13.94 -16.78 18.35
C GLY C 14 -15.05 -16.48 19.32
N SER C 15 -14.68 -16.24 20.58
CA SER C 15 -15.60 -15.89 21.66
C SER C 15 -15.08 -14.72 22.52
N VAL C 16 -16.01 -13.89 23.03
CA VAL C 16 -15.68 -12.76 23.94
C VAL C 16 -15.02 -13.28 25.25
N ASN C 17 -15.30 -14.52 25.67
CA ASN C 17 -14.56 -15.05 26.84
C ASN C 17 -13.10 -15.38 26.56
N SER C 18 -12.65 -15.28 25.32
CA SER C 18 -11.23 -15.40 25.02
C SER C 18 -10.46 -14.18 25.60
N ILE C 19 -11.15 -13.13 26.06
CA ILE C 19 -10.46 -12.00 26.68
C ILE C 19 -10.02 -12.26 28.11
N ASN C 20 -10.59 -13.28 28.73
CA ASN C 20 -10.22 -13.68 30.09
C ASN C 20 -9.04 -14.69 30.14
N ILE C 21 -8.37 -14.93 29.02
CA ILE C 21 -7.45 -16.07 28.93
C ILE C 21 -6.19 -15.89 29.79
N SER C 22 -5.73 -14.66 30.00
CA SER C 22 -4.58 -14.41 30.87
C SER C 22 -4.76 -15.09 32.20
N HIS C 23 -5.99 -15.07 32.70
CA HIS C 23 -6.31 -15.61 34.02
C HIS C 23 -6.14 -17.12 34.05
N TYR C 24 -6.46 -17.77 32.94
CA TYR C 24 -6.24 -19.20 32.78
C TYR C 24 -4.76 -19.50 32.58
N ILE C 25 -4.06 -18.67 31.81
CA ILE C 25 -2.62 -18.86 31.60
C ILE C 25 -1.95 -18.86 32.98
N ILE C 26 -2.13 -17.77 33.73
CA ILE C 26 -1.61 -17.63 35.11
C ILE C 26 -1.91 -18.87 35.96
N GLU C 27 -3.16 -19.29 36.04
CA GLU C 27 -3.47 -20.41 36.89
C GLU C 27 -2.73 -21.68 36.42
N LEU C 28 -2.64 -21.87 35.10
CA LEU C 28 -2.06 -23.09 34.54
C LEU C 28 -0.52 -23.13 34.72
N LYS C 29 0.15 -21.97 34.73
CA LYS C 29 1.60 -21.89 34.88
C LYS C 29 2.01 -22.37 36.26
N SER C 30 1.03 -22.51 37.16
CA SER C 30 1.29 -23.10 38.47
C SER C 30 1.51 -24.61 38.40
N LYS C 31 0.68 -25.29 37.64
CA LYS C 31 0.72 -26.77 37.51
C LYS C 31 1.58 -27.29 36.32
N PHE C 32 1.90 -26.41 35.37
CA PHE C 32 2.58 -26.84 34.14
C PHE C 32 3.81 -26.02 33.92
N ASP C 33 4.78 -26.60 33.22
CA ASP C 33 6.03 -25.92 32.94
C ASP C 33 5.82 -24.86 31.85
N GLU C 34 5.50 -25.26 30.63
CA GLU C 34 5.10 -24.31 29.60
C GLU C 34 3.58 -24.31 29.48
N VAL C 35 2.98 -23.12 29.49
CA VAL C 35 1.60 -22.91 29.05
C VAL C 35 1.65 -22.14 27.74
N ASN C 36 1.26 -22.77 26.64
CA ASN C 36 1.32 -22.15 25.28
C ASN C 36 -0.09 -21.88 24.74
N VAL C 37 -0.22 -21.03 23.69
CA VAL C 37 -1.57 -20.56 23.24
C VAL C 37 -1.61 -20.54 21.74
N ILE C 38 -2.73 -20.99 21.19
CA ILE C 38 -3.07 -20.76 19.79
C ILE C 38 -4.52 -20.23 19.65
N ALA C 39 -4.75 -19.42 18.64
CA ALA C 39 -6.12 -18.97 18.31
C ALA C 39 -6.55 -19.47 16.92
N SER C 40 -7.88 -19.60 16.73
CA SER C 40 -8.44 -20.00 15.46
C SER C 40 -8.30 -18.77 14.65
N THR C 41 -8.39 -18.87 13.34
CA THR C 41 -8.39 -17.65 12.50
C THR C 41 -9.38 -16.62 13.08
N ASN C 42 -10.58 -17.03 13.51
CA ASN C 42 -11.64 -16.09 13.84
C ASN C 42 -11.49 -15.68 15.31
N GLY C 43 -10.60 -16.36 16.05
CA GLY C 43 -10.29 -16.02 17.44
C GLY C 43 -9.33 -14.87 17.48
N ARG C 44 -8.56 -14.65 16.39
CA ARG C 44 -7.47 -13.67 16.39
C ARG C 44 -7.95 -12.25 16.69
N LYS C 45 -9.08 -11.85 16.07
CA LYS C 45 -9.64 -10.52 16.26
C LYS C 45 -10.17 -10.26 17.70
N PHE C 46 -10.46 -11.29 18.45
CA PHE C 46 -10.81 -11.10 19.87
C PHE C 46 -9.60 -10.94 20.81
N ILE C 47 -8.37 -11.11 20.30
CA ILE C 47 -7.25 -11.37 21.23
C ILE C 47 -6.13 -10.39 20.94
N ASN C 48 -5.27 -10.13 21.91
CA ASN C 48 -4.04 -9.37 21.67
C ASN C 48 -2.80 -10.28 21.87
N GLY C 49 -2.09 -10.53 20.80
CA GLY C 49 -1.06 -11.53 20.79
C GLY C 49 0.15 -11.08 21.57
N GLU C 50 0.38 -9.75 21.64
CA GLU C 50 1.47 -9.27 22.49
C GLU C 50 1.08 -9.36 23.95
N ILE C 51 -0.14 -9.06 24.26
CA ILE C 51 -0.62 -9.22 25.64
C ILE C 51 -0.50 -10.69 26.04
N LEU C 52 -1.03 -11.62 25.24
CA LEU C 52 -0.88 -13.07 25.54
C LEU C 52 0.57 -13.43 25.85
N LYS C 53 1.53 -12.94 25.02
CA LYS C 53 2.96 -13.22 25.25
C LYS C 53 3.55 -12.65 26.59
N GLN C 54 2.82 -11.76 27.27
CA GLN C 54 3.16 -11.33 28.68
C GLN C 54 2.89 -12.42 29.70
N PHE C 55 2.17 -13.45 29.29
CA PHE C 55 1.79 -14.52 30.22
C PHE C 55 2.14 -15.93 29.77
N CYS C 56 2.01 -16.22 28.48
CA CYS C 56 2.20 -17.56 27.94
C CYS C 56 3.65 -17.68 27.51
N ASP C 57 4.12 -18.90 27.33
CA ASP C 57 5.48 -19.09 26.92
C ASP C 57 5.61 -18.93 25.43
N ASN C 58 4.70 -19.53 24.67
CA ASN C 58 4.75 -19.49 23.24
C ASN C 58 3.37 -19.13 22.78
N TYR C 59 3.29 -18.29 21.75
CA TYR C 59 2.01 -18.03 21.08
C TYR C 59 2.24 -18.46 19.63
N TYR C 60 1.55 -19.51 19.17
CA TYR C 60 1.62 -20.01 17.78
C TYR C 60 0.78 -19.17 16.81
N ASP C 61 1.44 -18.57 15.87
CA ASP C 61 0.77 -17.65 14.98
C ASP C 61 1.05 -18.05 13.56
N GLU C 62 0.11 -18.83 13.04
CA GLU C 62 0.08 -19.30 11.67
C GLU C 62 0.19 -18.17 10.64
N PHE C 63 -0.33 -17.00 10.94
CA PHE C 63 -0.25 -15.88 10.00
C PHE C 63 1.22 -15.40 9.94
N GLU C 64 1.89 -15.34 11.08
CA GLU C 64 3.31 -14.92 11.11
CA GLU C 64 3.29 -14.93 11.11
C GLU C 64 4.17 -16.08 10.68
N ASP C 65 3.81 -17.30 11.09
CA ASP C 65 4.68 -18.47 10.78
C ASP C 65 3.83 -19.57 10.14
N PRO C 66 3.58 -19.46 8.81
CA PRO C 66 2.61 -20.39 8.23
C PRO C 66 3.05 -21.84 8.26
N PHE C 67 4.35 -22.12 8.44
CA PHE C 67 4.79 -23.48 8.40
C PHE C 67 4.96 -24.14 9.71
N LEU C 68 4.31 -23.63 10.75
CA LEU C 68 4.31 -24.32 12.01
C LEU C 68 3.72 -25.72 11.79
N ASN C 69 4.41 -26.71 12.35
CA ASN C 69 4.02 -28.10 12.23
C ASN C 69 3.07 -28.53 13.36
N HIS C 70 1.86 -28.94 12.97
CA HIS C 70 0.85 -29.50 13.86
C HIS C 70 1.30 -30.73 14.65
N VAL C 71 2.04 -31.64 14.00
CA VAL C 71 2.48 -32.86 14.73
C VAL C 71 3.49 -32.53 15.83
N ASP C 72 4.48 -31.73 15.49
CA ASP C 72 5.45 -31.25 16.48
C ASP C 72 4.79 -30.46 17.62
N ILE C 73 3.83 -29.58 17.31
CA ILE C 73 3.16 -28.86 18.39
C ILE C 73 2.38 -29.82 19.24
N ALA C 74 1.59 -30.71 18.64
CA ALA C 74 0.87 -31.72 19.45
C ALA C 74 1.82 -32.57 20.33
N ASN C 75 2.92 -33.04 19.74
CA ASN C 75 3.84 -33.93 20.48
C ASN C 75 4.46 -33.26 21.69
N LYS C 76 4.69 -31.95 21.58
CA LYS C 76 5.26 -31.13 22.64
C LYS C 76 4.37 -31.02 23.88
N HIS C 77 3.06 -31.23 23.72
CA HIS C 77 2.11 -30.99 24.80
C HIS C 77 1.47 -32.23 25.35
N ASP C 78 1.44 -32.32 26.66
CA ASP C 78 0.78 -33.42 27.32
C ASP C 78 -0.74 -33.20 27.39
N LYS C 79 -1.15 -31.95 27.43
CA LYS C 79 -2.57 -31.62 27.36
C LYS C 79 -2.79 -30.53 26.37
N ILE C 80 -3.90 -30.64 25.67
CA ILE C 80 -4.41 -29.63 24.80
C ILE C 80 -5.85 -29.38 25.21
N ILE C 81 -6.22 -28.12 25.47
CA ILE C 81 -7.60 -27.79 25.79
C ILE C 81 -8.12 -26.75 24.83
N ILE C 82 -9.41 -26.78 24.51
CA ILE C 82 -10.05 -25.72 23.74
C ILE C 82 -10.86 -24.90 24.72
N LEU C 83 -10.51 -23.62 24.81
CA LEU C 83 -11.13 -22.76 25.81
C LEU C 83 -10.86 -21.30 25.53
N PRO C 84 -11.91 -20.55 25.22
CA PRO C 84 -13.31 -21.01 25.03
C PRO C 84 -13.53 -21.83 23.76
N ALA C 85 -14.27 -22.93 23.86
CA ALA C 85 -14.69 -23.65 22.60
C ALA C 85 -16.02 -23.28 21.94
N THR C 86 -15.93 -22.82 20.67
CA THR C 86 -17.08 -22.44 19.91
C THR C 86 -17.83 -23.71 19.46
N SER C 87 -19.12 -23.57 19.15
CA SER C 87 -19.86 -24.55 18.35
C SER C 87 -19.10 -24.89 17.06
N ASN C 88 -18.83 -23.90 16.27
CA ASN C 88 -18.07 -24.14 15.01
C ASN C 88 -16.85 -25.08 15.10
N THR C 89 -15.97 -24.80 16.04
CA THR C 89 -14.76 -25.58 16.27
C THR C 89 -15.14 -26.92 16.79
N ILE C 90 -16.09 -26.99 17.73
CA ILE C 90 -16.52 -28.30 18.20
C ILE C 90 -16.99 -29.16 16.98
N ASN C 91 -17.69 -28.54 16.01
CA ASN C 91 -18.42 -29.29 14.98
C ASN C 91 -17.47 -29.61 13.86
N LYS C 92 -16.49 -28.73 13.64
CA LYS C 92 -15.36 -29.06 12.73
C LYS C 92 -14.49 -30.24 13.24
N ILE C 93 -14.15 -30.21 14.51
CA ILE C 93 -13.32 -31.24 15.04
C ILE C 93 -13.99 -32.64 14.92
N ALA C 94 -15.30 -32.65 15.16
CA ALA C 94 -16.09 -33.87 15.13
C ALA C 94 -16.22 -34.49 13.73
N ASN C 95 -16.06 -33.67 12.71
CA ASN C 95 -16.13 -34.14 11.34
C ASN C 95 -14.80 -34.26 10.71
N GLY C 96 -13.76 -34.12 11.55
CA GLY C 96 -12.38 -34.00 11.19
C GLY C 96 -11.97 -32.88 10.22
N ILE C 97 -12.69 -31.76 10.19
CA ILE C 97 -12.37 -30.62 9.37
C ILE C 97 -11.17 -29.89 10.00
N CYS C 98 -10.16 -29.58 9.23
CA CYS C 98 -9.05 -28.87 9.89
C CYS C 98 -8.33 -28.00 8.92
N ASP C 99 -8.96 -26.86 8.62
CA ASP C 99 -8.49 -25.90 7.69
C ASP C 99 -7.76 -24.70 8.35
N ASN C 100 -7.48 -24.81 9.64
CA ASN C 100 -6.56 -23.87 10.35
C ASN C 100 -5.61 -24.67 11.24
N LEU C 101 -4.51 -24.06 11.67
CA LEU C 101 -3.50 -24.80 12.51
C LEU C 101 -4.11 -25.36 13.79
N LEU C 102 -4.92 -24.57 14.48
CA LEU C 102 -5.54 -25.02 15.73
C LEU C 102 -6.29 -26.35 15.53
N LEU C 103 -7.01 -26.49 14.42
CA LEU C 103 -7.93 -27.62 14.25
C LEU C 103 -7.12 -28.82 13.86
N THR C 104 -5.97 -28.60 13.22
CA THR C 104 -5.10 -29.66 12.77
C THR C 104 -4.31 -30.18 13.90
N ILE C 105 -3.89 -29.32 14.80
CA ILE C 105 -3.30 -29.80 16.06
C ILE C 105 -4.28 -30.68 16.85
N CYS C 106 -5.47 -30.17 17.13
CA CYS C 106 -6.48 -31.01 17.77
C CYS C 106 -6.85 -32.27 16.94
N HIS C 107 -6.80 -32.24 15.59
CA HIS C 107 -7.13 -33.47 14.85
C HIS C 107 -6.13 -34.62 15.12
N THR C 108 -4.88 -34.23 15.34
CA THR C 108 -3.80 -35.15 15.61
C THR C 108 -3.79 -35.67 17.04
N ALA C 109 -4.66 -35.14 17.92
CA ALA C 109 -4.47 -35.42 19.38
C ALA C 109 -5.70 -35.59 20.22
N PHE C 110 -6.65 -36.34 19.73
CA PHE C 110 -7.91 -36.60 20.47
C PHE C 110 -7.67 -37.09 21.90
N GLU C 111 -6.68 -37.97 22.09
CA GLU C 111 -6.40 -38.60 23.39
C GLU C 111 -5.88 -37.63 24.47
N LYS C 112 -5.41 -36.46 24.04
CA LYS C 112 -4.97 -35.41 24.94
C LYS C 112 -5.99 -34.28 25.04
N LEU C 113 -7.10 -34.35 24.29
CA LEU C 113 -7.95 -33.17 24.08
C LEU C 113 -9.07 -33.02 25.12
N SER C 114 -9.15 -31.85 25.76
CA SER C 114 -10.33 -31.45 26.54
C SER C 114 -11.03 -30.26 25.93
N ILE C 115 -12.36 -30.26 25.98
CA ILE C 115 -13.14 -29.16 25.36
C ILE C 115 -14.05 -28.51 26.43
N PHE C 116 -13.99 -27.18 26.47
CA PHE C 116 -14.75 -26.31 27.37
C PHE C 116 -15.72 -25.47 26.58
N PRO C 117 -16.94 -26.01 26.39
CA PRO C 117 -17.80 -25.35 25.42
C PRO C 117 -18.33 -24.05 25.98
N ASN C 118 -18.56 -23.11 25.09
CA ASN C 118 -18.85 -21.75 25.43
C ASN C 118 -19.56 -21.19 24.22
N MET C 119 -20.86 -21.05 24.34
CA MET C 119 -21.74 -20.58 23.26
C MET C 119 -23.15 -20.33 23.79
N ASN C 120 -23.92 -19.58 23.00
CA ASN C 120 -25.35 -19.42 23.22
C ASN C 120 -26.08 -20.75 23.29
N LEU C 121 -27.18 -20.78 24.03
CA LEU C 121 -27.91 -22.04 24.24
C LEU C 121 -28.55 -22.61 22.96
N ARG C 122 -29.06 -21.77 22.07
CA ARG C 122 -29.58 -22.27 20.80
C ARG C 122 -28.53 -23.04 20.00
N MET C 123 -27.28 -22.59 20.07
CA MET C 123 -26.20 -23.31 19.42
C MET C 123 -25.88 -24.63 20.18
N TRP C 124 -25.89 -24.60 21.50
CA TRP C 124 -25.52 -25.77 22.27
C TRP C 124 -26.58 -26.83 22.05
N GLU C 125 -27.83 -26.40 21.93
CA GLU C 125 -28.94 -27.29 21.76
C GLU C 125 -29.25 -27.54 20.29
N ASN C 126 -28.49 -26.98 19.34
CA ASN C 126 -28.67 -27.39 17.97
C ASN C 126 -28.44 -28.91 17.93
N PRO C 127 -29.35 -29.67 17.26
CA PRO C 127 -29.18 -31.13 17.44
C PRO C 127 -27.91 -31.64 16.79
N VAL C 128 -27.40 -30.94 15.75
CA VAL C 128 -26.12 -31.34 15.18
C VAL C 128 -24.97 -31.17 16.16
N THR C 129 -24.99 -30.11 16.95
CA THR C 129 -23.97 -29.88 17.97
C THR C 129 -24.05 -30.98 19.07
N GLN C 130 -25.24 -31.31 19.51
CA GLN C 130 -25.37 -32.37 20.50
C GLN C 130 -24.87 -33.74 19.96
N ASN C 131 -25.28 -34.11 18.75
CA ASN C 131 -24.74 -35.31 18.08
C ASN C 131 -23.22 -35.34 18.02
N ASN C 132 -22.65 -34.19 17.66
CA ASN C 132 -21.20 -34.10 17.51
C ASN C 132 -20.46 -34.23 18.84
N ILE C 133 -21.01 -33.57 19.84
CA ILE C 133 -20.51 -33.75 21.20
C ILE C 133 -20.47 -35.23 21.62
N ARG C 134 -21.53 -35.98 21.33
CA ARG C 134 -21.57 -37.43 21.59
C ARG C 134 -20.52 -38.25 20.81
N LEU C 135 -20.39 -37.98 19.49
CA LEU C 135 -19.34 -38.63 18.75
C LEU C 135 -17.96 -38.39 19.36
N LEU C 136 -17.67 -37.15 19.75
CA LEU C 136 -16.36 -36.80 20.35
C LEU C 136 -16.16 -37.57 21.65
N LYS C 137 -17.21 -37.61 22.44
CA LYS C 137 -17.12 -38.38 23.68
C LYS C 137 -16.71 -39.81 23.33
N ASP C 138 -17.33 -40.39 22.29
CA ASP C 138 -17.08 -41.80 21.94
C ASP C 138 -15.66 -42.02 21.39
N TYR C 139 -15.03 -40.94 20.91
CA TYR C 139 -13.72 -40.99 20.28
C TYR C 139 -12.59 -40.57 21.22
N GLY C 140 -12.87 -40.61 22.52
CA GLY C 140 -11.87 -40.32 23.53
C GLY C 140 -11.71 -38.87 23.99
N VAL C 141 -12.47 -37.94 23.43
CA VAL C 141 -12.32 -36.53 23.82
C VAL C 141 -13.10 -36.24 25.09
N SER C 142 -12.54 -35.37 25.92
CA SER C 142 -13.15 -35.08 27.20
C SER C 142 -13.84 -33.77 27.06
N ILE C 143 -15.14 -33.79 27.29
CA ILE C 143 -16.01 -32.63 27.20
C ILE C 143 -16.40 -32.15 28.58
N TYR C 144 -16.02 -30.93 28.92
CA TYR C 144 -16.36 -30.36 30.22
C TYR C 144 -17.90 -30.31 30.36
N PRO C 145 -18.44 -30.83 31.45
CA PRO C 145 -19.90 -30.77 31.56
C PRO C 145 -20.35 -29.36 31.95
N ALA C 146 -20.38 -28.46 30.98
CA ALA C 146 -20.68 -27.05 31.23
C ALA C 146 -22.15 -26.89 31.62
N ASN C 147 -22.39 -26.06 32.64
CA ASN C 147 -23.76 -25.81 33.11
CA ASN C 147 -23.76 -25.79 33.11
C ASN C 147 -24.36 -24.64 32.34
N ILE C 148 -25.68 -24.63 32.26
CA ILE C 148 -26.35 -23.52 31.64
C ILE C 148 -26.40 -22.38 32.63
N SER C 149 -26.10 -21.19 32.16
CA SER C 149 -26.27 -19.99 32.97
C SER C 149 -26.91 -18.89 32.12
N GLU C 150 -27.80 -18.13 32.75
CA GLU C 150 -28.40 -16.95 32.11
C GLU C 150 -27.81 -15.66 32.69
N SER C 151 -27.58 -14.66 31.85
CA SER C 151 -27.00 -13.39 32.33
C SER C 151 -27.24 -12.18 31.41
N TYR C 152 -27.09 -11.00 32.01
CA TYR C 152 -27.32 -9.74 31.34
C TYR C 152 -26.09 -9.48 30.51
N GLU C 153 -26.29 -9.22 29.22
CA GLU C 153 -25.21 -8.94 28.29
C GLU C 153 -25.26 -7.45 27.90
N LEU C 154 -24.26 -6.71 28.37
CA LEU C 154 -24.14 -5.28 28.11
C LEU C 154 -24.23 -5.00 26.62
N ALA C 155 -23.58 -5.84 25.83
CA ALA C 155 -23.44 -5.64 24.38
C ALA C 155 -24.77 -5.61 23.64
N SER C 156 -25.76 -6.37 24.13
CA SER C 156 -27.11 -6.40 23.52
C SER C 156 -28.17 -5.64 24.32
N LYS C 157 -27.94 -5.48 25.62
CA LYS C 157 -28.94 -4.96 26.59
C LYS C 157 -30.08 -5.96 26.78
N THR C 158 -29.73 -7.24 26.72
CA THR C 158 -30.70 -8.32 26.84
C THR C 158 -30.06 -9.40 27.66
N PHE C 159 -30.90 -10.22 28.30
CA PHE C 159 -30.43 -11.41 28.99
C PHE C 159 -30.25 -12.55 28.01
N LYS C 160 -29.18 -13.30 28.19
CA LYS C 160 -28.82 -14.41 27.31
C LYS C 160 -28.47 -15.68 28.10
N LYS C 161 -28.78 -16.81 27.47
CA LYS C 161 -28.52 -18.11 27.99
C LYS C 161 -27.36 -18.72 27.23
N ASN C 162 -26.46 -19.32 28.00
CA ASN C 162 -25.20 -19.80 27.49
C ASN C 162 -24.75 -21.04 28.24
N VAL C 163 -23.93 -21.83 27.55
CA VAL C 163 -22.94 -22.64 28.23
C VAL C 163 -21.69 -21.79 28.21
N VAL C 164 -21.01 -21.73 29.32
CA VAL C 164 -19.78 -20.92 29.35
C VAL C 164 -18.57 -21.68 29.89
N ALA C 165 -17.38 -21.20 29.50
CA ALA C 165 -16.10 -21.70 30.00
C ALA C 165 -16.09 -21.51 31.54
N PRO C 166 -15.67 -22.53 32.30
CA PRO C 166 -15.74 -22.45 33.76
C PRO C 166 -14.54 -21.71 34.34
N GLU C 167 -14.52 -21.52 35.65
CA GLU C 167 -13.42 -20.76 36.27
C GLU C 167 -12.05 -21.50 36.12
N PRO C 168 -10.94 -20.74 36.14
CA PRO C 168 -9.63 -21.37 35.95
C PRO C 168 -9.38 -22.59 36.84
N TYR C 169 -9.71 -22.52 38.13
CA TYR C 169 -9.42 -23.63 39.00
C TYR C 169 -10.14 -24.91 38.55
N LYS C 170 -11.36 -24.77 38.03
CA LYS C 170 -12.14 -25.93 37.54
C LYS C 170 -11.46 -26.57 36.33
N VAL C 171 -10.83 -25.73 35.49
CA VAL C 171 -10.08 -26.19 34.36
C VAL C 171 -8.90 -27.07 34.84
N LEU C 172 -8.10 -26.55 35.77
CA LEU C 172 -7.02 -27.34 36.38
C LEU C 172 -7.52 -28.71 36.87
N GLU C 173 -8.68 -28.73 37.52
CA GLU C 173 -9.20 -29.97 38.13
C GLU C 173 -9.65 -30.98 37.09
N PHE C 174 -9.94 -30.50 35.87
CA PHE C 174 -10.58 -31.34 34.86
C PHE C 174 -9.58 -31.95 33.87
N ILE C 175 -8.43 -31.30 33.68
CA ILE C 175 -7.43 -31.76 32.71
C ILE C 175 -6.36 -32.68 33.31
N GLU D 6 31.92 -31.45 9.12
CA GLU D 6 32.01 -30.42 8.02
C GLU D 6 30.65 -29.81 7.58
N ASN D 7 30.69 -28.56 7.11
CA ASN D 7 29.52 -27.89 6.50
C ASN D 7 29.67 -27.58 4.98
N VAL D 8 28.55 -27.72 4.26
CA VAL D 8 28.48 -27.42 2.86
C VAL D 8 27.42 -26.31 2.65
N LEU D 9 27.66 -25.43 1.66
CA LEU D 9 26.70 -24.40 1.30
C LEU D 9 26.29 -24.63 -0.15
N ILE D 10 25.00 -24.81 -0.38
CA ILE D 10 24.50 -24.92 -1.75
C ILE D 10 24.04 -23.54 -2.25
N CYS D 11 24.58 -23.12 -3.39
CA CYS D 11 24.21 -21.88 -3.99
C CYS D 11 23.46 -22.21 -5.26
N LEU D 12 22.20 -21.76 -5.38
CA LEU D 12 21.33 -22.04 -6.54
CA LEU D 12 21.36 -22.05 -6.53
C LEU D 12 21.05 -20.78 -7.32
N CYS D 13 20.98 -20.92 -8.64
CA CYS D 13 20.84 -19.78 -9.52
C CYS D 13 19.49 -19.92 -10.22
N GLY D 14 19.26 -19.06 -11.21
CA GLY D 14 17.96 -18.97 -11.85
C GLY D 14 17.74 -20.04 -12.88
N SER D 15 17.33 -21.21 -12.42
CA SER D 15 17.13 -22.39 -13.29
C SER D 15 16.02 -23.26 -12.72
N VAL D 16 15.24 -23.86 -13.61
CA VAL D 16 14.21 -24.77 -13.18
C VAL D 16 14.79 -25.97 -12.43
N ASN D 17 16.02 -26.38 -12.70
CA ASN D 17 16.59 -27.47 -11.93
C ASN D 17 16.80 -27.21 -10.44
N SER D 18 16.64 -25.96 -10.01
CA SER D 18 16.62 -25.60 -8.63
C SER D 18 15.48 -26.21 -7.87
N ILE D 19 14.41 -26.64 -8.53
CA ILE D 19 13.26 -27.22 -7.83
C ILE D 19 13.58 -28.61 -7.23
N ASN D 20 14.62 -29.25 -7.76
CA ASN D 20 15.06 -30.57 -7.27
C ASN D 20 16.09 -30.52 -6.15
N ILE D 21 16.33 -29.36 -5.57
CA ILE D 21 17.42 -29.24 -4.63
C ILE D 21 17.17 -29.95 -3.29
N SER D 22 15.92 -30.19 -2.91
CA SER D 22 15.70 -30.96 -1.68
C SER D 22 16.39 -32.35 -1.73
N HIS D 23 16.52 -32.95 -2.92
CA HIS D 23 17.13 -34.29 -3.08
C HIS D 23 18.64 -34.24 -2.89
N TYR D 24 19.26 -33.19 -3.41
CA TYR D 24 20.67 -32.92 -3.14
C TYR D 24 20.95 -32.55 -1.69
N ILE D 25 20.08 -31.74 -1.08
CA ILE D 25 20.18 -31.46 0.36
C ILE D 25 20.14 -32.77 1.16
N ILE D 26 19.09 -33.59 0.96
CA ILE D 26 18.96 -34.93 1.61
C ILE D 26 20.25 -35.78 1.45
N GLU D 27 20.75 -35.86 0.24
CA GLU D 27 21.96 -36.61 -0.05
C GLU D 27 23.16 -36.05 0.73
N LEU D 28 23.35 -34.74 0.68
CA LEU D 28 24.46 -34.11 1.38
C LEU D 28 24.37 -34.25 2.92
N LYS D 29 23.16 -34.29 3.50
CA LYS D 29 23.01 -34.52 4.96
C LYS D 29 23.56 -35.86 5.43
N SER D 30 23.78 -36.80 4.51
CA SER D 30 24.39 -38.10 4.87
C SER D 30 25.90 -38.02 5.19
N LYS D 31 26.55 -36.93 4.79
CA LYS D 31 28.00 -36.76 4.90
CA LYS D 31 28.00 -36.75 4.89
C LYS D 31 28.34 -35.54 5.73
N PHE D 32 27.66 -34.42 5.46
CA PHE D 32 27.96 -33.15 6.11
C PHE D 32 27.09 -32.87 7.36
N ASP D 33 27.65 -32.15 8.33
CA ASP D 33 26.92 -31.77 9.54
CA ASP D 33 26.92 -31.75 9.54
C ASP D 33 25.81 -30.76 9.20
N GLU D 34 26.16 -29.65 8.53
CA GLU D 34 25.14 -28.73 8.05
C GLU D 34 25.19 -28.69 6.55
N VAL D 35 23.99 -28.58 5.98
CA VAL D 35 23.77 -28.28 4.57
C VAL D 35 22.91 -27.03 4.57
N ASN D 36 23.51 -25.94 4.16
CA ASN D 36 22.85 -24.67 4.23
C ASN D 36 22.68 -24.25 2.80
N VAL D 37 21.77 -23.30 2.57
CA VAL D 37 21.37 -22.95 1.22
C VAL D 37 21.29 -21.42 1.07
N ILE D 38 21.65 -20.92 -0.13
CA ILE D 38 21.48 -19.52 -0.54
C ILE D 38 21.11 -19.47 -2.02
N ALA D 39 20.23 -18.56 -2.41
CA ALA D 39 19.87 -18.39 -3.85
C ALA D 39 20.31 -17.06 -4.33
N SER D 40 20.57 -16.99 -5.63
CA SER D 40 20.83 -15.75 -6.32
C SER D 40 19.54 -14.93 -6.36
N THR D 41 19.66 -13.66 -6.70
CA THR D 41 18.44 -12.80 -6.62
C THR D 41 17.40 -13.36 -7.61
N ASN D 42 17.83 -13.55 -8.87
CA ASN D 42 17.09 -14.25 -9.93
C ASN D 42 16.66 -15.70 -9.58
N GLY D 43 17.47 -16.40 -8.82
CA GLY D 43 17.14 -17.76 -8.41
C GLY D 43 15.91 -17.78 -7.52
N ARG D 44 15.65 -16.68 -6.82
CA ARG D 44 14.68 -16.69 -5.70
C ARG D 44 13.27 -17.01 -6.24
N LYS D 45 12.97 -16.65 -7.49
CA LYS D 45 11.60 -16.89 -7.97
C LYS D 45 11.35 -18.33 -8.33
N PHE D 46 12.42 -19.14 -8.49
CA PHE D 46 12.34 -20.56 -8.77
C PHE D 46 12.14 -21.44 -7.52
N ILE D 47 12.26 -20.88 -6.33
CA ILE D 47 12.18 -21.72 -5.12
C ILE D 47 11.25 -21.20 -4.03
N ASN D 48 11.17 -21.93 -2.91
CA ASN D 48 10.25 -21.55 -1.81
C ASN D 48 11.06 -21.72 -0.54
N GLY D 49 11.41 -20.63 0.12
CA GLY D 49 12.39 -20.69 1.13
C GLY D 49 11.89 -21.44 2.36
N GLU D 50 10.59 -21.42 2.62
CA GLU D 50 10.07 -22.21 3.78
C GLU D 50 10.15 -23.70 3.41
N ILE D 51 10.03 -24.06 2.12
CA ILE D 51 10.13 -25.45 1.73
C ILE D 51 11.63 -25.82 1.80
N LEU D 52 12.54 -24.95 1.36
CA LEU D 52 13.96 -25.23 1.51
C LEU D 52 14.29 -25.52 3.00
N LYS D 53 13.71 -24.75 3.91
CA LYS D 53 13.99 -24.91 5.34
CA LYS D 53 13.97 -24.90 5.35
C LYS D 53 13.40 -26.17 5.98
N GLN D 54 12.56 -26.91 5.27
CA GLN D 54 12.13 -28.24 5.75
C GLN D 54 13.32 -29.20 5.65
N PHE D 55 14.29 -28.86 4.83
CA PHE D 55 15.41 -29.81 4.52
C PHE D 55 16.80 -29.33 4.94
N CYS D 56 17.14 -28.09 4.59
CA CYS D 56 18.40 -27.51 4.98
C CYS D 56 18.40 -26.97 6.42
N ASP D 57 19.58 -26.67 6.92
CA ASP D 57 19.75 -26.15 8.25
C ASP D 57 19.54 -24.62 8.28
N ASN D 58 20.13 -23.89 7.33
CA ASN D 58 20.03 -22.45 7.26
C ASN D 58 19.78 -22.04 5.83
N TYR D 59 18.77 -21.20 5.66
CA TYR D 59 18.49 -20.59 4.40
C TYR D 59 18.85 -19.13 4.55
N TYR D 60 19.93 -18.74 3.88
CA TYR D 60 20.41 -17.35 3.96
C TYR D 60 19.57 -16.55 3.02
N ASP D 61 18.89 -15.55 3.58
CA ASP D 61 18.02 -14.69 2.78
C ASP D 61 18.45 -13.18 2.87
N GLU D 62 19.10 -12.69 1.83
CA GLU D 62 19.67 -11.34 1.76
C GLU D 62 18.56 -10.28 1.77
N PHE D 63 17.41 -10.60 1.19
CA PHE D 63 16.32 -9.65 1.16
C PHE D 63 15.73 -9.55 2.59
N GLU D 64 15.81 -10.59 3.40
CA GLU D 64 15.21 -10.50 4.78
C GLU D 64 16.22 -9.98 5.82
N ASP D 65 17.49 -10.22 5.56
CA ASP D 65 18.57 -9.90 6.49
C ASP D 65 19.73 -9.34 5.61
N PRO D 66 19.63 -8.04 5.23
CA PRO D 66 20.54 -7.48 4.20
C PRO D 66 22.00 -7.35 4.63
N PHE D 67 22.27 -7.47 5.93
CA PHE D 67 23.59 -7.31 6.47
C PHE D 67 24.32 -8.62 6.76
N LEU D 68 23.81 -9.75 6.26
CA LEU D 68 24.53 -11.04 6.33
C LEU D 68 25.96 -10.86 5.81
N ASN D 69 26.91 -11.40 6.55
CA ASN D 69 28.32 -11.19 6.17
C ASN D 69 28.87 -12.39 5.40
N HIS D 70 29.33 -12.08 4.18
CA HIS D 70 29.93 -13.02 3.28
C HIS D 70 31.15 -13.75 3.81
N VAL D 71 32.02 -13.05 4.54
CA VAL D 71 33.20 -13.69 5.10
C VAL D 71 32.81 -14.67 6.21
N ASP D 72 31.83 -14.32 7.04
CA ASP D 72 31.47 -15.22 8.16
C ASP D 72 30.69 -16.46 7.65
N ILE D 73 29.91 -16.27 6.60
CA ILE D 73 29.21 -17.40 6.00
C ILE D 73 30.21 -18.34 5.31
N ALA D 74 31.11 -17.73 4.54
CA ALA D 74 32.12 -18.49 3.81
C ALA D 74 32.99 -19.33 4.74
N ASN D 75 33.40 -18.71 5.84
CA ASN D 75 34.33 -19.31 6.83
C ASN D 75 33.69 -20.49 7.58
N LYS D 76 32.36 -20.47 7.73
CA LYS D 76 31.60 -21.54 8.38
C LYS D 76 31.53 -22.84 7.54
N HIS D 77 31.91 -22.74 6.25
CA HIS D 77 31.72 -23.82 5.33
C HIS D 77 32.97 -24.36 4.76
N ASP D 78 33.06 -25.69 4.79
CA ASP D 78 34.20 -26.43 4.28
C ASP D 78 34.16 -26.53 2.77
N LYS D 79 32.96 -26.69 2.24
CA LYS D 79 32.71 -26.74 0.79
C LYS D 79 31.55 -25.82 0.43
N ILE D 80 31.69 -25.13 -0.69
CA ILE D 80 30.65 -24.30 -1.24
C ILE D 80 30.46 -24.78 -2.64
N ILE D 81 29.21 -25.07 -2.97
CA ILE D 81 28.83 -25.54 -4.30
C ILE D 81 27.80 -24.66 -4.89
N ILE D 82 27.93 -24.43 -6.20
CA ILE D 82 26.95 -23.80 -7.00
C ILE D 82 26.29 -24.90 -7.86
N LEU D 83 25.01 -25.09 -7.59
CA LEU D 83 24.21 -26.17 -8.18
C LEU D 83 22.75 -25.75 -8.08
N PRO D 84 22.09 -25.51 -9.21
CA PRO D 84 22.60 -25.48 -10.58
C PRO D 84 23.25 -24.16 -10.83
N ALA D 85 24.38 -24.17 -11.54
CA ALA D 85 25.13 -22.96 -11.77
C ALA D 85 24.80 -22.48 -13.18
N THR D 86 24.33 -21.24 -13.30
CA THR D 86 23.86 -20.67 -14.53
C THR D 86 25.07 -20.09 -15.24
N SER D 87 24.94 -19.82 -16.53
CA SER D 87 26.02 -19.16 -17.31
C SER D 87 26.35 -17.79 -16.70
N ASN D 88 25.29 -17.06 -16.32
CA ASN D 88 25.45 -15.75 -15.66
C ASN D 88 26.33 -15.80 -14.45
N THR D 89 25.97 -16.65 -13.49
CA THR D 89 26.74 -16.73 -12.28
C THR D 89 28.19 -17.17 -12.56
N ILE D 90 28.37 -18.13 -13.46
CA ILE D 90 29.70 -18.61 -13.81
C ILE D 90 30.51 -17.43 -14.38
N ASN D 91 29.88 -16.63 -15.24
CA ASN D 91 30.65 -15.63 -15.92
C ASN D 91 30.94 -14.44 -14.94
N LYS D 92 29.95 -14.05 -14.15
CA LYS D 92 30.18 -13.07 -13.11
C LYS D 92 31.31 -13.53 -12.18
N ILE D 93 31.34 -14.80 -11.77
CA ILE D 93 32.36 -15.26 -10.82
C ILE D 93 33.73 -15.20 -11.49
N ALA D 94 33.79 -15.63 -12.74
CA ALA D 94 35.04 -15.60 -13.42
C ALA D 94 35.58 -14.17 -13.50
N ASN D 95 34.67 -13.18 -13.47
CA ASN D 95 35.08 -11.79 -13.64
C ASN D 95 35.14 -11.01 -12.30
N GLY D 96 34.92 -11.66 -11.16
CA GLY D 96 34.98 -10.95 -9.86
C GLY D 96 33.75 -10.13 -9.55
N ILE D 97 32.69 -10.26 -10.37
CA ILE D 97 31.47 -9.48 -10.16
C ILE D 97 30.72 -10.16 -9.01
N CYS D 98 30.47 -9.40 -7.95
CA CYS D 98 29.72 -9.88 -6.81
C CYS D 98 28.72 -8.85 -6.36
N ASP D 99 27.64 -8.70 -7.13
CA ASP D 99 26.62 -7.71 -6.81
C ASP D 99 25.43 -8.32 -6.01
N ASN D 100 25.56 -9.56 -5.52
CA ASN D 100 24.56 -10.10 -4.60
C ASN D 100 25.27 -10.97 -3.60
N LEU D 101 24.62 -11.36 -2.50
CA LEU D 101 25.30 -12.14 -1.46
C LEU D 101 25.94 -13.44 -1.93
N LEU D 102 25.23 -14.22 -2.74
CA LEU D 102 25.73 -15.46 -3.28
C LEU D 102 27.10 -15.28 -3.97
N LEU D 103 27.15 -14.31 -4.88
CA LEU D 103 28.35 -14.15 -5.68
C LEU D 103 29.50 -13.64 -4.82
N THR D 104 29.18 -12.94 -3.73
CA THR D 104 30.19 -12.36 -2.82
C THR D 104 30.84 -13.47 -2.02
N ILE D 105 30.01 -14.29 -1.36
CA ILE D 105 30.49 -15.49 -0.70
C ILE D 105 31.42 -16.30 -1.60
N CYS D 106 30.96 -16.63 -2.80
CA CYS D 106 31.76 -17.41 -3.69
C CYS D 106 33.12 -16.72 -4.00
N HIS D 107 33.12 -15.40 -4.07
CA HIS D 107 34.29 -14.60 -4.46
C HIS D 107 35.37 -14.69 -3.42
N THR D 108 34.94 -14.81 -2.18
CA THR D 108 35.86 -14.96 -1.07
C THR D 108 36.38 -16.40 -0.81
N ALA D 109 35.90 -17.41 -1.54
CA ALA D 109 36.14 -18.81 -1.22
C ALA D 109 36.42 -19.70 -2.49
N PHE D 110 37.19 -19.18 -3.43
CA PHE D 110 37.58 -19.97 -4.61
C PHE D 110 38.15 -21.37 -4.27
N GLU D 111 38.99 -21.44 -3.25
CA GLU D 111 39.66 -22.68 -2.86
C GLU D 111 38.67 -23.74 -2.33
N LYS D 112 37.47 -23.29 -1.94
CA LYS D 112 36.42 -24.13 -1.37
C LYS D 112 35.32 -24.41 -2.40
N LEU D 113 35.43 -23.81 -3.59
CA LEU D 113 34.32 -23.74 -4.56
C LEU D 113 34.24 -24.83 -5.64
N SER D 114 33.08 -25.52 -5.71
CA SER D 114 32.69 -26.40 -6.85
C SER D 114 31.42 -25.92 -7.59
N ILE D 115 31.51 -25.93 -8.92
CA ILE D 115 30.49 -25.45 -9.80
C ILE D 115 29.97 -26.61 -10.72
N PHE D 116 28.63 -26.67 -10.83
CA PHE D 116 27.88 -27.66 -11.57
C PHE D 116 27.07 -26.94 -12.66
N PRO D 117 27.73 -26.74 -13.84
CA PRO D 117 27.14 -26.05 -14.95
C PRO D 117 25.82 -26.67 -15.36
N ASN D 118 24.80 -25.80 -15.44
CA ASN D 118 23.47 -26.19 -15.79
C ASN D 118 22.87 -25.10 -16.70
N MET D 119 22.76 -25.41 -18.00
CA MET D 119 22.42 -24.38 -19.00
C MET D 119 22.28 -24.93 -20.43
N ASN D 120 21.44 -24.29 -21.23
CA ASN D 120 21.39 -24.60 -22.65
C ASN D 120 22.76 -24.73 -23.34
N LEU D 121 22.86 -25.68 -24.27
CA LEU D 121 24.12 -25.89 -25.01
C LEU D 121 24.64 -24.62 -25.70
N ARG D 122 23.75 -23.76 -26.19
CA ARG D 122 24.25 -22.54 -26.83
CA ARG D 122 24.18 -22.50 -26.81
C ARG D 122 24.92 -21.64 -25.78
N MET D 123 24.49 -21.70 -24.53
CA MET D 123 25.07 -20.84 -23.52
C MET D 123 26.40 -21.48 -23.08
N TRP D 124 26.46 -22.81 -23.00
CA TRP D 124 27.72 -23.53 -22.72
C TRP D 124 28.79 -23.37 -23.81
N GLU D 125 28.39 -23.48 -25.05
CA GLU D 125 29.34 -23.29 -26.17
C GLU D 125 29.57 -21.86 -26.58
N ASN D 126 28.96 -20.91 -25.86
CA ASN D 126 29.31 -19.49 -26.07
C ASN D 126 30.78 -19.37 -25.69
N PRO D 127 31.61 -18.82 -26.59
CA PRO D 127 33.04 -18.91 -26.29
C PRO D 127 33.48 -18.18 -25.03
N VAL D 128 32.78 -17.11 -24.66
CA VAL D 128 33.07 -16.37 -23.45
C VAL D 128 32.86 -17.26 -22.22
N THR D 129 31.73 -17.95 -22.14
CA THR D 129 31.51 -18.94 -21.06
C THR D 129 32.64 -19.98 -21.03
N GLN D 130 33.14 -20.42 -22.20
CA GLN D 130 34.19 -21.46 -22.24
C GLN D 130 35.51 -20.88 -21.74
N ASN D 131 35.87 -19.67 -22.18
CA ASN D 131 37.00 -18.91 -21.65
C ASN D 131 36.97 -18.75 -20.16
N ASN D 132 35.83 -18.33 -19.65
CA ASN D 132 35.65 -18.17 -18.21
C ASN D 132 35.72 -19.44 -17.40
N ILE D 133 35.19 -20.54 -17.96
CA ILE D 133 35.34 -21.88 -17.36
C ILE D 133 36.82 -22.21 -17.28
N ARG D 134 37.52 -21.94 -18.36
CA ARG D 134 38.96 -22.17 -18.44
CA ARG D 134 38.97 -22.17 -18.44
C ARG D 134 39.75 -21.35 -17.39
N LEU D 135 39.39 -20.07 -17.20
CA LEU D 135 40.05 -19.22 -16.19
C LEU D 135 39.68 -19.68 -14.77
N LEU D 136 38.43 -20.03 -14.55
CA LEU D 136 38.03 -20.48 -13.20
C LEU D 136 38.88 -21.70 -12.81
N LYS D 137 39.12 -22.62 -13.75
CA LYS D 137 39.94 -23.82 -13.48
C LYS D 137 41.36 -23.42 -13.08
N ASP D 138 41.97 -22.56 -13.88
CA ASP D 138 43.30 -22.00 -13.54
C ASP D 138 43.39 -21.30 -12.18
N TYR D 139 42.30 -20.75 -11.69
CA TYR D 139 42.28 -20.11 -10.37
C TYR D 139 41.98 -21.11 -9.26
N GLY D 140 41.88 -22.38 -9.62
CA GLY D 140 41.71 -23.44 -8.66
C GLY D 140 40.28 -23.73 -8.28
N VAL D 141 39.31 -23.34 -9.12
CA VAL D 141 37.91 -23.61 -8.84
C VAL D 141 37.60 -24.91 -9.54
N SER D 142 36.87 -25.78 -8.84
CA SER D 142 36.49 -27.08 -9.38
CA SER D 142 36.50 -27.09 -9.35
C SER D 142 35.20 -27.05 -10.16
N ILE D 143 35.30 -27.46 -11.41
CA ILE D 143 34.19 -27.50 -12.35
C ILE D 143 33.80 -28.94 -12.68
N TYR D 144 32.59 -29.36 -12.29
CA TYR D 144 32.09 -30.70 -12.67
C TYR D 144 32.19 -30.90 -14.18
N PRO D 145 32.77 -32.01 -14.63
CA PRO D 145 32.79 -32.25 -16.08
C PRO D 145 31.39 -32.62 -16.60
N ALA D 146 30.55 -31.60 -16.76
CA ALA D 146 29.13 -31.72 -17.06
C ALA D 146 28.99 -32.42 -18.38
N ASN D 147 28.08 -33.39 -18.46
CA ASN D 147 27.82 -33.97 -19.77
C ASN D 147 26.55 -33.40 -20.41
N ILE D 148 26.58 -33.43 -21.73
CA ILE D 148 25.63 -32.84 -22.61
C ILE D 148 24.53 -33.86 -22.88
N SER D 149 23.36 -33.63 -22.32
CA SER D 149 22.20 -34.47 -22.58
C SER D 149 21.17 -33.80 -23.51
N GLU D 150 20.41 -34.60 -24.27
CA GLU D 150 19.28 -34.07 -25.05
C GLU D 150 18.04 -34.63 -24.37
N SER D 151 16.97 -33.83 -24.32
CA SER D 151 15.68 -34.31 -23.81
C SER D 151 14.48 -33.45 -24.23
N TYR D 152 13.30 -34.06 -24.14
CA TYR D 152 12.09 -33.37 -24.51
C TYR D 152 11.74 -32.43 -23.35
N GLU D 153 11.42 -31.19 -23.67
CA GLU D 153 11.08 -30.21 -22.66
C GLU D 153 9.61 -29.88 -22.83
N LEU D 154 8.83 -30.11 -21.77
CA LEU D 154 7.40 -29.91 -21.81
CA LEU D 154 7.39 -29.90 -21.84
C LEU D 154 7.06 -28.43 -22.11
N ALA D 155 7.68 -27.53 -21.34
CA ALA D 155 7.45 -26.08 -21.42
C ALA D 155 7.43 -25.51 -22.84
N SER D 156 8.35 -25.95 -23.69
CA SER D 156 8.45 -25.47 -25.08
C SER D 156 7.86 -26.43 -26.08
N LYS D 157 7.52 -27.62 -25.60
CA LYS D 157 7.21 -28.77 -26.45
C LYS D 157 8.26 -29.02 -27.51
N THR D 158 9.54 -28.92 -27.14
CA THR D 158 10.61 -29.19 -28.10
C THR D 158 11.72 -29.98 -27.41
N PHE D 159 12.65 -30.47 -28.23
CA PHE D 159 13.86 -31.13 -27.75
C PHE D 159 14.92 -30.07 -27.56
N LYS D 160 15.55 -30.08 -26.39
CA LYS D 160 16.57 -29.11 -26.01
C LYS D 160 17.85 -29.84 -25.57
N LYS D 161 19.00 -29.30 -25.99
CA LYS D 161 20.30 -29.78 -25.51
C LYS D 161 20.81 -28.91 -24.37
N ASN D 162 21.36 -29.55 -23.35
CA ASN D 162 21.80 -28.90 -22.12
C ASN D 162 23.05 -29.58 -21.57
N VAL D 163 23.80 -28.85 -20.77
CA VAL D 163 24.60 -29.48 -19.73
C VAL D 163 23.79 -29.28 -18.46
N VAL D 164 23.73 -30.32 -17.66
CA VAL D 164 22.85 -30.30 -16.51
C VAL D 164 23.58 -30.76 -15.25
N ALA D 165 23.06 -30.35 -14.08
CA ALA D 165 23.55 -30.85 -12.80
C ALA D 165 23.52 -32.35 -12.87
N PRO D 166 24.53 -33.03 -12.32
CA PRO D 166 24.48 -34.47 -12.31
C PRO D 166 23.64 -34.94 -11.13
N GLU D 167 23.33 -36.22 -11.08
CA GLU D 167 22.65 -36.83 -9.94
C GLU D 167 23.33 -36.54 -8.55
N PRO D 168 22.52 -36.46 -7.48
CA PRO D 168 23.00 -36.23 -6.11
C PRO D 168 24.22 -37.06 -5.72
N TYR D 169 24.23 -38.35 -6.02
CA TYR D 169 25.39 -39.14 -5.62
C TYR D 169 26.67 -38.68 -6.30
N LYS D 170 26.59 -38.15 -7.53
CA LYS D 170 27.80 -37.66 -8.22
C LYS D 170 28.31 -36.39 -7.58
N VAL D 171 27.40 -35.53 -7.12
CA VAL D 171 27.76 -34.34 -6.34
C VAL D 171 28.55 -34.66 -5.06
N LEU D 172 28.03 -35.61 -4.28
CA LEU D 172 28.68 -36.00 -3.02
C LEU D 172 30.10 -36.47 -3.33
N GLU D 173 30.19 -37.37 -4.29
CA GLU D 173 31.48 -37.91 -4.75
CA GLU D 173 31.46 -37.91 -4.83
C GLU D 173 32.45 -36.83 -5.27
N PHE D 174 31.95 -35.79 -5.90
CA PHE D 174 32.86 -34.76 -6.48
C PHE D 174 33.46 -33.75 -5.46
N ILE D 175 32.94 -33.69 -4.23
CA ILE D 175 33.34 -32.65 -3.28
C ILE D 175 33.96 -33.16 -2.00
N GLU E 6 10.35 -13.92 -41.82
CA GLU E 6 11.49 -13.71 -40.87
C GLU E 6 11.08 -12.75 -39.74
N ASN E 7 11.61 -13.03 -38.55
CA ASN E 7 11.32 -12.30 -37.32
C ASN E 7 12.59 -11.66 -36.72
N VAL E 8 12.46 -10.41 -36.27
CA VAL E 8 13.58 -9.71 -35.68
C VAL E 8 13.21 -9.18 -34.32
N LEU E 9 14.11 -9.29 -33.35
CA LEU E 9 13.88 -8.75 -31.99
C LEU E 9 14.76 -7.53 -31.74
N ILE E 10 14.17 -6.39 -31.39
CA ILE E 10 14.89 -5.16 -31.04
C ILE E 10 15.09 -5.11 -29.54
N CYS E 11 16.34 -5.06 -29.11
CA CYS E 11 16.66 -4.90 -27.68
C CYS E 11 17.01 -3.43 -27.42
N LEU E 12 16.23 -2.74 -26.56
CA LEU E 12 16.48 -1.33 -26.23
CA LEU E 12 16.51 -1.34 -26.25
C LEU E 12 17.18 -1.24 -24.89
N CYS E 13 18.18 -0.37 -24.81
CA CYS E 13 18.91 -0.13 -23.56
C CYS E 13 18.63 1.28 -22.98
N GLY E 14 19.34 1.59 -21.89
CA GLY E 14 19.03 2.81 -21.11
C GLY E 14 19.55 4.08 -21.75
N SER E 15 18.93 4.48 -22.85
CA SER E 15 19.37 5.63 -23.64
C SER E 15 18.16 6.46 -24.07
N VAL E 16 18.31 7.77 -24.10
CA VAL E 16 17.22 8.66 -24.56
C VAL E 16 16.91 8.42 -26.05
N ASN E 17 17.88 7.91 -26.82
CA ASN E 17 17.57 7.51 -28.21
C ASN E 17 16.55 6.36 -28.33
N SER E 18 16.23 5.68 -27.21
CA SER E 18 15.20 4.64 -27.20
C SER E 18 13.77 5.13 -27.49
N ILE E 19 13.55 6.44 -27.41
CA ILE E 19 12.21 7.02 -27.65
C ILE E 19 11.90 7.21 -29.15
N ASN E 20 12.84 6.89 -30.03
CA ASN E 20 12.50 6.85 -31.46
C ASN E 20 12.32 5.45 -32.03
N ILE E 21 12.17 4.45 -31.15
CA ILE E 21 12.17 3.06 -31.61
C ILE E 21 10.93 2.73 -32.42
N SER E 22 9.85 3.51 -32.26
CA SER E 22 8.67 3.38 -33.10
C SER E 22 9.06 3.54 -34.57
N HIS E 23 9.89 4.53 -34.87
CA HIS E 23 10.35 4.74 -36.26
C HIS E 23 11.12 3.53 -36.81
N TYR E 24 11.86 2.84 -35.94
CA TYR E 24 12.61 1.66 -36.36
C TYR E 24 11.69 0.47 -36.52
N ILE E 25 10.68 0.37 -35.64
CA ILE E 25 9.73 -0.74 -35.69
C ILE E 25 8.98 -0.67 -37.02
N ILE E 26 8.43 0.51 -37.33
CA ILE E 26 7.69 0.73 -38.57
C ILE E 26 8.52 0.32 -39.80
N GLU E 27 9.77 0.79 -39.87
CA GLU E 27 10.71 0.47 -40.95
C GLU E 27 10.93 -1.04 -41.10
N LEU E 28 11.28 -1.68 -39.99
CA LEU E 28 11.55 -3.11 -39.96
C LEU E 28 10.32 -3.97 -40.24
N LYS E 29 9.10 -3.42 -40.10
CA LYS E 29 7.92 -4.18 -40.51
C LYS E 29 7.86 -4.38 -42.06
N SER E 30 8.54 -3.51 -42.81
CA SER E 30 8.57 -3.59 -44.30
C SER E 30 9.28 -4.80 -44.87
N LYS E 31 10.00 -5.52 -44.01
CA LYS E 31 10.96 -6.54 -44.42
C LYS E 31 11.04 -7.70 -43.40
N PHE E 32 10.18 -7.70 -42.39
CA PHE E 32 10.16 -8.72 -41.36
C PHE E 32 8.73 -9.00 -40.97
N ASP E 33 8.36 -10.26 -40.79
CA ASP E 33 6.98 -10.59 -40.48
CA ASP E 33 6.98 -10.64 -40.43
C ASP E 33 6.65 -10.18 -39.02
N GLU E 34 7.48 -10.55 -38.06
CA GLU E 34 7.32 -10.06 -36.72
C GLU E 34 8.50 -9.18 -36.35
N VAL E 35 8.16 -8.04 -35.74
CA VAL E 35 9.12 -7.11 -35.14
C VAL E 35 8.78 -7.05 -33.62
N ASN E 36 9.57 -7.77 -32.83
CA ASN E 36 9.36 -7.79 -31.41
C ASN E 36 10.38 -6.92 -30.66
N VAL E 37 10.13 -6.65 -29.37
CA VAL E 37 10.93 -5.69 -28.59
C VAL E 37 11.08 -6.13 -27.13
N ILE E 38 12.29 -5.95 -26.61
CA ILE E 38 12.58 -6.11 -25.19
C ILE E 38 13.42 -4.91 -24.71
N ALA E 39 13.17 -4.47 -23.48
CA ALA E 39 14.01 -3.45 -22.82
C ALA E 39 14.86 -4.06 -21.76
N SER E 40 16.04 -3.46 -21.51
CA SER E 40 16.82 -3.81 -20.31
C SER E 40 16.11 -3.26 -19.16
N THR E 41 16.52 -3.65 -17.96
CA THR E 41 15.80 -3.15 -16.75
C THR E 41 15.96 -1.63 -16.64
N ASN E 42 17.17 -1.13 -16.92
CA ASN E 42 17.41 0.31 -16.90
C ASN E 42 16.86 1.06 -18.16
N GLY E 43 16.35 0.33 -19.14
CA GLY E 43 15.84 0.98 -20.35
C GLY E 43 14.35 1.18 -20.24
N ARG E 44 13.72 0.50 -19.27
CA ARG E 44 12.28 0.54 -19.11
C ARG E 44 11.80 1.95 -18.81
N LYS E 45 12.51 2.67 -17.93
CA LYS E 45 12.15 4.06 -17.61
C LYS E 45 12.16 5.06 -18.78
N PHE E 46 12.79 4.70 -19.90
CA PHE E 46 12.91 5.57 -21.10
C PHE E 46 11.77 5.40 -22.10
N ILE E 47 10.99 4.33 -21.96
CA ILE E 47 9.99 3.96 -22.93
C ILE E 47 8.64 3.74 -22.25
N ASN E 48 7.61 3.63 -23.08
CA ASN E 48 6.24 3.38 -22.66
C ASN E 48 5.85 2.09 -23.33
N GLY E 49 5.62 1.05 -22.56
CA GLY E 49 5.38 -0.26 -23.13
C GLY E 49 4.14 -0.36 -23.97
N GLU E 50 3.10 0.35 -23.55
CA GLU E 50 1.83 0.34 -24.26
C GLU E 50 1.97 1.05 -25.60
N ILE E 51 2.77 2.12 -25.65
CA ILE E 51 3.01 2.81 -26.92
C ILE E 51 3.74 1.86 -27.81
N LEU E 52 4.67 1.12 -27.22
CA LEU E 52 5.43 0.14 -27.97
C LEU E 52 4.49 -0.90 -28.60
N LYS E 53 3.54 -1.44 -27.83
CA LYS E 53 2.67 -2.49 -28.35
C LYS E 53 1.77 -1.95 -29.48
N GLN E 54 1.62 -0.64 -29.59
CA GLN E 54 0.94 -0.03 -30.76
C GLN E 54 1.63 -0.24 -32.09
N PHE E 55 2.92 -0.58 -32.06
CA PHE E 55 3.71 -0.72 -33.31
C PHE E 55 4.33 -2.11 -33.48
N CYS E 56 4.89 -2.64 -32.40
CA CYS E 56 5.56 -3.91 -32.39
C CYS E 56 4.52 -5.02 -32.22
N ASP E 57 4.94 -6.27 -32.48
CA ASP E 57 4.04 -7.44 -32.35
C ASP E 57 3.97 -7.98 -30.90
N ASN E 58 5.12 -8.15 -30.26
CA ASN E 58 5.18 -8.65 -28.87
C ASN E 58 6.13 -7.73 -28.11
N TYR E 59 5.78 -7.32 -26.88
CA TYR E 59 6.70 -6.60 -26.04
C TYR E 59 7.01 -7.50 -24.85
N TYR E 60 8.25 -7.97 -24.78
CA TYR E 60 8.63 -8.95 -23.78
C TYR E 60 8.94 -8.18 -22.48
N ASP E 61 8.11 -8.39 -21.49
CA ASP E 61 8.25 -7.65 -20.25
C ASP E 61 8.54 -8.61 -19.13
N GLU E 62 9.80 -8.68 -18.75
CA GLU E 62 10.24 -9.65 -17.74
C GLU E 62 9.68 -9.33 -16.35
N PHE E 63 9.31 -8.08 -16.09
CA PHE E 63 8.71 -7.73 -14.78
C PHE E 63 7.28 -8.24 -14.67
N GLU E 64 6.55 -8.21 -15.78
CA GLU E 64 5.18 -8.74 -15.80
CA GLU E 64 5.18 -8.72 -15.82
C GLU E 64 5.14 -10.25 -16.05
N ASP E 65 6.09 -10.80 -16.83
CA ASP E 65 6.22 -12.28 -16.89
C ASP E 65 7.66 -12.78 -16.64
N PRO E 66 8.00 -13.05 -15.38
CA PRO E 66 9.39 -13.31 -15.03
C PRO E 66 9.96 -14.60 -15.65
N PHE E 67 9.08 -15.54 -16.05
CA PHE E 67 9.49 -16.85 -16.58
C PHE E 67 9.49 -16.92 -18.07
N LEU E 68 9.58 -15.77 -18.73
CA LEU E 68 9.83 -15.74 -20.17
C LEU E 68 11.11 -16.49 -20.43
N ASN E 69 11.12 -17.35 -21.46
CA ASN E 69 12.27 -18.17 -21.71
C ASN E 69 13.17 -17.66 -22.83
N HIS E 70 14.40 -17.40 -22.46
CA HIS E 70 15.43 -16.81 -23.34
C HIS E 70 15.70 -17.67 -24.53
N VAL E 71 15.77 -18.98 -24.34
CA VAL E 71 16.10 -19.89 -25.45
C VAL E 71 14.94 -19.83 -26.43
N ASP E 72 13.73 -19.92 -25.89
CA ASP E 72 12.56 -19.88 -26.78
C ASP E 72 12.43 -18.54 -27.49
N ILE E 73 12.66 -17.44 -26.78
CA ILE E 73 12.57 -16.13 -27.41
C ILE E 73 13.64 -15.99 -28.52
N ALA E 74 14.89 -16.39 -28.26
CA ALA E 74 15.99 -16.30 -29.27
C ALA E 74 15.70 -17.14 -30.48
N ASN E 75 15.24 -18.36 -30.22
CA ASN E 75 14.87 -19.30 -31.30
C ASN E 75 13.77 -18.81 -32.21
N LYS E 76 12.89 -17.94 -31.72
CA LYS E 76 11.82 -17.37 -32.56
C LYS E 76 12.33 -16.32 -33.61
N HIS E 77 13.57 -15.86 -33.49
CA HIS E 77 14.03 -14.71 -34.25
C HIS E 77 15.20 -15.01 -35.15
N ASP E 78 15.12 -14.54 -36.38
CA ASP E 78 16.22 -14.74 -37.30
C ASP E 78 17.33 -13.76 -36.92
N LYS E 79 16.94 -12.57 -36.45
CA LYS E 79 17.91 -11.57 -36.03
C LYS E 79 17.57 -10.93 -34.70
N ILE E 80 18.59 -10.72 -33.88
CA ILE E 80 18.49 -9.90 -32.69
C ILE E 80 19.42 -8.67 -32.84
N ILE E 81 18.82 -7.48 -32.68
CA ILE E 81 19.59 -6.20 -32.77
C ILE E 81 19.57 -5.48 -31.44
N ILE E 82 20.68 -4.84 -31.06
CA ILE E 82 20.67 -4.01 -29.84
C ILE E 82 20.76 -2.56 -30.28
N LEU E 83 19.70 -1.83 -30.01
CA LEU E 83 19.61 -0.48 -30.56
C LEU E 83 18.57 0.27 -29.78
N PRO E 84 19.01 1.29 -29.02
CA PRO E 84 20.39 1.70 -28.81
C PRO E 84 21.11 0.79 -27.82
N ALA E 85 22.36 0.49 -28.13
CA ALA E 85 23.23 -0.35 -27.31
C ALA E 85 24.05 0.52 -26.36
N THR E 86 23.76 0.47 -25.06
CA THR E 86 24.58 1.16 -24.09
C THR E 86 25.96 0.47 -23.90
N SER E 87 26.91 1.22 -23.35
CA SER E 87 28.21 0.71 -22.98
C SER E 87 28.09 -0.40 -21.96
N ASN E 88 27.26 -0.18 -20.93
CA ASN E 88 27.03 -1.24 -19.97
C ASN E 88 26.61 -2.53 -20.67
N THR E 89 25.64 -2.48 -21.56
CA THR E 89 25.14 -3.70 -22.15
C THR E 89 26.20 -4.31 -23.14
N ILE E 90 26.97 -3.47 -23.75
CA ILE E 90 28.01 -3.98 -24.64
C ILE E 90 29.02 -4.75 -23.77
N ASN E 91 29.47 -4.11 -22.68
CA ASN E 91 30.50 -4.65 -21.82
C ASN E 91 30.04 -5.87 -21.03
N LYS E 92 28.76 -5.99 -20.81
CA LYS E 92 28.24 -7.17 -20.12
C LYS E 92 28.15 -8.30 -21.14
N ILE E 93 27.72 -8.02 -22.36
CA ILE E 93 27.60 -9.10 -23.34
C ILE E 93 28.98 -9.70 -23.49
N ALA E 94 30.00 -8.85 -23.60
CA ALA E 94 31.36 -9.31 -23.97
C ALA E 94 31.96 -10.15 -22.87
N ASN E 95 31.41 -10.04 -21.65
CA ASN E 95 31.90 -10.79 -20.49
C ASN E 95 30.96 -11.90 -20.04
N GLY E 96 29.93 -12.18 -20.85
CA GLY E 96 28.99 -13.26 -20.63
C GLY E 96 28.04 -13.09 -19.48
N ILE E 97 27.93 -11.88 -19.00
CA ILE E 97 27.08 -11.57 -17.87
CA ILE E 97 27.09 -11.55 -17.87
C ILE E 97 25.68 -11.42 -18.43
N CYS E 98 24.70 -12.03 -17.74
CA CYS E 98 23.31 -11.93 -18.15
C CYS E 98 22.38 -12.03 -16.95
N ASP E 99 22.21 -10.90 -16.25
CA ASP E 99 21.38 -10.81 -15.02
C ASP E 99 20.00 -10.15 -15.31
N ASN E 100 19.73 -9.94 -16.58
CA ASN E 100 18.39 -9.67 -17.09
C ASN E 100 18.09 -10.51 -18.37
N LEU E 101 16.85 -10.46 -18.82
CA LEU E 101 16.39 -11.33 -19.85
C LEU E 101 16.96 -10.89 -21.19
N LEU E 102 17.05 -9.59 -21.42
CA LEU E 102 17.63 -9.09 -22.69
C LEU E 102 19.06 -9.59 -22.82
N LEU E 103 19.84 -9.50 -21.72
CA LEU E 103 21.26 -9.94 -21.75
C LEU E 103 21.35 -11.46 -21.98
N THR E 104 20.59 -12.23 -21.22
CA THR E 104 20.50 -13.62 -21.43
C THR E 104 20.13 -14.11 -22.85
N ILE E 105 19.11 -13.54 -23.45
CA ILE E 105 18.70 -13.88 -24.81
C ILE E 105 19.89 -13.63 -25.74
N CYS E 106 20.53 -12.48 -25.57
CA CYS E 106 21.69 -12.11 -26.39
C CYS E 106 22.89 -13.07 -26.16
N HIS E 107 23.09 -13.55 -24.92
CA HIS E 107 24.18 -14.51 -24.63
C HIS E 107 23.95 -15.81 -25.42
N THR E 108 22.67 -16.15 -25.61
CA THR E 108 22.30 -17.40 -26.28
C THR E 108 22.39 -17.34 -27.83
N ALA E 109 22.71 -16.18 -28.42
CA ALA E 109 22.59 -16.06 -29.86
C ALA E 109 23.50 -15.05 -30.49
N PHE E 110 24.78 -15.12 -30.16
CA PHE E 110 25.82 -14.29 -30.83
C PHE E 110 25.72 -14.29 -32.33
N GLU E 111 25.46 -15.45 -32.93
CA GLU E 111 25.46 -15.56 -34.40
C GLU E 111 24.30 -14.84 -35.06
N LYS E 112 23.28 -14.45 -34.28
CA LYS E 112 22.13 -13.70 -34.80
C LYS E 112 22.22 -12.21 -34.40
N LEU E 113 23.27 -11.80 -33.71
CA LEU E 113 23.32 -10.52 -32.96
C LEU E 113 24.04 -9.40 -33.72
N SER E 114 23.33 -8.29 -33.91
CA SER E 114 23.86 -7.02 -34.46
C SER E 114 23.81 -5.91 -33.37
N ILE E 115 24.92 -5.21 -33.12
CA ILE E 115 24.93 -4.22 -32.02
C ILE E 115 25.15 -2.81 -32.60
N PHE E 116 24.21 -1.89 -32.33
CA PHE E 116 24.33 -0.49 -32.72
C PHE E 116 24.69 0.37 -31.52
N PRO E 117 25.98 0.71 -31.40
CA PRO E 117 26.42 1.43 -30.22
C PRO E 117 25.92 2.88 -30.22
N ASN E 118 25.53 3.35 -29.04
CA ASN E 118 24.95 4.68 -28.81
C ASN E 118 25.41 5.16 -27.45
N MET E 119 26.31 6.15 -27.43
CA MET E 119 26.87 6.58 -26.16
C MET E 119 27.76 7.81 -26.34
N ASN E 120 28.06 8.44 -25.20
CA ASN E 120 29.06 9.47 -25.16
C ASN E 120 30.44 8.98 -25.66
N LEU E 121 31.17 9.86 -26.32
CA LEU E 121 32.49 9.54 -26.86
C LEU E 121 33.48 9.01 -25.79
N ARG E 122 33.50 9.67 -24.64
CA ARG E 122 34.32 9.19 -23.53
C ARG E 122 34.10 7.70 -23.18
N MET E 123 32.87 7.23 -23.32
CA MET E 123 32.55 5.83 -23.05
C MET E 123 33.00 4.93 -24.23
N TRP E 124 32.78 5.43 -25.44
CA TRP E 124 33.17 4.75 -26.65
C TRP E 124 34.72 4.58 -26.74
N GLU E 125 35.46 5.62 -26.36
CA GLU E 125 36.92 5.56 -26.31
C GLU E 125 37.47 4.99 -24.99
N ASN E 126 36.62 4.57 -24.08
CA ASN E 126 37.11 3.87 -22.90
C ASN E 126 37.90 2.61 -23.38
N PRO E 127 39.17 2.43 -22.95
CA PRO E 127 39.90 1.22 -23.37
C PRO E 127 39.20 -0.11 -23.04
N VAL E 128 38.54 -0.21 -21.89
CA VAL E 128 37.81 -1.45 -21.59
C VAL E 128 36.67 -1.67 -22.62
N THR E 129 35.93 -0.63 -22.99
CA THR E 129 34.86 -0.79 -23.99
C THR E 129 35.41 -1.21 -25.35
N GLN E 130 36.52 -0.61 -25.76
CA GLN E 130 37.13 -0.99 -27.01
C GLN E 130 37.64 -2.44 -27.01
N ASN E 131 38.27 -2.89 -25.94
CA ASN E 131 38.64 -4.29 -25.80
C ASN E 131 37.41 -5.15 -26.13
N ASN E 132 36.28 -4.79 -25.54
CA ASN E 132 35.10 -5.64 -25.55
C ASN E 132 34.45 -5.65 -26.94
N ILE E 133 34.45 -4.50 -27.61
CA ILE E 133 33.98 -4.44 -29.00
C ILE E 133 34.83 -5.38 -29.87
N ARG E 134 36.14 -5.33 -29.67
CA ARG E 134 37.06 -6.16 -30.46
C ARG E 134 36.80 -7.65 -30.26
N LEU E 135 36.54 -8.03 -29.00
CA LEU E 135 36.26 -9.42 -28.61
CA LEU E 135 36.23 -9.42 -28.58
C LEU E 135 34.98 -9.95 -29.24
N LEU E 136 33.94 -9.13 -29.25
CA LEU E 136 32.65 -9.51 -29.82
C LEU E 136 32.75 -9.71 -31.34
N LYS E 137 33.42 -8.80 -32.03
CA LYS E 137 33.66 -9.02 -33.44
C LYS E 137 34.35 -10.36 -33.62
N ASP E 138 35.41 -10.64 -32.84
CA ASP E 138 36.12 -11.96 -32.84
C ASP E 138 35.12 -13.11 -32.67
N TYR E 139 34.17 -12.97 -31.76
CA TYR E 139 33.22 -14.04 -31.47
C TYR E 139 31.96 -14.02 -32.33
N GLY E 140 32.00 -13.28 -33.44
CA GLY E 140 30.95 -13.35 -34.45
C GLY E 140 29.79 -12.37 -34.30
N VAL E 141 29.82 -11.48 -33.31
CA VAL E 141 28.79 -10.44 -33.21
C VAL E 141 29.16 -9.36 -34.23
N SER E 142 28.15 -8.85 -34.93
CA SER E 142 28.32 -7.74 -35.86
C SER E 142 28.17 -6.44 -35.10
N ILE E 143 29.08 -5.51 -35.35
CA ILE E 143 29.04 -4.20 -34.72
C ILE E 143 28.96 -3.13 -35.78
N TYR E 144 27.89 -2.34 -35.72
CA TYR E 144 27.66 -1.32 -36.73
C TYR E 144 28.81 -0.29 -36.66
N PRO E 145 29.41 0.05 -37.82
CA PRO E 145 30.44 1.09 -37.87
C PRO E 145 29.89 2.47 -37.47
N ALA E 146 29.66 2.66 -36.18
CA ALA E 146 29.07 3.91 -35.67
C ALA E 146 30.02 5.08 -35.95
N ASN E 147 29.49 6.16 -36.51
CA ASN E 147 30.21 7.42 -36.69
C ASN E 147 30.08 8.29 -35.45
N ILE E 148 31.13 9.10 -35.21
CA ILE E 148 31.11 10.08 -34.14
C ILE E 148 30.47 11.38 -34.66
N SER E 149 29.47 11.87 -33.92
CA SER E 149 28.77 13.09 -34.22
C SER E 149 28.89 14.05 -33.03
N GLU E 150 28.78 15.35 -33.29
CA GLU E 150 28.77 16.36 -32.25
C GLU E 150 27.50 17.18 -32.46
N SER E 151 26.76 17.38 -31.38
CA SER E 151 25.54 18.15 -31.47
C SER E 151 25.23 18.75 -30.11
N TYR E 152 24.42 19.81 -30.16
CA TYR E 152 24.01 20.53 -28.98
C TYR E 152 22.89 19.73 -28.31
N GLU E 153 23.04 19.54 -27.01
CA GLU E 153 22.09 18.75 -26.25
C GLU E 153 21.25 19.68 -25.39
N LEU E 154 19.97 19.86 -25.75
CA LEU E 154 19.05 20.73 -24.99
C LEU E 154 19.17 20.45 -23.48
N ALA E 155 19.20 19.18 -23.10
CA ALA E 155 19.13 18.80 -21.68
C ALA E 155 20.24 19.40 -20.81
N SER E 156 21.48 19.45 -21.33
CA SER E 156 22.61 20.07 -20.62
C SER E 156 22.89 21.55 -21.03
N LYS E 157 22.52 21.90 -22.26
CA LYS E 157 22.88 23.20 -22.84
C LYS E 157 24.39 23.26 -23.08
N THR E 158 24.92 22.12 -23.53
CA THR E 158 26.33 21.95 -23.91
C THR E 158 26.39 21.09 -25.17
N PHE E 159 27.38 21.34 -26.03
CA PHE E 159 27.71 20.45 -27.14
C PHE E 159 28.30 19.14 -26.59
N LYS E 160 27.78 18.00 -27.06
CA LYS E 160 28.27 16.69 -26.62
C LYS E 160 28.82 15.91 -27.82
N LYS E 161 29.85 15.09 -27.58
CA LYS E 161 30.34 14.17 -28.61
C LYS E 161 29.86 12.75 -28.32
N ASN E 162 29.27 12.16 -29.36
CA ASN E 162 28.54 10.92 -29.27
C ASN E 162 28.85 9.96 -30.40
N VAL E 163 28.74 8.66 -30.13
CA VAL E 163 28.42 7.69 -31.19
C VAL E 163 26.97 7.30 -30.97
N VAL E 164 26.25 7.20 -32.08
CA VAL E 164 24.81 7.25 -32.12
C VAL E 164 24.31 6.17 -33.06
N ALA E 165 23.11 5.66 -32.75
CA ALA E 165 22.44 4.69 -33.59
C ALA E 165 22.01 5.42 -34.85
N PRO E 166 22.24 4.81 -36.01
CA PRO E 166 22.03 5.44 -37.31
C PRO E 166 20.56 5.41 -37.75
N GLU E 167 20.27 6.03 -38.90
CA GLU E 167 18.90 6.14 -39.43
CA GLU E 167 18.88 6.13 -39.35
C GLU E 167 18.29 4.74 -39.62
N PRO E 168 16.94 4.61 -39.56
CA PRO E 168 16.28 3.30 -39.73
C PRO E 168 16.65 2.50 -41.00
N TYR E 169 16.49 3.08 -42.18
CA TYR E 169 16.88 2.38 -43.43
C TYR E 169 18.31 1.81 -43.34
N LYS E 170 19.19 2.52 -42.62
CA LYS E 170 20.59 2.16 -42.46
C LYS E 170 20.70 0.87 -41.62
N VAL E 171 19.80 0.72 -40.66
CA VAL E 171 19.73 -0.48 -39.81
C VAL E 171 19.27 -1.70 -40.63
N LEU E 172 18.31 -1.48 -41.53
CA LEU E 172 17.77 -2.53 -42.40
C LEU E 172 18.79 -3.11 -43.39
N GLU E 173 19.61 -2.24 -43.98
CA GLU E 173 20.66 -2.70 -44.88
C GLU E 173 21.84 -3.30 -44.11
N PHE E 174 21.91 -3.12 -42.79
CA PHE E 174 22.99 -3.74 -42.02
C PHE E 174 22.64 -5.15 -41.54
N ILE E 175 21.39 -5.37 -41.13
CA ILE E 175 20.96 -6.70 -40.68
C ILE E 175 20.23 -7.46 -41.81
N GLU F 6 36.79 24.02 -8.26
CA GLU F 6 37.57 22.77 -7.95
C GLU F 6 36.70 21.73 -7.20
N ASN F 7 36.19 20.72 -7.88
CA ASN F 7 35.17 19.83 -7.29
C ASN F 7 35.56 18.37 -7.17
N VAL F 8 35.21 17.77 -6.03
CA VAL F 8 35.42 16.33 -5.80
C VAL F 8 34.13 15.51 -5.59
N LEU F 9 34.03 14.36 -6.27
CA LEU F 9 32.95 13.38 -5.99
C LEU F 9 33.50 12.15 -5.24
N ILE F 10 32.87 11.83 -4.12
CA ILE F 10 33.16 10.61 -3.37
C ILE F 10 32.11 9.59 -3.76
N CYS F 11 32.54 8.44 -4.23
CA CYS F 11 31.64 7.35 -4.56
C CYS F 11 31.79 6.31 -3.48
N LEU F 12 30.71 6.04 -2.76
CA LEU F 12 30.68 5.06 -1.67
C LEU F 12 30.07 3.72 -2.10
N CYS F 13 30.71 2.63 -1.70
CA CYS F 13 30.24 1.28 -1.98
C CYS F 13 29.79 0.58 -0.71
N GLY F 14 29.44 -0.68 -0.83
CA GLY F 14 28.72 -1.41 0.23
C GLY F 14 29.68 -2.00 1.24
N SER F 15 30.26 -1.10 2.05
CA SER F 15 31.18 -1.45 3.13
C SER F 15 30.77 -0.74 4.43
N VAL F 16 31.04 -1.34 5.57
CA VAL F 16 30.75 -0.64 6.82
C VAL F 16 31.62 0.64 6.99
N ASN F 17 32.79 0.69 6.34
CA ASN F 17 33.65 1.89 6.37
C ASN F 17 33.03 3.10 5.68
N SER F 18 31.99 2.93 4.90
CA SER F 18 31.17 4.06 4.48
C SER F 18 30.63 4.89 5.63
N ILE F 19 30.36 4.31 6.81
CA ILE F 19 29.81 5.14 7.88
C ILE F 19 30.75 6.25 8.34
N ASN F 20 32.01 6.26 7.89
CA ASN F 20 32.90 7.30 8.38
C ASN F 20 33.17 8.38 7.34
N ILE F 21 32.38 8.37 6.27
CA ILE F 21 32.52 9.31 5.17
C ILE F 21 32.41 10.80 5.65
N SER F 22 31.69 11.04 6.74
CA SER F 22 31.62 12.34 7.36
C SER F 22 33.00 12.98 7.47
N HIS F 23 33.95 12.23 8.05
CA HIS F 23 35.31 12.74 8.26
C HIS F 23 36.04 13.08 6.95
N TYR F 24 35.75 12.34 5.89
CA TYR F 24 36.43 12.57 4.61
C TYR F 24 35.93 13.82 3.91
N ILE F 25 34.61 13.99 3.99
CA ILE F 25 33.92 15.16 3.44
C ILE F 25 34.46 16.43 4.10
N ILE F 26 34.52 16.39 5.43
CA ILE F 26 35.02 17.50 6.23
C ILE F 26 36.44 17.87 5.83
N GLU F 27 37.31 16.87 5.74
CA GLU F 27 38.67 17.09 5.30
C GLU F 27 38.68 17.62 3.86
N LEU F 28 37.97 16.97 2.95
CA LEU F 28 38.07 17.38 1.56
C LEU F 28 37.57 18.82 1.35
N LYS F 29 36.67 19.26 2.24
CA LYS F 29 36.12 20.61 2.16
C LYS F 29 37.12 21.72 2.44
N SER F 30 38.32 21.38 2.92
CA SER F 30 39.36 22.38 3.16
C SER F 30 40.13 22.65 1.89
N LYS F 31 39.93 21.84 0.85
CA LYS F 31 40.75 21.93 -0.36
C LYS F 31 39.95 22.09 -1.68
N PHE F 32 38.70 21.60 -1.69
CA PHE F 32 37.83 21.66 -2.88
C PHE F 32 36.62 22.57 -2.64
N ASP F 33 36.16 23.21 -3.71
CA ASP F 33 34.94 24.02 -3.68
C ASP F 33 33.81 23.12 -3.22
N GLU F 34 33.23 22.35 -4.12
CA GLU F 34 32.22 21.34 -3.73
C GLU F 34 32.79 19.94 -3.39
N VAL F 35 32.27 19.31 -2.34
CA VAL F 35 32.46 17.90 -2.09
C VAL F 35 31.08 17.23 -2.15
N ASN F 36 30.92 16.39 -3.18
CA ASN F 36 29.69 15.73 -3.51
C ASN F 36 29.79 14.22 -3.33
N VAL F 37 28.64 13.55 -3.25
CA VAL F 37 28.62 12.16 -2.89
C VAL F 37 27.58 11.40 -3.70
N ILE F 38 27.96 10.20 -4.12
CA ILE F 38 27.05 9.20 -4.66
C ILE F 38 27.37 7.84 -4.02
N ALA F 39 26.34 7.02 -3.84
CA ALA F 39 26.47 5.72 -3.26
C ALA F 39 26.08 4.72 -4.31
N SER F 40 26.64 3.53 -4.23
CA SER F 40 26.15 2.45 -5.07
C SER F 40 24.80 2.01 -4.51
N THR F 41 24.08 1.17 -5.27
CA THR F 41 22.74 0.70 -4.88
C THR F 41 22.90 -0.07 -3.62
N ASN F 42 23.94 -0.92 -3.62
CA ASN F 42 24.23 -1.75 -2.48
C ASN F 42 24.78 -0.93 -1.30
N GLY F 43 25.39 0.23 -1.58
CA GLY F 43 25.97 1.05 -0.50
C GLY F 43 24.93 1.88 0.23
N ARG F 44 23.77 2.07 -0.40
CA ARG F 44 22.74 2.98 0.16
C ARG F 44 22.33 2.53 1.56
N LYS F 45 22.26 1.23 1.73
CA LYS F 45 21.81 0.67 3.00
C LYS F 45 22.81 0.90 4.17
N PHE F 46 24.07 1.23 3.85
CA PHE F 46 25.10 1.48 4.86
C PHE F 46 25.18 2.96 5.34
N ILE F 47 24.42 3.87 4.72
CA ILE F 47 24.50 5.29 5.03
CA ILE F 47 24.49 5.30 5.00
C ILE F 47 23.11 5.92 5.14
N ASN F 48 23.08 7.16 5.58
CA ASN F 48 21.89 7.95 5.81
C ASN F 48 22.09 9.19 4.94
N GLY F 49 21.29 9.30 3.90
CA GLY F 49 21.41 10.41 2.98
C GLY F 49 21.19 11.75 3.65
N GLU F 50 20.29 11.85 4.63
CA GLU F 50 20.05 13.15 5.28
C GLU F 50 21.24 13.60 6.12
N ILE F 51 21.91 12.67 6.77
CA ILE F 51 23.18 12.96 7.41
C ILE F 51 24.27 13.32 6.38
N LEU F 52 24.32 12.63 5.27
CA LEU F 52 25.33 12.95 4.29
C LEU F 52 25.18 14.39 3.85
N LYS F 53 23.95 14.86 3.67
CA LYS F 53 23.68 16.22 3.24
C LYS F 53 23.95 17.30 4.32
N GLN F 54 24.18 16.92 5.58
CA GLN F 54 24.68 17.86 6.60
C GLN F 54 26.11 18.31 6.31
N PHE F 55 26.83 17.55 5.47
CA PHE F 55 28.26 17.82 5.20
C PHE F 55 28.65 18.00 3.71
N CYS F 56 28.15 17.18 2.80
CA CYS F 56 28.45 17.32 1.38
C CYS F 56 27.54 18.36 0.76
N ASP F 57 27.88 18.80 -0.45
CA ASP F 57 27.13 19.87 -1.15
C ASP F 57 25.98 19.30 -1.99
N ASN F 58 26.18 18.14 -2.57
CA ASN F 58 25.15 17.41 -3.27
C ASN F 58 25.29 15.94 -2.97
N TYR F 59 24.17 15.33 -2.63
CA TYR F 59 24.09 13.89 -2.52
C TYR F 59 23.28 13.37 -3.72
N TYR F 60 23.97 12.70 -4.66
CA TYR F 60 23.30 12.23 -5.90
C TYR F 60 22.59 10.90 -5.67
N ASP F 61 21.28 10.88 -5.90
CA ASP F 61 20.44 9.76 -5.49
C ASP F 61 19.62 9.25 -6.66
N GLU F 62 20.11 8.19 -7.27
CA GLU F 62 19.54 7.63 -8.50
C GLU F 62 18.06 7.21 -8.40
N PHE F 63 17.68 6.77 -7.20
CA PHE F 63 16.36 6.30 -6.91
C PHE F 63 15.39 7.47 -6.75
N GLU F 64 15.84 8.60 -6.20
CA GLU F 64 15.03 9.83 -6.13
CA GLU F 64 14.97 9.76 -6.14
C GLU F 64 14.92 10.50 -7.47
N ASP F 65 16.03 10.51 -8.22
CA ASP F 65 16.08 11.18 -9.51
CA ASP F 65 16.08 11.20 -9.53
C ASP F 65 16.69 10.22 -10.54
N PRO F 66 15.85 9.35 -11.16
CA PRO F 66 16.47 8.34 -12.00
C PRO F 66 17.11 8.87 -13.28
N PHE F 67 16.83 10.10 -13.68
CA PHE F 67 17.39 10.62 -14.94
C PHE F 67 18.61 11.55 -14.73
N LEU F 68 19.24 11.48 -13.56
CA LEU F 68 20.53 12.16 -13.34
C LEU F 68 21.52 11.77 -14.41
N ASN F 69 22.23 12.74 -14.95
CA ASN F 69 23.09 12.43 -16.07
C ASN F 69 24.56 12.15 -15.67
N HIS F 70 25.12 11.06 -16.16
CA HIS F 70 26.49 10.66 -15.85
C HIS F 70 27.58 11.54 -16.44
N VAL F 71 27.41 12.05 -17.68
CA VAL F 71 28.41 12.92 -18.29
C VAL F 71 28.46 14.29 -17.57
N ASP F 72 27.29 14.89 -17.34
CA ASP F 72 27.22 16.17 -16.70
C ASP F 72 27.79 16.06 -15.31
N ILE F 73 27.52 14.96 -14.60
CA ILE F 73 28.04 14.81 -13.24
C ILE F 73 29.56 14.59 -13.33
N ALA F 74 30.00 13.77 -14.27
CA ALA F 74 31.44 13.54 -14.48
C ALA F 74 32.23 14.82 -14.79
N ASN F 75 31.71 15.56 -15.77
CA ASN F 75 32.26 16.85 -16.22
C ASN F 75 32.37 17.90 -15.11
N LYS F 76 31.39 17.89 -14.21
CA LYS F 76 31.37 18.81 -13.08
C LYS F 76 32.56 18.61 -12.14
N HIS F 77 33.13 17.41 -12.07
CA HIS F 77 34.18 17.12 -11.11
C HIS F 77 35.57 17.03 -11.74
N ASP F 78 36.56 17.56 -11.03
CA ASP F 78 37.98 17.35 -11.38
C ASP F 78 38.57 16.04 -10.84
N LYS F 79 38.07 15.57 -9.72
CA LYS F 79 38.60 14.41 -9.06
C LYS F 79 37.39 13.58 -8.67
N ILE F 80 37.45 12.28 -8.94
CA ILE F 80 36.42 11.35 -8.51
C ILE F 80 37.13 10.23 -7.76
N ILE F 81 36.70 9.96 -6.52
CA ILE F 81 37.31 8.92 -5.69
C ILE F 81 36.28 7.86 -5.30
N ILE F 82 36.73 6.61 -5.13
CA ILE F 82 35.89 5.53 -4.68
C ILE F 82 36.44 5.14 -3.34
N LEU F 83 35.69 5.46 -2.31
CA LEU F 83 36.16 5.32 -0.96
C LEU F 83 34.92 5.10 -0.12
N PRO F 84 34.80 3.94 0.52
CA PRO F 84 35.57 2.72 0.31
C PRO F 84 35.14 2.01 -0.98
N ALA F 85 36.11 1.46 -1.73
CA ALA F 85 35.86 0.72 -2.94
C ALA F 85 35.78 -0.76 -2.58
N THR F 86 34.65 -1.36 -2.89
CA THR F 86 34.43 -2.81 -2.76
C THR F 86 35.14 -3.60 -3.84
N SER F 87 35.45 -4.87 -3.56
CA SER F 87 35.85 -5.75 -4.64
C SER F 87 34.88 -5.76 -5.83
N ASN F 88 33.56 -5.81 -5.56
CA ASN F 88 32.59 -5.78 -6.68
C ASN F 88 32.76 -4.59 -7.63
N THR F 89 32.81 -3.39 -7.04
CA THR F 89 32.81 -2.16 -7.80
C THR F 89 34.13 -2.04 -8.58
N ILE F 90 35.26 -2.37 -7.96
CA ILE F 90 36.55 -2.48 -8.66
C ILE F 90 36.46 -3.45 -9.86
N ASN F 91 35.96 -4.66 -9.63
CA ASN F 91 35.91 -5.62 -10.73
C ASN F 91 34.90 -5.27 -11.84
N LYS F 92 33.77 -4.64 -11.48
CA LYS F 92 32.85 -4.15 -12.46
C LYS F 92 33.48 -3.05 -13.32
N ILE F 93 34.18 -2.09 -12.65
CA ILE F 93 34.77 -0.97 -13.32
C ILE F 93 35.88 -1.47 -14.22
N ALA F 94 36.73 -2.38 -13.73
CA ALA F 94 37.71 -3.08 -14.58
C ALA F 94 37.12 -3.74 -15.83
N ASN F 95 35.90 -4.26 -15.73
CA ASN F 95 35.23 -4.86 -16.88
C ASN F 95 34.24 -3.96 -17.64
N GLY F 96 34.13 -2.69 -17.26
CA GLY F 96 33.28 -1.77 -18.02
C GLY F 96 31.81 -1.91 -17.64
N ILE F 97 31.52 -2.59 -16.54
CA ILE F 97 30.14 -2.85 -16.16
CA ILE F 97 30.14 -2.85 -16.17
C ILE F 97 29.65 -1.59 -15.48
N CYS F 98 28.55 -1.02 -15.96
CA CYS F 98 27.95 0.20 -15.38
C CYS F 98 26.42 0.12 -15.33
N ASP F 99 25.91 -0.69 -14.41
CA ASP F 99 24.49 -0.90 -14.26
C ASP F 99 23.86 -0.08 -13.12
N ASN F 100 24.65 0.86 -12.57
CA ASN F 100 24.13 1.92 -11.74
C ASN F 100 24.88 3.22 -12.03
N LEU F 101 24.38 4.30 -11.43
CA LEU F 101 24.91 5.65 -11.72
C LEU F 101 26.36 5.84 -11.29
N LEU F 102 26.72 5.42 -10.08
CA LEU F 102 28.11 5.52 -9.62
C LEU F 102 29.07 4.84 -10.59
N LEU F 103 28.74 3.62 -11.03
CA LEU F 103 29.65 2.88 -11.95
C LEU F 103 29.66 3.57 -13.32
N THR F 104 28.57 4.18 -13.73
CA THR F 104 28.51 4.82 -15.03
C THR F 104 29.28 6.12 -15.05
N ILE F 105 29.20 6.87 -13.94
CA ILE F 105 30.04 8.05 -13.76
C ILE F 105 31.52 7.64 -13.87
N CYS F 106 31.96 6.69 -13.05
CA CYS F 106 33.37 6.31 -13.09
C CYS F 106 33.81 5.81 -14.49
N HIS F 107 32.97 5.05 -15.19
CA HIS F 107 33.31 4.53 -16.56
C HIS F 107 33.70 5.64 -17.56
N THR F 108 33.12 6.81 -17.31
CA THR F 108 33.25 7.97 -18.15
C THR F 108 34.47 8.74 -17.81
N ALA F 109 35.09 8.42 -16.67
CA ALA F 109 36.12 9.32 -16.13
C ALA F 109 37.37 8.63 -15.60
N PHE F 110 37.91 7.69 -16.33
CA PHE F 110 39.11 7.00 -15.88
C PHE F 110 40.25 8.00 -15.52
N GLU F 111 40.40 9.06 -16.32
CA GLU F 111 41.52 10.05 -16.18
C GLU F 111 41.45 10.77 -14.84
N LYS F 112 40.27 10.78 -14.24
CA LYS F 112 39.97 11.55 -13.04
C LYS F 112 39.84 10.63 -11.81
N LEU F 113 40.03 9.32 -12.02
CA LEU F 113 39.53 8.33 -11.07
C LEU F 113 40.63 7.89 -10.07
N SER F 114 40.34 7.92 -8.76
CA SER F 114 41.25 7.36 -7.76
C SER F 114 40.52 6.33 -6.94
N ILE F 115 41.10 5.14 -6.71
CA ILE F 115 40.40 4.08 -6.03
C ILE F 115 41.04 3.73 -4.72
N PHE F 116 40.27 3.61 -3.64
CA PHE F 116 40.81 3.21 -2.35
C PHE F 116 40.20 1.89 -1.95
N PRO F 117 40.90 0.78 -2.26
CA PRO F 117 40.31 -0.52 -2.01
C PRO F 117 40.01 -0.73 -0.55
N ASN F 118 38.91 -1.42 -0.29
CA ASN F 118 38.50 -1.71 1.05
C ASN F 118 37.76 -3.05 1.06
N MET F 119 38.41 -4.09 1.56
CA MET F 119 37.88 -5.43 1.52
C MET F 119 38.67 -6.40 2.37
N ASN F 120 38.05 -7.53 2.70
CA ASN F 120 38.75 -8.68 3.22
C ASN F 120 39.92 -9.12 2.34
N LEU F 121 41.01 -9.51 3.00
CA LEU F 121 42.23 -10.02 2.32
C LEU F 121 42.02 -11.13 1.30
N ARG F 122 41.09 -12.07 1.60
CA ARG F 122 40.78 -13.14 0.64
C ARG F 122 40.20 -12.59 -0.66
N MET F 123 39.51 -11.44 -0.58
CA MET F 123 38.97 -10.76 -1.77
C MET F 123 40.04 -9.96 -2.50
N TRP F 124 40.82 -9.20 -1.73
CA TRP F 124 41.99 -8.50 -2.24
C TRP F 124 42.93 -9.50 -2.93
N GLU F 125 43.15 -10.66 -2.31
CA GLU F 125 44.04 -11.69 -2.87
C GLU F 125 43.48 -12.57 -3.98
N ASN F 126 42.17 -12.44 -4.27
CA ASN F 126 41.57 -13.13 -5.41
C ASN F 126 42.34 -12.78 -6.66
N PRO F 127 42.77 -13.78 -7.47
CA PRO F 127 43.54 -13.46 -8.67
C PRO F 127 42.80 -12.60 -9.68
N VAL F 128 41.49 -12.75 -9.71
CA VAL F 128 40.65 -11.95 -10.57
C VAL F 128 40.75 -10.48 -10.17
N THR F 129 40.52 -10.19 -8.89
CA THR F 129 40.69 -8.83 -8.37
C THR F 129 42.09 -8.28 -8.70
N GLN F 130 43.12 -9.05 -8.35
CA GLN F 130 44.52 -8.67 -8.62
C GLN F 130 44.72 -8.38 -10.10
N ASN F 131 44.22 -9.22 -11.00
CA ASN F 131 44.30 -8.94 -12.45
C ASN F 131 43.60 -7.63 -12.83
N ASN F 132 42.46 -7.36 -12.19
CA ASN F 132 41.65 -6.20 -12.56
C ASN F 132 42.29 -4.90 -12.07
N ILE F 133 42.89 -4.95 -10.89
CA ILE F 133 43.73 -3.85 -10.36
C ILE F 133 44.85 -3.43 -11.32
N ARG F 134 45.54 -4.42 -11.88
CA ARG F 134 46.65 -4.16 -12.79
CA ARG F 134 46.64 -4.20 -12.82
C ARG F 134 46.13 -3.58 -14.10
N LEU F 135 44.98 -4.07 -14.56
CA LEU F 135 44.32 -3.54 -15.74
C LEU F 135 43.96 -2.07 -15.51
N LEU F 136 43.35 -1.80 -14.36
CA LEU F 136 42.92 -0.46 -14.01
C LEU F 136 44.11 0.48 -13.93
N LYS F 137 45.24 -0.01 -13.45
CA LYS F 137 46.47 0.80 -13.43
C LYS F 137 47.00 1.01 -14.82
N ASP F 138 46.97 -0.03 -15.64
CA ASP F 138 47.43 0.09 -17.01
C ASP F 138 46.63 1.15 -17.76
N TYR F 139 45.34 1.30 -17.44
CA TYR F 139 44.51 2.27 -18.16
C TYR F 139 44.38 3.63 -17.47
N GLY F 140 45.25 3.91 -16.51
CA GLY F 140 45.43 5.26 -15.96
C GLY F 140 44.67 5.61 -14.70
N VAL F 141 44.01 4.63 -14.08
CA VAL F 141 43.30 4.85 -12.83
C VAL F 141 44.32 4.76 -11.69
N SER F 142 44.26 5.69 -10.76
CA SER F 142 45.17 5.63 -9.62
C SER F 142 44.54 4.77 -8.56
N ILE F 143 45.26 3.75 -8.10
CA ILE F 143 44.81 2.89 -7.01
C ILE F 143 45.67 3.13 -5.78
N TYR F 144 45.07 3.53 -4.66
CA TYR F 144 45.87 3.79 -3.46
C TYR F 144 46.65 2.55 -3.08
N PRO F 145 47.96 2.69 -2.79
CA PRO F 145 48.73 1.50 -2.39
C PRO F 145 48.40 1.17 -0.93
N ALA F 146 47.18 0.69 -0.72
CA ALA F 146 46.66 0.27 0.58
C ALA F 146 47.42 -0.95 1.07
N ASN F 147 47.70 -1.00 2.38
CA ASN F 147 48.37 -2.15 2.99
CA ASN F 147 48.37 -2.15 2.98
C ASN F 147 47.42 -3.01 3.82
N ILE F 148 47.83 -4.25 4.05
CA ILE F 148 47.02 -5.18 4.76
C ILE F 148 47.15 -4.83 6.22
N SER F 149 46.02 -4.87 6.91
CA SER F 149 45.92 -4.65 8.34
C SER F 149 45.03 -5.74 8.95
N GLU F 150 45.30 -6.10 10.20
CA GLU F 150 44.55 -7.14 10.91
C GLU F 150 44.00 -6.66 12.27
N SER F 151 42.68 -6.49 12.37
CA SER F 151 42.07 -6.08 13.64
C SER F 151 40.90 -6.93 14.07
N TYR F 152 40.63 -6.83 15.38
CA TYR F 152 39.44 -7.40 15.98
C TYR F 152 38.21 -6.72 15.35
N GLU F 153 37.32 -7.53 14.76
CA GLU F 153 36.01 -7.06 14.25
C GLU F 153 34.94 -7.40 15.30
N LEU F 154 34.33 -6.37 15.91
CA LEU F 154 33.30 -6.60 16.97
C LEU F 154 32.04 -7.39 16.50
N ALA F 155 31.69 -7.24 15.21
CA ALA F 155 30.49 -7.85 14.64
C ALA F 155 30.58 -9.40 14.55
N SER F 156 31.79 -9.92 14.27
CA SER F 156 32.05 -11.36 14.18
C SER F 156 32.72 -11.93 15.43
N LYS F 157 33.22 -11.06 16.28
CA LYS F 157 34.03 -11.50 17.43
C LYS F 157 35.26 -12.32 16.98
N THR F 158 35.88 -11.89 15.90
CA THR F 158 37.13 -12.51 15.45
C THR F 158 38.05 -11.44 14.84
N PHE F 159 39.32 -11.79 14.71
CA PHE F 159 40.31 -10.93 14.06
C PHE F 159 40.22 -11.10 12.57
N LYS F 160 40.32 -10.04 11.81
CA LYS F 160 40.13 -10.13 10.38
C LYS F 160 41.21 -9.36 9.72
N LYS F 161 41.63 -9.86 8.57
CA LYS F 161 42.61 -9.18 7.78
C LYS F 161 41.87 -8.55 6.64
N ASN F 162 42.17 -7.27 6.39
CA ASN F 162 41.58 -6.53 5.31
C ASN F 162 42.62 -5.61 4.77
N VAL F 163 42.32 -5.07 3.59
CA VAL F 163 42.92 -3.81 3.17
CA VAL F 163 42.93 -3.81 3.18
C VAL F 163 41.86 -2.76 3.41
N VAL F 164 42.27 -1.60 3.89
CA VAL F 164 41.34 -0.55 4.30
C VAL F 164 41.61 0.80 3.66
N ALA F 165 40.56 1.60 3.50
CA ALA F 165 40.72 2.97 3.06
C ALA F 165 41.62 3.70 4.07
N PRO F 166 42.53 4.55 3.55
CA PRO F 166 43.46 5.30 4.40
C PRO F 166 42.74 6.46 5.07
N GLU F 167 43.31 7.03 6.12
CA GLU F 167 42.64 8.11 6.83
C GLU F 167 42.50 9.32 5.89
N PRO F 168 41.60 10.26 6.20
CA PRO F 168 41.34 11.47 5.41
C PRO F 168 42.56 12.20 4.81
N TYR F 169 43.57 12.49 5.63
CA TYR F 169 44.72 13.27 5.16
C TYR F 169 45.46 12.49 4.10
N LYS F 170 45.63 11.19 4.33
CA LYS F 170 46.22 10.35 3.30
C LYS F 170 45.39 10.44 1.98
N VAL F 171 44.07 10.49 2.09
CA VAL F 171 43.27 10.74 0.89
C VAL F 171 43.60 12.08 0.18
N LEU F 172 43.64 13.18 0.93
CA LEU F 172 44.05 14.48 0.33
C LEU F 172 45.43 14.41 -0.30
N GLU F 173 46.38 13.76 0.35
CA GLU F 173 47.75 13.61 -0.16
C GLU F 173 47.77 12.82 -1.51
N PHE F 174 46.89 11.81 -1.61
CA PHE F 174 46.92 10.90 -2.77
C PHE F 174 46.35 11.46 -4.07
N ILE F 175 45.28 12.26 -3.98
CA ILE F 175 44.47 12.57 -5.17
C ILE F 175 44.93 13.86 -5.83
N GLU G 6 12.61 43.01 7.51
CA GLU G 6 12.43 42.13 8.72
C GLU G 6 11.38 40.95 8.54
N ASN G 7 11.66 39.78 9.12
CA ASN G 7 10.83 38.57 8.91
C ASN G 7 10.10 38.13 10.17
N VAL G 8 8.86 37.65 10.03
CA VAL G 8 8.10 37.06 11.17
C VAL G 8 7.75 35.62 10.89
N LEU G 9 7.71 34.80 11.94
CA LEU G 9 7.31 33.43 11.83
C LEU G 9 6.05 33.26 12.65
N ILE G 10 5.01 32.73 12.01
CA ILE G 10 3.82 32.31 12.70
C ILE G 10 3.83 30.81 13.00
N CYS G 11 3.57 30.49 14.26
CA CYS G 11 3.48 29.13 14.72
C CYS G 11 2.02 28.84 15.02
N LEU G 12 1.43 27.89 14.29
CA LEU G 12 0.01 27.57 14.38
C LEU G 12 -0.13 26.33 15.22
N CYS G 13 -1.04 26.31 16.20
CA CYS G 13 -1.28 25.12 16.99
C CYS G 13 -2.62 24.47 16.63
N GLY G 14 -2.96 23.39 17.31
CA GLY G 14 -4.17 22.64 17.00
C GLY G 14 -5.42 23.24 17.60
N SER G 15 -5.96 24.20 16.87
CA SER G 15 -7.17 24.95 17.26
C SER G 15 -7.92 25.31 15.99
N VAL G 16 -9.25 25.41 16.09
CA VAL G 16 -10.03 25.81 14.92
C VAL G 16 -9.69 27.23 14.48
N ASN G 17 -9.20 28.07 15.40
CA ASN G 17 -8.80 29.43 15.02
C ASN G 17 -7.60 29.47 14.04
N SER G 18 -6.89 28.36 13.83
CA SER G 18 -5.89 28.32 12.76
C SER G 18 -6.38 28.51 11.33
N ILE G 19 -7.68 28.33 11.10
CA ILE G 19 -8.19 28.44 9.74
C ILE G 19 -8.37 29.89 9.33
N ASN G 20 -8.25 30.81 10.29
CA ASN G 20 -8.24 32.25 10.02
C ASN G 20 -6.82 32.79 9.71
N ILE G 21 -5.80 31.93 9.75
CA ILE G 21 -4.41 32.38 9.61
C ILE G 21 -4.14 33.18 8.31
N SER G 22 -4.82 32.87 7.23
CA SER G 22 -4.57 33.62 5.99
C SER G 22 -4.81 35.16 6.16
N HIS G 23 -5.71 35.54 7.07
CA HIS G 23 -6.01 36.95 7.30
C HIS G 23 -4.85 37.65 8.02
N TYR G 24 -4.24 36.95 8.99
CA TYR G 24 -3.10 37.48 9.73
C TYR G 24 -1.91 37.53 8.80
N ILE G 25 -1.73 36.52 7.95
CA ILE G 25 -0.60 36.56 7.02
C ILE G 25 -0.73 37.81 6.13
N ILE G 26 -1.91 38.01 5.57
CA ILE G 26 -2.15 39.19 4.73
C ILE G 26 -1.74 40.46 5.46
N GLU G 27 -2.18 40.64 6.70
CA GLU G 27 -1.94 41.90 7.40
C GLU G 27 -0.47 42.05 7.83
N LEU G 28 0.16 40.96 8.27
CA LEU G 28 1.57 41.02 8.64
C LEU G 28 2.49 41.34 7.45
N LYS G 29 2.09 40.99 6.22
CA LYS G 29 2.85 41.39 5.02
C LYS G 29 2.94 42.90 4.85
N SER G 30 2.06 43.66 5.52
CA SER G 30 2.14 45.12 5.53
C SER G 30 3.36 45.62 6.33
N LYS G 31 3.74 44.89 7.39
CA LYS G 31 4.87 45.28 8.24
C LYS G 31 6.16 44.53 7.95
N PHE G 32 6.06 43.28 7.52
CA PHE G 32 7.23 42.37 7.49
C PHE G 32 7.60 41.97 6.06
N ASP G 33 8.89 41.77 5.80
CA ASP G 33 9.32 41.28 4.50
C ASP G 33 8.76 39.88 4.28
N GLU G 34 9.24 38.89 5.02
CA GLU G 34 8.68 37.54 4.91
C GLU G 34 7.75 37.28 6.05
N VAL G 35 6.59 36.68 5.75
CA VAL G 35 5.76 36.04 6.75
C VAL G 35 5.81 34.54 6.43
N ASN G 36 6.38 33.79 7.34
CA ASN G 36 6.59 32.34 7.18
C ASN G 36 5.76 31.66 8.25
N VAL G 37 5.51 30.35 8.06
CA VAL G 37 4.56 29.61 8.89
C VAL G 37 5.02 28.19 9.14
N ILE G 38 4.69 27.69 10.32
CA ILE G 38 4.93 26.34 10.71
C ILE G 38 3.76 25.91 11.60
N ALA G 39 3.34 24.66 11.56
CA ALA G 39 2.26 24.18 12.43
C ALA G 39 2.80 23.15 13.39
N SER G 40 2.15 22.95 14.53
CA SER G 40 2.52 21.87 15.42
C SER G 40 2.06 20.60 14.74
N THR G 41 2.55 19.46 15.20
CA THR G 41 2.12 18.21 14.60
C THR G 41 0.58 18.13 14.63
N ASN G 42 -0.02 18.39 15.78
CA ASN G 42 -1.47 18.27 15.96
C ASN G 42 -2.26 19.33 15.23
N GLY G 43 -1.57 20.41 14.87
CA GLY G 43 -2.14 21.53 14.19
C GLY G 43 -2.22 21.34 12.70
N ARG G 44 -1.40 20.46 12.18
CA ARG G 44 -1.42 20.08 10.74
C ARG G 44 -2.82 19.73 10.24
N LYS G 45 -3.61 19.02 11.06
CA LYS G 45 -4.96 18.59 10.63
C LYS G 45 -5.98 19.72 10.52
N PHE G 46 -5.70 20.90 11.10
CA PHE G 46 -6.61 22.03 11.00
C PHE G 46 -6.37 22.92 9.77
N ILE G 47 -5.30 22.70 9.02
CA ILE G 47 -4.90 23.62 7.97
C ILE G 47 -4.59 22.91 6.66
N ASN G 48 -4.25 23.68 5.64
CA ASN G 48 -4.03 23.13 4.31
C ASN G 48 -2.78 23.88 3.87
N GLY G 49 -1.65 23.21 3.90
CA GLY G 49 -0.37 23.83 3.62
C GLY G 49 -0.25 24.40 2.22
N GLU G 50 -1.03 23.91 1.29
CA GLU G 50 -0.96 24.47 -0.06
C GLU G 50 -1.72 25.80 -0.07
N ILE G 51 -2.82 25.89 0.69
CA ILE G 51 -3.55 27.12 0.83
C ILE G 51 -2.68 28.13 1.57
N LEU G 52 -1.99 27.71 2.62
CA LEU G 52 -1.07 28.58 3.34
C LEU G 52 -0.02 29.19 2.43
N LYS G 53 0.48 28.43 1.46
CA LYS G 53 1.52 28.94 0.55
C LYS G 53 1.03 29.91 -0.52
N GLN G 54 -0.28 30.06 -0.65
CA GLN G 54 -0.84 31.11 -1.49
C GLN G 54 -0.58 32.48 -0.84
N PHE G 55 -0.40 32.49 0.48
CA PHE G 55 -0.22 33.73 1.26
C PHE G 55 1.15 33.92 1.93
N CYS G 56 1.73 32.87 2.52
CA CYS G 56 3.06 32.97 3.15
C CYS G 56 4.16 32.76 2.14
N ASP G 57 5.36 33.10 2.58
CA ASP G 57 6.54 32.98 1.78
C ASP G 57 7.10 31.56 1.94
N ASN G 58 7.12 31.04 3.18
CA ASN G 58 7.60 29.70 3.47
C ASN G 58 6.70 29.02 4.45
N TYR G 59 6.34 27.79 4.12
CA TYR G 59 5.68 26.92 5.06
C TYR G 59 6.67 25.80 5.43
N TYR G 60 7.07 25.75 6.71
CA TYR G 60 8.01 24.77 7.19
C TYR G 60 7.21 23.55 7.57
N ASP G 61 7.56 22.42 6.98
CA ASP G 61 6.85 21.17 7.18
C ASP G 61 7.87 20.04 7.51
N GLU G 62 7.96 19.74 8.78
CA GLU G 62 8.88 18.76 9.36
C GLU G 62 8.63 17.35 8.79
N PHE G 63 7.38 17.05 8.45
CA PHE G 63 7.03 15.72 7.86
CA PHE G 63 7.05 15.74 7.87
C PHE G 63 7.60 15.61 6.44
N GLU G 64 7.52 16.65 5.68
CA GLU G 64 8.08 16.70 4.34
CA GLU G 64 8.09 16.63 4.35
C GLU G 64 9.60 16.80 4.35
N ASP G 65 10.14 17.49 5.35
CA ASP G 65 11.57 17.77 5.40
CA ASP G 65 11.58 17.78 5.40
C ASP G 65 12.05 17.63 6.85
N PRO G 66 12.34 16.39 7.28
CA PRO G 66 12.60 16.20 8.71
C PRO G 66 13.91 16.76 9.25
N PHE G 67 14.85 17.18 8.38
CA PHE G 67 16.08 17.74 8.87
C PHE G 67 16.11 19.27 8.91
N LEU G 68 14.92 19.89 8.91
CA LEU G 68 14.82 21.31 9.04
C LEU G 68 15.50 21.74 10.32
N ASN G 69 16.33 22.78 10.21
CA ASN G 69 17.09 23.25 11.38
C ASN G 69 16.47 24.44 12.12
N HIS G 70 16.12 24.18 13.37
CA HIS G 70 15.51 25.10 14.28
C HIS G 70 16.37 26.36 14.53
N VAL G 71 17.68 26.22 14.66
CA VAL G 71 18.54 27.37 14.92
C VAL G 71 18.52 28.26 13.67
N ASP G 72 18.59 27.64 12.50
CA ASP G 72 18.67 28.41 11.27
C ASP G 72 17.33 29.11 11.03
N ILE G 73 16.25 28.41 11.39
CA ILE G 73 14.92 28.97 11.21
C ILE G 73 14.73 30.13 12.19
N ALA G 74 15.00 29.90 13.48
CA ALA G 74 14.92 30.97 14.48
C ALA G 74 15.71 32.21 14.06
N ASN G 75 16.95 32.01 13.65
CA ASN G 75 17.91 33.11 13.38
C ASN G 75 17.47 33.99 12.22
N LYS G 76 16.72 33.40 11.32
CA LYS G 76 16.22 34.11 10.15
C LYS G 76 14.99 34.99 10.51
N HIS G 77 14.40 34.82 11.70
CA HIS G 77 13.24 35.65 12.06
C HIS G 77 13.55 36.66 13.19
N ASP G 78 13.02 37.86 13.03
CA ASP G 78 13.16 38.86 14.07
C ASP G 78 12.07 38.71 15.12
N LYS G 79 10.90 38.20 14.72
CA LYS G 79 9.80 37.99 15.64
C LYS G 79 9.25 36.58 15.39
N ILE G 80 8.93 35.87 16.46
CA ILE G 80 8.28 34.62 16.33
C ILE G 80 7.04 34.70 17.17
N ILE G 81 5.89 34.37 16.60
CA ILE G 81 4.64 34.40 17.34
C ILE G 81 3.95 33.02 17.35
N ILE G 82 3.29 32.68 18.46
CA ILE G 82 2.42 31.53 18.51
C ILE G 82 0.93 31.99 18.48
N LEU G 83 0.25 31.74 17.36
CA LEU G 83 -1.08 32.25 17.05
C LEU G 83 -1.84 31.26 16.15
N PRO G 84 -2.89 30.58 16.68
CA PRO G 84 -3.31 30.49 18.08
C PRO G 84 -2.41 29.62 18.93
N ALA G 85 -2.23 29.99 20.17
CA ALA G 85 -1.41 29.27 21.07
C ALA G 85 -2.37 28.43 21.90
N THR G 86 -2.20 27.11 21.78
CA THR G 86 -2.87 26.11 22.62
C THR G 86 -2.31 26.05 24.02
N SER G 87 -3.13 25.57 24.95
CA SER G 87 -2.66 25.27 26.28
C SER G 87 -1.45 24.32 26.26
N ASN G 88 -1.55 23.24 25.48
CA ASN G 88 -0.48 22.26 25.37
C ASN G 88 0.86 22.86 25.01
N THR G 89 0.85 23.68 23.95
CA THR G 89 2.05 24.28 23.49
C THR G 89 2.65 25.24 24.57
N ILE G 90 1.84 26.07 25.20
CA ILE G 90 2.28 26.98 26.27
C ILE G 90 2.94 26.21 27.44
N ASN G 91 2.29 25.15 27.86
CA ASN G 91 2.78 24.41 29.00
C ASN G 91 4.05 23.62 28.59
N LYS G 92 4.07 23.15 27.37
CA LYS G 92 5.29 22.53 26.90
C LYS G 92 6.44 23.54 26.82
N ILE G 93 6.17 24.74 26.29
CA ILE G 93 7.24 25.72 26.11
C ILE G 93 7.78 26.16 27.48
N ALA G 94 6.86 26.30 28.44
CA ALA G 94 7.21 26.65 29.82
C ALA G 94 8.11 25.63 30.51
N ASN G 95 8.02 24.37 30.09
CA ASN G 95 8.80 23.29 30.71
C ASN G 95 10.00 22.83 29.91
N GLY G 96 10.24 23.50 28.79
CA GLY G 96 11.38 23.21 27.95
C GLY G 96 11.18 22.05 27.02
N ILE G 97 9.94 21.55 26.88
CA ILE G 97 9.66 20.38 26.03
C ILE G 97 9.65 20.84 24.57
N CYS G 98 10.46 20.20 23.74
CA CYS G 98 10.48 20.50 22.31
C CYS G 98 10.65 19.21 21.52
N ASP G 99 9.53 18.52 21.37
CA ASP G 99 9.47 17.23 20.71
C ASP G 99 8.83 17.33 19.33
N ASN G 100 8.58 18.56 18.87
CA ASN G 100 8.41 18.84 17.45
C ASN G 100 9.22 20.08 17.04
N LEU G 101 9.25 20.37 15.76
CA LEU G 101 10.05 21.45 15.24
C LEU G 101 9.61 22.83 15.74
N LEU G 102 8.31 23.08 15.71
CA LEU G 102 7.77 24.33 16.18
C LEU G 102 8.25 24.64 17.61
N LEU G 103 8.14 23.64 18.47
CA LEU G 103 8.46 23.80 19.86
C LEU G 103 9.94 24.00 20.05
N THR G 104 10.73 23.35 19.19
CA THR G 104 12.19 23.48 19.27
C THR G 104 12.62 24.90 18.87
N ILE G 105 11.98 25.45 17.85
CA ILE G 105 12.27 26.79 17.35
C ILE G 105 12.00 27.78 18.49
N CYS G 106 10.85 27.63 19.13
CA CYS G 106 10.45 28.54 20.17
C CYS G 106 11.41 28.47 21.36
N HIS G 107 11.90 27.26 21.64
CA HIS G 107 12.85 27.04 22.74
C HIS G 107 14.14 27.82 22.53
N THR G 108 14.51 28.01 21.28
CA THR G 108 15.75 28.61 20.90
C THR G 108 15.68 30.14 20.95
N ALA G 109 14.49 30.69 21.10
CA ALA G 109 14.32 32.11 20.81
C ALA G 109 13.26 32.80 21.67
N PHE G 110 13.31 32.56 22.98
CA PHE G 110 12.42 33.23 23.93
C PHE G 110 12.35 34.78 23.77
N GLU G 111 13.52 35.41 23.63
CA GLU G 111 13.71 36.85 23.49
C GLU G 111 13.06 37.43 22.21
N LYS G 112 12.61 36.55 21.31
CA LYS G 112 11.89 36.95 20.10
C LYS G 112 10.42 36.50 20.13
N LEU G 113 9.97 35.91 21.24
CA LEU G 113 8.80 35.08 21.24
C LEU G 113 7.57 35.77 21.77
N SER G 114 6.49 35.78 21.00
CA SER G 114 5.20 36.35 21.45
C SER G 114 4.14 35.28 21.37
N ILE G 115 3.37 35.13 22.45
CA ILE G 115 2.30 34.11 22.50
C ILE G 115 0.90 34.73 22.57
N PHE G 116 -0.01 34.22 21.73
CA PHE G 116 -1.41 34.59 21.71
C PHE G 116 -2.33 33.44 22.19
N PRO G 117 -2.58 33.36 23.51
CA PRO G 117 -3.38 32.25 23.98
C PRO G 117 -4.76 32.14 23.31
N ASN G 118 -5.13 30.90 23.06
CA ASN G 118 -6.40 30.59 22.45
C ASN G 118 -6.85 29.22 22.97
N MET G 119 -7.85 29.26 23.85
CA MET G 119 -8.31 28.07 24.53
C MET G 119 -9.54 28.30 25.36
N ASN G 120 -10.21 27.20 25.66
CA ASN G 120 -11.34 27.21 26.59
C ASN G 120 -10.92 27.80 27.92
N LEU G 121 -11.82 28.58 28.52
CA LEU G 121 -11.57 29.19 29.84
C LEU G 121 -11.12 28.18 30.90
N ARG G 122 -11.72 27.00 30.91
CA ARG G 122 -11.30 25.95 31.88
C ARG G 122 -9.79 25.63 31.77
N MET G 123 -9.26 25.67 30.57
CA MET G 123 -7.85 25.36 30.37
C MET G 123 -7.01 26.59 30.73
N TRP G 124 -7.53 27.77 30.40
CA TRP G 124 -6.83 29.03 30.70
C TRP G 124 -6.72 29.23 32.19
N GLU G 125 -7.75 28.82 32.90
CA GLU G 125 -7.81 29.02 34.33
C GLU G 125 -7.21 27.87 35.10
N ASN G 126 -6.78 26.81 34.41
CA ASN G 126 -6.13 25.68 35.07
C ASN G 126 -4.89 26.24 35.82
N PRO G 127 -4.72 25.97 37.12
CA PRO G 127 -3.61 26.52 37.89
C PRO G 127 -2.23 26.33 37.28
N VAL G 128 -2.01 25.19 36.65
CA VAL G 128 -0.76 24.84 36.02
C VAL G 128 -0.47 25.76 34.83
N THR G 129 -1.48 25.99 33.98
CA THR G 129 -1.36 26.90 32.83
C THR G 129 -1.09 28.34 33.29
N GLN G 130 -1.74 28.73 34.38
CA GLN G 130 -1.52 30.09 34.89
CA GLN G 130 -1.56 30.07 34.96
C GLN G 130 -0.14 30.20 35.46
N ASN G 131 0.30 29.18 36.21
CA ASN G 131 1.70 29.10 36.68
C ASN G 131 2.69 29.21 35.53
N ASN G 132 2.42 28.46 34.47
CA ASN G 132 3.34 28.43 33.32
C ASN G 132 3.38 29.75 32.56
N ILE G 133 2.26 30.45 32.53
CA ILE G 133 2.16 31.77 31.88
C ILE G 133 3.02 32.76 32.65
N ARG G 134 2.97 32.65 33.98
CA ARG G 134 3.76 33.49 34.88
CA ARG G 134 3.76 33.51 34.88
C ARG G 134 5.26 33.30 34.66
N LEU G 135 5.65 32.02 34.55
CA LEU G 135 7.03 31.66 34.27
C LEU G 135 7.48 32.21 32.93
N LEU G 136 6.68 32.06 31.88
CA LEU G 136 7.08 32.56 30.56
C LEU G 136 7.39 34.06 30.63
N LYS G 137 6.51 34.81 31.28
CA LYS G 137 6.72 36.25 31.49
C LYS G 137 8.04 36.51 32.22
N ASP G 138 8.29 35.77 33.30
CA ASP G 138 9.59 35.88 34.02
C ASP G 138 10.79 35.61 33.10
N TYR G 139 10.64 34.73 32.12
CA TYR G 139 11.73 34.44 31.23
C TYR G 139 11.76 35.32 30.02
N GLY G 140 10.91 36.33 30.03
CA GLY G 140 10.92 37.35 29.00
C GLY G 140 10.15 37.07 27.71
N VAL G 141 9.26 36.07 27.71
CA VAL G 141 8.38 35.84 26.55
C VAL G 141 7.20 36.82 26.61
N SER G 142 6.89 37.48 25.51
CA SER G 142 5.68 38.32 25.49
C SER G 142 4.39 37.49 25.40
N ILE G 143 3.47 37.72 26.32
CA ILE G 143 2.16 37.04 26.35
C ILE G 143 1.14 38.10 26.06
N TYR G 144 0.34 37.91 25.02
CA TYR G 144 -0.77 38.82 24.69
C TYR G 144 -1.84 38.76 25.78
N PRO G 145 -2.35 39.94 26.22
CA PRO G 145 -3.40 39.99 27.19
C PRO G 145 -4.72 39.71 26.48
N ALA G 146 -4.94 38.44 26.20
CA ALA G 146 -6.14 38.00 25.54
C ALA G 146 -7.31 38.23 26.47
N ASN G 147 -8.40 38.73 25.87
CA ASN G 147 -9.67 38.94 26.55
CA ASN G 147 -9.64 38.91 26.63
C ASN G 147 -10.52 37.65 26.58
N ILE G 148 -11.29 37.47 27.67
CA ILE G 148 -12.22 36.36 27.84
C ILE G 148 -13.52 36.74 27.13
N SER G 149 -13.95 35.94 26.14
CA SER G 149 -15.27 36.10 25.48
C SER G 149 -16.12 34.83 25.60
N GLU G 150 -17.45 34.97 25.53
CA GLU G 150 -18.38 33.85 25.56
C GLU G 150 -19.24 33.97 24.31
N SER G 151 -19.11 33.02 23.39
CA SER G 151 -19.88 33.03 22.16
C SER G 151 -20.60 31.70 21.99
N TYR G 152 -21.54 31.68 21.04
CA TYR G 152 -22.26 30.47 20.67
C TYR G 152 -21.37 29.69 19.74
N GLU G 153 -21.13 28.43 20.06
CA GLU G 153 -20.33 27.57 19.19
C GLU G 153 -21.26 26.67 18.37
N LEU G 154 -21.20 26.82 17.04
CA LEU G 154 -22.00 26.03 16.12
C LEU G 154 -21.75 24.49 16.29
N ALA G 155 -20.47 24.12 16.46
CA ALA G 155 -20.07 22.72 16.51
C ALA G 155 -20.74 21.94 17.65
N SER G 156 -20.94 22.55 18.82
CA SER G 156 -21.58 21.88 19.98
C SER G 156 -23.02 22.36 20.26
N LYS G 157 -23.44 23.38 19.54
CA LYS G 157 -24.69 24.10 19.85
C LYS G 157 -24.82 24.54 21.32
N THR G 158 -23.72 25.06 21.85
CA THR G 158 -23.72 25.65 23.19
C THR G 158 -22.94 26.96 23.18
N PHE G 159 -23.07 27.70 24.26
CA PHE G 159 -22.20 28.84 24.53
C PHE G 159 -20.94 28.33 25.21
N LYS G 160 -19.79 28.85 24.81
CA LYS G 160 -18.49 28.52 25.46
C LYS G 160 -17.75 29.80 25.78
N LYS G 161 -17.00 29.77 26.89
CA LYS G 161 -16.11 30.88 27.27
C LYS G 161 -14.69 30.51 26.87
N ASN G 162 -14.02 31.44 26.16
CA ASN G 162 -12.67 31.27 25.60
C ASN G 162 -11.82 32.53 25.78
N VAL G 163 -10.50 32.36 25.90
CA VAL G 163 -9.59 33.44 25.52
C VAL G 163 -9.29 33.20 24.04
N VAL G 164 -9.18 34.25 23.23
CA VAL G 164 -9.02 34.04 21.81
C VAL G 164 -7.90 34.91 21.19
N ALA G 165 -7.37 34.43 20.07
CA ALA G 165 -6.45 35.21 19.26
C ALA G 165 -7.12 36.56 18.91
N PRO G 166 -6.37 37.67 19.08
CA PRO G 166 -6.98 38.96 18.77
C PRO G 166 -7.03 39.21 17.27
N GLU G 167 -7.80 40.23 16.88
CA GLU G 167 -7.82 40.62 15.47
C GLU G 167 -6.39 40.92 15.01
N PRO G 168 -6.14 40.76 13.70
CA PRO G 168 -4.84 40.98 13.11
C PRO G 168 -4.16 42.30 13.41
N TYR G 169 -4.90 43.39 13.43
CA TYR G 169 -4.26 44.67 13.66
C TYR G 169 -3.69 44.76 15.07
N LYS G 170 -4.28 44.04 16.02
CA LYS G 170 -3.75 44.00 17.40
CA LYS G 170 -3.75 44.01 17.39
C LYS G 170 -2.49 43.15 17.49
N VAL G 171 -2.39 42.12 16.66
CA VAL G 171 -1.16 41.33 16.61
C VAL G 171 -0.06 42.25 16.10
N LEU G 172 -0.35 43.07 15.07
CA LEU G 172 0.63 44.01 14.50
C LEU G 172 1.19 44.97 15.56
N GLU G 173 0.28 45.53 16.35
CA GLU G 173 0.67 46.46 17.39
C GLU G 173 1.44 45.82 18.55
N PHE G 174 1.30 44.52 18.76
CA PHE G 174 1.86 43.88 19.97
C PHE G 174 3.33 43.44 19.79
N ILE G 175 3.75 43.31 18.55
CA ILE G 175 5.08 42.78 18.25
C ILE G 175 5.88 43.78 17.37
N GLU H 6 29.66 -6.16 33.91
CA GLU H 6 29.11 -4.77 33.83
C GLU H 6 28.63 -4.34 32.41
N ASN H 7 27.36 -3.95 32.30
CA ASN H 7 26.73 -3.50 31.06
C ASN H 7 26.39 -2.00 31.11
N VAL H 8 26.54 -1.33 29.96
CA VAL H 8 26.23 0.08 29.80
C VAL H 8 25.19 0.24 28.68
N LEU H 9 24.19 1.10 28.86
CA LEU H 9 23.20 1.44 27.81
C LEU H 9 23.46 2.86 27.31
N ILE H 10 23.60 3.00 26.00
CA ILE H 10 23.71 4.30 25.36
C ILE H 10 22.33 4.71 24.76
N CYS H 11 21.85 5.88 25.17
CA CYS H 11 20.59 6.49 24.76
C CYS H 11 20.96 7.68 23.92
N LEU H 12 20.66 7.59 22.64
CA LEU H 12 20.98 8.67 21.74
C LEU H 12 19.69 9.46 21.41
N CYS H 13 19.84 10.79 21.29
CA CYS H 13 18.76 11.67 21.01
C CYS H 13 18.89 12.27 19.60
N GLY H 14 17.97 13.14 19.19
CA GLY H 14 17.95 13.63 17.81
C GLY H 14 18.93 14.76 17.58
N SER H 15 20.19 14.36 17.36
CA SER H 15 21.30 15.27 17.15
C SER H 15 22.23 14.70 16.07
N VAL H 16 22.80 15.53 15.21
CA VAL H 16 23.76 15.04 14.21
C VAL H 16 24.96 14.35 14.92
N ASN H 17 25.33 14.77 16.11
CA ASN H 17 26.38 14.05 16.84
C ASN H 17 26.14 12.57 17.15
N SER H 18 24.94 12.07 16.87
CA SER H 18 24.65 10.66 17.06
C SER H 18 25.30 9.79 16.00
N ILE H 19 25.71 10.40 14.89
CA ILE H 19 26.34 9.61 13.83
C ILE H 19 27.75 9.20 14.20
N ASN H 20 28.26 9.66 15.34
CA ASN H 20 29.59 9.27 15.80
C ASN H 20 29.51 8.23 16.94
N ILE H 21 28.35 7.63 17.14
CA ILE H 21 28.15 6.77 18.28
C ILE H 21 28.98 5.47 18.21
N SER H 22 29.34 5.06 17.01
CA SER H 22 30.12 3.84 16.85
C SER H 22 31.45 3.91 17.62
N HIS H 23 32.13 5.06 17.57
CA HIS H 23 33.38 5.28 18.32
C HIS H 23 33.16 5.17 19.81
N TYR H 24 32.04 5.70 20.29
CA TYR H 24 31.70 5.54 21.71
C TYR H 24 31.47 4.08 22.05
N ILE H 25 30.76 3.35 21.18
CA ILE H 25 30.52 1.93 21.43
C ILE H 25 31.83 1.17 21.47
N ILE H 26 32.69 1.39 20.47
CA ILE H 26 33.94 0.67 20.40
C ILE H 26 34.75 0.90 21.67
N GLU H 27 34.89 2.18 22.06
CA GLU H 27 35.70 2.51 23.23
C GLU H 27 35.06 1.97 24.50
N LEU H 28 33.74 2.00 24.58
CA LEU H 28 33.04 1.50 25.78
C LEU H 28 33.13 -0.04 25.92
N LYS H 29 33.28 -0.74 24.81
CA LYS H 29 33.43 -2.20 24.83
C LYS H 29 34.77 -2.65 25.44
N SER H 30 35.71 -1.71 25.59
CA SER H 30 36.98 -1.99 26.25
C SER H 30 36.77 -2.18 27.73
N LYS H 31 35.68 -1.66 28.28
CA LYS H 31 35.47 -1.65 29.72
C LYS H 31 34.17 -2.34 30.19
N PHE H 32 33.19 -2.51 29.32
CA PHE H 32 31.93 -3.14 29.69
C PHE H 32 31.76 -4.41 28.87
N ASP H 33 31.06 -5.41 29.40
CA ASP H 33 30.76 -6.63 28.62
C ASP H 33 29.83 -6.30 27.45
N GLU H 34 28.64 -5.84 27.76
CA GLU H 34 27.66 -5.44 26.76
C GLU H 34 27.61 -3.91 26.73
N VAL H 35 27.67 -3.40 25.52
CA VAL H 35 27.31 -2.05 25.21
C VAL H 35 26.04 -2.11 24.35
N ASN H 36 24.94 -1.64 24.92
CA ASN H 36 23.66 -1.58 24.24
C ASN H 36 23.24 -0.16 23.92
N VAL H 37 22.24 -0.06 23.07
CA VAL H 37 21.83 1.21 22.49
C VAL H 37 20.34 1.29 22.27
N ILE H 38 19.80 2.47 22.56
CA ILE H 38 18.43 2.84 22.26
C ILE H 38 18.43 4.28 21.79
N ALA H 39 17.54 4.56 20.86
CA ALA H 39 17.40 5.91 20.34
C ALA H 39 16.03 6.44 20.70
N SER H 40 15.92 7.77 20.75
CA SER H 40 14.64 8.43 20.85
C SER H 40 13.93 8.31 19.53
N THR H 41 12.60 8.46 19.57
CA THR H 41 11.82 8.44 18.39
C THR H 41 12.37 9.42 17.32
N ASN H 42 12.64 10.68 17.70
CA ASN H 42 13.20 11.68 16.75
C ASN H 42 14.66 11.38 16.48
N GLY H 43 15.32 10.71 17.42
CA GLY H 43 16.63 10.19 17.17
C GLY H 43 16.79 9.20 16.02
N ARG H 44 15.77 8.39 15.74
CA ARG H 44 15.92 7.26 14.87
C ARG H 44 16.35 7.70 13.49
N LYS H 45 15.88 8.84 13.04
CA LYS H 45 16.14 9.31 11.70
C LYS H 45 17.60 9.70 11.52
N PHE H 46 18.35 9.85 12.61
CA PHE H 46 19.74 10.28 12.55
C PHE H 46 20.70 9.11 12.49
N ILE H 47 20.23 7.91 12.83
CA ILE H 47 21.13 6.76 12.90
C ILE H 47 20.66 5.65 11.97
N ASN H 48 21.49 4.64 11.84
CA ASN H 48 21.26 3.49 10.92
C ASN H 48 21.36 2.27 11.86
N GLY H 49 20.20 1.71 12.14
CA GLY H 49 20.05 0.61 13.12
C GLY H 49 20.90 -0.63 12.85
N GLU H 50 21.07 -0.98 11.57
CA GLU H 50 21.89 -2.15 11.20
C GLU H 50 23.38 -1.90 11.37
N ILE H 51 23.79 -0.67 11.06
CA ILE H 51 25.13 -0.22 11.31
C ILE H 51 25.44 -0.26 12.79
N LEU H 52 24.48 0.10 13.65
CA LEU H 52 24.70 0.13 15.11
C LEU H 52 24.88 -1.28 15.66
N LYS H 53 24.21 -2.22 15.02
CA LYS H 53 24.29 -3.60 15.40
C LYS H 53 25.61 -4.29 15.03
N GLN H 54 26.34 -3.74 14.06
CA GLN H 54 27.73 -4.11 13.82
C GLN H 54 28.70 -3.89 15.00
N PHE H 55 28.36 -3.04 15.97
CA PHE H 55 29.25 -2.66 17.07
C PHE H 55 28.63 -2.93 18.45
N CYS H 56 27.36 -2.64 18.59
CA CYS H 56 26.70 -2.83 19.85
C CYS H 56 26.13 -4.24 19.92
N ASP H 57 25.79 -4.66 21.13
CA ASP H 57 25.35 -6.00 21.38
C ASP H 57 23.83 -6.11 21.21
N ASN H 58 23.06 -5.16 21.73
CA ASN H 58 21.63 -5.08 21.42
C ASN H 58 21.24 -3.69 21.08
N TYR H 59 20.47 -3.51 20.01
CA TYR H 59 19.89 -2.20 19.64
C TYR H 59 18.44 -2.28 19.95
N TYR H 60 18.00 -1.59 20.98
CA TYR H 60 16.60 -1.68 21.36
C TYR H 60 15.74 -0.71 20.55
N ASP H 61 14.79 -1.30 19.82
CA ASP H 61 13.93 -0.59 18.87
C ASP H 61 12.41 -0.81 19.13
N GLU H 62 11.74 0.11 19.82
CA GLU H 62 10.31 -0.11 20.17
C GLU H 62 9.33 -0.05 18.97
N PHE H 63 9.73 0.54 17.83
CA PHE H 63 8.92 0.49 16.62
CA PHE H 63 8.93 0.48 16.61
C PHE H 63 8.92 -0.97 16.13
N GLU H 64 10.08 -1.63 16.15
CA GLU H 64 10.14 -3.06 15.87
C GLU H 64 9.48 -3.90 16.95
N ASP H 65 9.71 -3.57 18.21
CA ASP H 65 9.17 -4.37 19.31
CA ASP H 65 9.24 -4.38 19.35
C ASP H 65 8.54 -3.47 20.39
N PRO H 66 7.26 -3.14 20.17
CA PRO H 66 6.61 -2.20 21.06
C PRO H 66 6.48 -2.62 22.56
N PHE H 67 6.56 -3.90 22.89
CA PHE H 67 6.39 -4.31 24.30
C PHE H 67 7.73 -4.49 25.02
N LEU H 68 8.80 -3.90 24.53
CA LEU H 68 10.05 -3.90 25.31
C LEU H 68 9.83 -3.23 26.65
N ASN H 69 10.23 -3.94 27.68
CA ASN H 69 9.97 -3.54 29.04
C ASN H 69 11.14 -2.72 29.63
N HIS H 70 10.86 -1.46 29.92
CA HIS H 70 11.81 -0.48 30.49
C HIS H 70 12.54 -0.91 31.78
N VAL H 71 11.84 -1.58 32.67
CA VAL H 71 12.37 -2.01 33.93
C VAL H 71 13.36 -3.14 33.76
N ASP H 72 13.11 -4.01 32.78
CA ASP H 72 13.98 -5.15 32.57
C ASP H 72 15.23 -4.69 31.86
N ILE H 73 15.07 -3.80 30.87
CA ILE H 73 16.23 -3.13 30.27
C ILE H 73 17.03 -2.26 31.28
N ALA H 74 16.31 -1.59 32.18
CA ALA H 74 16.98 -0.76 33.19
C ALA H 74 17.84 -1.63 34.11
N ASN H 75 17.26 -2.72 34.60
CA ASN H 75 17.92 -3.60 35.58
C ASN H 75 19.13 -4.33 34.99
N LYS H 76 19.04 -4.61 33.71
CA LYS H 76 20.09 -5.24 32.95
C LYS H 76 21.40 -4.42 32.94
N HIS H 77 21.29 -3.10 33.14
CA HIS H 77 22.45 -2.21 32.99
C HIS H 77 22.93 -1.54 34.28
N ASP H 78 24.24 -1.44 34.41
CA ASP H 78 24.85 -0.73 35.56
C ASP H 78 24.97 0.79 35.33
N LYS H 79 25.14 1.19 34.07
CA LYS H 79 25.26 2.60 33.73
CA LYS H 79 25.25 2.60 33.71
C LYS H 79 24.41 2.83 32.46
N ILE H 80 23.72 3.97 32.44
CA ILE H 80 22.87 4.38 31.35
C ILE H 80 23.37 5.78 31.09
N ILE H 81 23.79 6.06 29.86
CA ILE H 81 24.27 7.38 29.51
C ILE H 81 23.35 7.96 28.42
N ILE H 82 23.15 9.28 28.44
CA ILE H 82 22.48 9.91 27.33
C ILE H 82 23.51 10.69 26.59
N LEU H 83 23.74 10.34 25.33
CA LEU H 83 24.79 10.90 24.50
C LEU H 83 24.49 10.66 23.03
N PRO H 84 24.35 11.73 22.25
CA PRO H 84 24.25 13.14 22.64
C PRO H 84 22.93 13.40 23.34
N ALA H 85 22.90 14.22 24.39
CA ALA H 85 21.61 14.53 25.06
C ALA H 85 21.02 15.87 24.61
N THR H 86 19.91 15.80 23.88
CA THR H 86 19.14 16.97 23.42
C THR H 86 18.56 17.78 24.57
N SER H 87 18.25 19.04 24.33
CA SER H 87 17.55 19.84 25.35
C SER H 87 16.19 19.21 25.64
N ASN H 88 15.46 18.85 24.59
CA ASN H 88 14.19 18.17 24.78
C ASN H 88 14.21 17.03 25.83
N THR H 89 15.18 16.15 25.72
CA THR H 89 15.22 14.92 26.50
C THR H 89 15.58 15.21 27.93
N ILE H 90 16.51 16.15 28.10
CA ILE H 90 16.84 16.65 29.41
C ILE H 90 15.63 17.28 30.06
N ASN H 91 14.95 18.12 29.30
CA ASN H 91 13.79 18.80 29.89
C ASN H 91 12.62 17.86 30.14
N LYS H 92 12.41 16.84 29.30
CA LYS H 92 11.39 15.85 29.62
C LYS H 92 11.73 15.03 30.88
N ILE H 93 12.97 14.55 30.96
CA ILE H 93 13.38 13.72 32.08
C ILE H 93 13.29 14.51 33.40
N ALA H 94 13.71 15.78 33.36
CA ALA H 94 13.57 16.64 34.55
C ALA H 94 12.11 16.75 35.02
N ASN H 95 11.17 16.67 34.08
CA ASN H 95 9.74 16.72 34.40
C ASN H 95 8.99 15.41 34.54
N GLY H 96 9.68 14.29 34.35
CA GLY H 96 9.09 12.98 34.58
C GLY H 96 8.31 12.51 33.37
N ILE H 97 8.54 13.17 32.24
CA ILE H 97 7.80 12.90 31.06
C ILE H 97 8.51 11.72 30.42
N CYS H 98 7.77 10.65 30.12
CA CYS H 98 8.33 9.43 29.53
C CYS H 98 7.39 8.78 28.57
N ASP H 99 7.32 9.37 27.35
CA ASP H 99 6.36 9.02 26.33
C ASP H 99 6.94 8.26 25.11
N ASN H 100 8.22 7.92 25.23
CA ASN H 100 8.86 6.91 24.50
C ASN H 100 9.69 6.02 25.43
N LEU H 101 10.30 4.98 24.86
CA LEU H 101 10.95 3.93 25.67
C LEU H 101 12.26 4.41 26.35
N LEU H 102 13.15 5.02 25.57
CA LEU H 102 14.30 5.75 26.11
C LEU H 102 13.95 6.58 27.33
N LEU H 103 12.89 7.40 27.25
CA LEU H 103 12.53 8.24 28.38
C LEU H 103 12.05 7.44 29.56
N THR H 104 11.32 6.36 29.29
CA THR H 104 10.77 5.55 30.33
C THR H 104 11.90 4.80 31.04
N ILE H 105 12.89 4.34 30.29
CA ILE H 105 14.06 3.67 30.90
C ILE H 105 14.77 4.64 31.86
N CYS H 106 15.05 5.85 31.37
CA CYS H 106 15.89 6.79 32.10
C CYS H 106 15.14 7.23 33.37
N HIS H 107 13.80 7.37 33.25
CA HIS H 107 12.91 7.72 34.38
C HIS H 107 13.01 6.73 35.56
N THR H 108 13.33 5.47 35.27
CA THR H 108 13.35 4.35 36.26
C THR H 108 14.71 4.20 36.93
N ALA H 109 15.69 5.00 36.52
CA ALA H 109 17.07 4.74 36.87
C ALA H 109 17.88 6.02 37.01
N PHE H 110 17.35 7.02 37.72
CA PHE H 110 18.10 8.27 37.95
C PHE H 110 19.50 8.01 38.55
N GLU H 111 19.59 7.04 39.45
CA GLU H 111 20.82 6.76 40.17
C GLU H 111 21.90 6.14 39.26
N LYS H 112 21.55 5.67 38.07
CA LYS H 112 22.54 5.09 37.14
C LYS H 112 22.78 6.01 35.97
N LEU H 113 22.22 7.23 35.99
CA LEU H 113 22.14 8.03 34.78
C LEU H 113 23.23 9.10 34.69
N SER H 114 23.91 9.17 33.55
CA SER H 114 24.83 10.26 33.24
C SER H 114 24.38 10.94 31.92
N ILE H 115 24.39 12.28 31.90
CA ILE H 115 23.87 13.01 30.77
C ILE H 115 24.98 13.81 30.18
N PHE H 116 25.13 13.72 28.85
CA PHE H 116 26.09 14.52 28.11
C PHE H 116 25.39 15.46 27.22
N PRO H 117 25.16 16.70 27.69
CA PRO H 117 24.44 17.67 26.88
C PRO H 117 25.09 18.04 25.53
N ASN H 118 24.26 18.15 24.50
CA ASN H 118 24.69 18.49 23.16
C ASN H 118 23.62 19.36 22.57
N MET H 119 23.84 20.67 22.52
CA MET H 119 22.79 21.57 21.97
C MET H 119 23.40 22.94 21.71
N ASN H 120 22.71 23.75 20.93
CA ASN H 120 23.13 25.14 20.67
C ASN H 120 23.14 25.97 21.98
N LEU H 121 24.10 26.88 22.09
CA LEU H 121 24.21 27.85 23.21
CA LEU H 121 24.20 27.80 23.23
C LEU H 121 22.83 28.30 23.73
N ARG H 122 22.02 28.85 22.83
CA ARG H 122 20.72 29.39 23.20
C ARG H 122 19.78 28.45 23.89
N MET H 123 19.85 27.17 23.57
CA MET H 123 19.08 26.15 24.25
C MET H 123 19.70 25.81 25.58
N TRP H 124 21.02 25.65 25.57
CA TRP H 124 21.80 25.51 26.77
C TRP H 124 21.61 26.65 27.80
N GLU H 125 21.59 27.89 27.33
CA GLU H 125 21.38 29.08 28.17
C GLU H 125 19.91 29.38 28.46
N ASN H 126 18.99 28.64 27.84
CA ASN H 126 17.60 28.81 28.11
C ASN H 126 17.39 28.59 29.64
N PRO H 127 16.70 29.54 30.29
CA PRO H 127 16.64 29.40 31.73
C PRO H 127 15.93 28.14 32.20
N VAL H 128 14.98 27.60 31.42
CA VAL H 128 14.30 26.36 31.81
C VAL H 128 15.27 25.17 31.78
N THR H 129 16.03 25.06 30.69
CA THR H 129 17.05 24.07 30.56
C THR H 129 18.01 24.17 31.77
N GLN H 130 18.48 25.39 32.06
CA GLN H 130 19.39 25.55 33.16
C GLN H 130 18.73 25.22 34.51
N ASN H 131 17.49 25.61 34.75
CA ASN H 131 16.75 25.15 35.94
CA ASN H 131 16.75 25.15 35.95
C ASN H 131 16.65 23.62 36.04
N ASN H 132 16.30 22.98 34.95
CA ASN H 132 16.09 21.53 34.95
C ASN H 132 17.39 20.74 35.15
N ILE H 133 18.50 21.23 34.57
CA ILE H 133 19.82 20.66 34.79
CA ILE H 133 19.80 20.61 34.80
C ILE H 133 20.18 20.67 36.30
N ARG H 134 19.92 21.81 36.95
CA ARG H 134 20.01 21.94 38.41
C ARG H 134 19.16 20.94 39.15
N LEU H 135 17.92 20.83 38.73
CA LEU H 135 16.96 19.89 39.33
C LEU H 135 17.43 18.45 39.20
N LEU H 136 17.89 18.08 38.01
CA LEU H 136 18.33 16.71 37.82
C LEU H 136 19.52 16.42 38.74
N LYS H 137 20.48 17.33 38.83
CA LYS H 137 21.63 17.09 39.66
C LYS H 137 21.18 16.92 41.11
N ASP H 138 20.23 17.75 41.53
CA ASP H 138 19.69 17.62 42.87
C ASP H 138 19.06 16.23 43.09
N TYR H 139 18.51 15.62 42.05
CA TYR H 139 17.92 14.28 42.19
C TYR H 139 18.84 13.13 41.82
N GLY H 140 20.13 13.42 41.70
CA GLY H 140 21.15 12.39 41.68
C GLY H 140 21.58 12.00 40.28
N VAL H 141 21.06 12.68 39.28
CA VAL H 141 21.54 12.44 37.93
C VAL H 141 22.88 13.12 37.79
N SER H 142 23.77 12.52 37.02
CA SER H 142 25.12 13.00 36.84
C SER H 142 25.23 13.65 35.46
N ILE H 143 25.68 14.90 35.43
CA ILE H 143 25.62 15.71 34.22
C ILE H 143 27.03 16.18 33.86
N TYR H 144 27.42 15.95 32.62
CA TYR H 144 28.76 16.33 32.22
C TYR H 144 28.88 17.86 32.21
N PRO H 145 29.99 18.40 32.74
CA PRO H 145 30.14 19.84 32.73
C PRO H 145 30.68 20.33 31.38
N ALA H 146 29.85 20.29 30.36
CA ALA H 146 30.27 20.67 29.02
C ALA H 146 30.54 22.17 28.98
N ASN H 147 31.49 22.56 28.14
CA ASN H 147 31.83 23.97 27.95
C ASN H 147 31.35 24.38 26.60
N ILE H 148 30.95 25.64 26.46
CA ILE H 148 30.67 26.19 25.15
C ILE H 148 31.92 26.24 24.26
N SER H 149 31.80 25.62 23.09
CA SER H 149 32.80 25.68 22.05
C SER H 149 32.14 26.35 20.86
N GLU H 150 32.95 26.84 19.92
CA GLU H 150 32.45 27.42 18.66
C GLU H 150 33.15 26.77 17.44
N SER H 151 32.38 26.33 16.44
CA SER H 151 32.93 25.77 15.20
C SER H 151 32.13 26.12 13.96
N TYR H 152 32.79 25.99 12.82
CA TYR H 152 32.17 26.22 11.54
C TYR H 152 31.30 24.96 11.26
N GLU H 153 30.02 25.20 11.07
CA GLU H 153 29.04 24.17 10.75
C GLU H 153 28.80 24.18 9.23
N LEU H 154 29.17 23.10 8.56
CA LEU H 154 29.03 23.04 7.07
C LEU H 154 27.56 23.15 6.60
N ALA H 155 26.63 22.63 7.40
CA ALA H 155 25.24 22.56 6.96
C ALA H 155 24.66 23.96 6.78
N SER H 156 25.08 24.90 7.63
CA SER H 156 24.58 26.29 7.60
C SER H 156 25.54 27.30 7.01
N LYS H 157 26.77 26.86 6.73
CA LYS H 157 27.88 27.75 6.34
C LYS H 157 27.98 28.97 7.30
N THR H 158 27.84 28.73 8.61
CA THR H 158 28.02 29.73 9.66
C THR H 158 28.75 29.09 10.82
N PHE H 159 29.29 29.95 11.69
CA PHE H 159 29.88 29.55 12.96
C PHE H 159 28.77 29.43 13.96
N LYS H 160 28.79 28.34 14.71
CA LYS H 160 27.75 28.01 15.62
C LYS H 160 28.41 27.81 16.97
N LYS H 161 27.68 28.14 18.02
CA LYS H 161 28.17 27.95 19.35
C LYS H 161 27.35 26.89 19.98
N ASN H 162 28.02 25.85 20.47
CA ASN H 162 27.38 24.66 21.08
C ASN H 162 27.98 24.18 22.39
N VAL H 163 27.20 23.45 23.20
CA VAL H 163 27.84 22.46 24.09
C VAL H 163 27.79 21.15 23.31
N VAL H 164 28.90 20.41 23.29
CA VAL H 164 28.99 19.16 22.58
C VAL H 164 29.41 18.02 23.48
N ALA H 165 28.94 16.83 23.13
CA ALA H 165 29.41 15.55 23.69
C ALA H 165 30.93 15.49 23.72
N PRO H 166 31.48 15.09 24.85
CA PRO H 166 32.94 15.01 24.89
C PRO H 166 33.46 13.78 24.14
N GLU H 167 34.79 13.70 23.94
CA GLU H 167 35.39 12.54 23.32
C GLU H 167 35.17 11.27 24.18
N PRO H 168 35.15 10.07 23.54
CA PRO H 168 34.92 8.81 24.25
C PRO H 168 35.75 8.55 25.50
N TYR H 169 37.07 8.82 25.47
CA TYR H 169 37.90 8.69 26.66
C TYR H 169 37.33 9.52 27.83
N LYS H 170 36.88 10.74 27.55
CA LYS H 170 36.24 11.56 28.57
C LYS H 170 34.94 10.90 29.10
N VAL H 171 34.14 10.26 28.23
CA VAL H 171 32.95 9.52 28.70
C VAL H 171 33.32 8.38 29.67
N LEU H 172 34.31 7.56 29.27
CA LEU H 172 34.78 6.43 30.09
C LEU H 172 35.17 6.88 31.49
N GLU H 173 35.96 7.97 31.53
CA GLU H 173 36.41 8.69 32.73
C GLU H 173 35.26 9.19 33.64
N PHE H 174 34.21 9.72 33.03
CA PHE H 174 33.13 10.39 33.77
C PHE H 174 32.10 9.46 34.39
N ILE H 175 31.80 8.33 33.74
CA ILE H 175 30.70 7.49 34.23
C ILE H 175 31.20 6.56 35.34
N GLU I 6 -25.94 9.86 35.63
CA GLU I 6 -24.46 10.15 35.77
C GLU I 6 -23.52 9.32 34.89
N ASN I 7 -22.64 9.99 34.12
CA ASN I 7 -21.67 9.34 33.26
C ASN I 7 -20.22 9.37 33.78
N VAL I 8 -19.48 8.28 33.55
CA VAL I 8 -18.06 8.22 33.87
C VAL I 8 -17.21 7.95 32.64
N LEU I 9 -16.04 8.60 32.58
CA LEU I 9 -15.06 8.34 31.54
C LEU I 9 -13.84 7.66 32.18
N ILE I 10 -13.51 6.50 31.62
CA ILE I 10 -12.29 5.79 32.00
C ILE I 10 -11.20 6.10 30.98
N CYS I 11 -10.10 6.62 31.50
CA CYS I 11 -8.91 6.97 30.73
C CYS I 11 -7.85 5.89 30.99
N LEU I 12 -7.53 5.14 29.94
CA LEU I 12 -6.60 3.99 29.99
CA LEU I 12 -6.59 4.03 30.10
C LEU I 12 -5.24 4.33 29.48
N CYS I 13 -4.20 3.97 30.23
CA CYS I 13 -2.84 4.32 29.82
C CYS I 13 -2.01 3.10 29.39
N GLY I 14 -0.75 3.32 29.00
CA GLY I 14 0.10 2.23 28.52
C GLY I 14 0.66 1.29 29.57
N SER I 15 -0.22 0.48 30.15
CA SER I 15 0.11 -0.50 31.13
C SER I 15 -0.57 -1.82 30.74
N VAL I 16 0.04 -2.96 31.06
CA VAL I 16 -0.59 -4.31 30.97
C VAL I 16 -1.87 -4.41 31.76
N ASN I 17 -1.95 -3.73 32.91
CA ASN I 17 -3.21 -3.71 33.66
C ASN I 17 -4.41 -3.13 32.95
N SER I 18 -4.21 -2.46 31.82
CA SER I 18 -5.35 -2.04 31.03
C SER I 18 -6.15 -3.24 30.49
N ILE I 19 -5.54 -4.42 30.32
CA ILE I 19 -6.31 -5.56 29.82
C ILE I 19 -7.44 -6.03 30.75
N ASN I 20 -7.49 -5.58 32.00
CA ASN I 20 -8.61 -5.93 32.92
C ASN I 20 -9.78 -4.94 32.94
N ILE I 21 -9.75 -3.94 32.07
CA ILE I 21 -10.68 -2.85 32.20
C ILE I 21 -12.15 -3.27 32.01
N SER I 22 -12.39 -4.40 31.33
CA SER I 22 -13.75 -4.90 31.14
C SER I 22 -14.46 -5.11 32.49
N HIS I 23 -13.70 -5.54 33.49
CA HIS I 23 -14.23 -5.85 34.81
C HIS I 23 -14.59 -4.57 35.55
N TYR I 24 -13.94 -3.47 35.19
CA TYR I 24 -14.28 -2.18 35.73
C TYR I 24 -15.40 -1.53 34.92
N ILE I 25 -15.39 -1.66 33.59
CA ILE I 25 -16.55 -1.19 32.81
C ILE I 25 -17.75 -1.77 33.57
N ILE I 26 -17.72 -3.09 33.78
CA ILE I 26 -18.87 -3.85 34.25
C ILE I 26 -19.38 -3.35 35.59
N GLU I 27 -18.52 -3.23 36.59
CA GLU I 27 -18.96 -2.79 37.93
C GLU I 27 -19.46 -1.35 37.89
N LEU I 28 -18.87 -0.52 37.04
CA LEU I 28 -19.27 0.87 36.97
C LEU I 28 -20.61 1.06 36.29
N LYS I 29 -20.97 0.17 35.35
CA LYS I 29 -22.27 0.24 34.68
C LYS I 29 -23.42 -0.02 35.66
N SER I 30 -23.11 -0.59 36.81
CA SER I 30 -24.10 -0.79 37.86
C SER I 30 -24.54 0.50 38.53
N LYS I 31 -23.65 1.48 38.62
CA LYS I 31 -23.97 2.71 39.34
C LYS I 31 -23.86 4.00 38.50
N PHE I 32 -23.41 3.90 37.25
CA PHE I 32 -23.39 5.04 36.30
C PHE I 32 -24.23 4.72 35.06
N ASP I 33 -24.83 5.73 34.42
CA ASP I 33 -25.64 5.48 33.23
CA ASP I 33 -25.63 5.51 33.21
C ASP I 33 -24.71 5.16 32.05
N GLU I 34 -23.79 6.04 31.73
CA GLU I 34 -22.83 5.71 30.71
C GLU I 34 -21.46 5.51 31.33
N VAL I 35 -20.79 4.46 30.88
CA VAL I 35 -19.37 4.24 31.16
C VAL I 35 -18.70 4.30 29.81
N ASN I 36 -17.93 5.36 29.59
CA ASN I 36 -17.16 5.55 28.36
C ASN I 36 -15.65 5.35 28.62
N VAL I 37 -14.90 5.01 27.59
CA VAL I 37 -13.44 4.66 27.77
C VAL I 37 -12.64 5.46 26.73
N ILE I 38 -11.48 5.99 27.11
CA ILE I 38 -10.50 6.46 26.14
C ILE I 38 -9.11 5.88 26.49
N ALA I 39 -8.28 5.68 25.48
CA ALA I 39 -6.88 5.29 25.69
C ALA I 39 -5.87 6.39 25.23
N SER I 40 -4.66 6.39 25.83
CA SER I 40 -3.60 7.30 25.42
C SER I 40 -3.07 6.76 24.11
N THR I 41 -2.30 7.53 23.37
CA THR I 41 -1.74 6.95 22.14
C THR I 41 -1.01 5.64 22.49
N ASN I 42 -0.19 5.67 23.56
CA ASN I 42 0.67 4.52 23.84
C ASN I 42 -0.14 3.44 24.49
N GLY I 43 -1.39 3.74 24.79
CA GLY I 43 -2.28 2.76 25.43
C GLY I 43 -3.03 1.89 24.44
N ARG I 44 -3.21 2.39 23.23
CA ARG I 44 -4.01 1.73 22.22
C ARG I 44 -3.49 0.32 21.91
N LYS I 45 -2.18 0.09 22.00
CA LYS I 45 -1.60 -1.22 21.72
C LYS I 45 -1.82 -2.28 22.83
N PHE I 46 -2.19 -1.87 24.02
CA PHE I 46 -2.53 -2.77 25.15
C PHE I 46 -3.99 -3.24 25.12
N ILE I 47 -4.77 -2.67 24.20
CA ILE I 47 -6.22 -2.87 24.19
C ILE I 47 -6.80 -3.20 22.83
N ASN I 48 -8.03 -3.68 22.86
CA ASN I 48 -8.73 -4.04 21.64
C ASN I 48 -9.99 -3.18 21.61
N GLY I 49 -10.05 -2.23 20.69
CA GLY I 49 -11.15 -1.30 20.68
C GLY I 49 -12.50 -1.97 20.57
N GLU I 50 -12.58 -3.09 19.82
CA GLU I 50 -13.89 -3.72 19.57
CA GLU I 50 -13.88 -3.68 19.56
C GLU I 50 -14.31 -4.43 20.82
N ILE I 51 -13.37 -5.02 21.47
CA ILE I 51 -13.67 -5.69 22.74
C ILE I 51 -14.19 -4.69 23.82
N LEU I 52 -13.57 -3.51 23.94
CA LEU I 52 -14.10 -2.54 24.92
C LEU I 52 -15.54 -2.19 24.61
N LYS I 53 -15.83 -2.03 23.33
CA LYS I 53 -17.18 -1.67 22.87
C LYS I 53 -18.31 -2.70 23.17
N GLN I 54 -17.93 -3.92 23.62
CA GLN I 54 -18.83 -4.98 24.12
C GLN I 54 -19.32 -4.69 25.56
N PHE I 55 -18.69 -3.72 26.20
CA PHE I 55 -18.98 -3.36 27.57
C PHE I 55 -19.30 -1.85 27.77
N CYS I 56 -18.43 -0.96 27.31
CA CYS I 56 -18.59 0.48 27.51
C CYS I 56 -19.51 1.04 26.40
N ASP I 57 -20.01 2.24 26.60
CA ASP I 57 -21.04 2.76 25.76
C ASP I 57 -20.37 3.48 24.57
N ASN I 58 -19.29 4.21 24.83
CA ASN I 58 -18.65 4.95 23.76
C ASN I 58 -17.18 4.69 23.93
N TYR I 59 -16.48 4.39 22.85
CA TYR I 59 -15.01 4.38 22.86
C TYR I 59 -14.61 5.56 21.98
N TYR I 60 -14.02 6.59 22.60
CA TYR I 60 -13.42 7.71 21.87
C TYR I 60 -12.07 7.27 21.34
N ASP I 61 -11.88 7.48 20.05
CA ASP I 61 -10.69 7.04 19.39
C ASP I 61 -10.30 8.16 18.49
N GLU I 62 -9.31 8.92 18.92
CA GLU I 62 -8.97 10.12 18.21
C GLU I 62 -8.25 9.77 16.90
N PHE I 63 -7.69 8.57 16.79
CA PHE I 63 -7.12 8.11 15.51
CA PHE I 63 -7.14 8.10 15.52
C PHE I 63 -8.24 7.91 14.46
N GLU I 64 -9.38 7.39 14.88
CA GLU I 64 -10.53 7.20 13.97
CA GLU I 64 -10.52 7.20 13.98
C GLU I 64 -11.24 8.52 13.77
N ASP I 65 -11.39 9.30 14.84
CA ASP I 65 -12.05 10.63 14.75
CA ASP I 65 -12.08 10.60 14.76
C ASP I 65 -11.17 11.69 15.40
N PRO I 66 -10.26 12.26 14.60
CA PRO I 66 -9.26 13.21 15.14
C PRO I 66 -9.89 14.47 15.70
N PHE I 67 -11.11 14.79 15.26
CA PHE I 67 -11.69 16.03 15.65
C PHE I 67 -12.61 15.95 16.79
N LEU I 68 -12.52 14.90 17.56
CA LEU I 68 -13.28 14.81 18.80
C LEU I 68 -12.91 15.97 19.72
N ASN I 69 -13.92 16.61 20.29
CA ASN I 69 -13.74 17.76 21.14
C ASN I 69 -13.59 17.41 22.62
N HIS I 70 -12.44 17.80 23.18
CA HIS I 70 -12.15 17.61 24.60
C HIS I 70 -13.17 18.26 25.56
N VAL I 71 -13.66 19.45 25.22
CA VAL I 71 -14.55 20.17 26.14
C VAL I 71 -15.92 19.48 26.23
N ASP I 72 -16.46 19.17 25.07
CA ASP I 72 -17.69 18.42 24.95
C ASP I 72 -17.59 17.04 25.65
N ILE I 73 -16.46 16.33 25.55
CA ILE I 73 -16.35 15.05 26.22
C ILE I 73 -16.31 15.25 27.71
N ALA I 74 -15.50 16.20 28.15
CA ALA I 74 -15.37 16.53 29.56
C ALA I 74 -16.71 16.94 30.17
N ASN I 75 -17.41 17.83 29.50
CA ASN I 75 -18.72 18.29 29.97
C ASN I 75 -19.76 17.20 30.11
N LYS I 76 -19.72 16.19 29.23
CA LYS I 76 -20.66 15.04 29.27
C LYS I 76 -20.50 14.14 30.52
N HIS I 77 -19.39 14.26 31.25
CA HIS I 77 -19.06 13.31 32.29
C HIS I 77 -18.98 13.98 33.62
N ASP I 78 -19.54 13.36 34.64
CA ASP I 78 -19.46 13.87 35.99
C ASP I 78 -18.16 13.41 36.64
N LYS I 79 -17.66 12.25 36.22
CA LYS I 79 -16.41 11.68 36.73
C LYS I 79 -15.54 11.31 35.60
N ILE I 80 -14.23 11.53 35.77
CA ILE I 80 -13.21 11.12 34.81
C ILE I 80 -12.12 10.48 35.64
N ILE I 81 -11.74 9.25 35.30
CA ILE I 81 -10.69 8.53 36.01
C ILE I 81 -9.59 8.11 35.05
N ILE I 82 -8.37 8.04 35.57
CA ILE I 82 -7.22 7.45 34.88
C ILE I 82 -6.95 6.16 35.59
N LEU I 83 -7.16 5.07 34.87
CA LEU I 83 -7.06 3.74 35.45
C LEU I 83 -6.79 2.76 34.35
N PRO I 84 -5.58 2.16 34.34
CA PRO I 84 -4.47 2.46 35.21
C PRO I 84 -3.76 3.70 34.75
N ALA I 85 -3.27 4.46 35.71
CA ALA I 85 -2.47 5.67 35.43
C ALA I 85 -0.97 5.41 35.51
N THR I 86 -0.30 5.67 34.38
CA THR I 86 1.13 5.61 34.27
C THR I 86 1.83 6.86 34.81
N SER I 87 3.10 6.67 35.14
CA SER I 87 3.95 7.77 35.56
C SER I 87 3.97 8.85 34.48
N ASN I 88 4.21 8.46 33.25
CA ASN I 88 4.17 9.46 32.21
C ASN I 88 2.93 10.33 32.20
N THR I 89 1.75 9.74 32.33
CA THR I 89 0.50 10.50 32.17
C THR I 89 0.31 11.40 33.38
N ILE I 90 0.63 10.87 34.56
CA ILE I 90 0.57 11.67 35.77
C ILE I 90 1.46 12.92 35.68
N ASN I 91 2.68 12.73 35.20
CA ASN I 91 3.67 13.79 35.16
C ASN I 91 3.37 14.79 34.02
N LYS I 92 2.84 14.30 32.88
CA LYS I 92 2.27 15.22 31.86
C LYS I 92 1.12 16.07 32.44
N ILE I 93 0.18 15.44 33.11
CA ILE I 93 -0.99 16.17 33.55
C ILE I 93 -0.55 17.27 34.58
N ALA I 94 0.41 16.90 35.42
CA ALA I 94 0.89 17.77 36.49
C ALA I 94 1.57 19.01 35.93
N ASN I 95 2.06 18.91 34.68
CA ASN I 95 2.75 20.00 34.03
C ASN I 95 1.93 20.64 32.93
N GLY I 96 0.67 20.21 32.82
CA GLY I 96 -0.26 20.72 31.83
C GLY I 96 0.00 20.29 30.42
N ILE I 97 0.73 19.18 30.22
CA ILE I 97 1.07 18.70 28.90
C ILE I 97 -0.14 17.96 28.31
N CYS I 98 -0.52 18.28 27.07
CA CYS I 98 -1.66 17.59 26.50
C CYS I 98 -1.60 17.52 25.00
N ASP I 99 -0.75 16.60 24.53
CA ASP I 99 -0.51 16.38 23.14
C ASP I 99 -1.25 15.13 22.65
N ASN I 100 -2.20 14.64 23.44
CA ASN I 100 -3.23 13.71 22.94
C ASN I 100 -4.59 13.98 23.63
N LEU I 101 -5.66 13.41 23.06
CA LEU I 101 -7.01 13.75 23.52
CA LEU I 101 -7.02 13.74 23.51
C LEU I 101 -7.24 13.35 24.97
N LEU I 102 -6.79 12.18 25.35
CA LEU I 102 -7.05 11.81 26.79
C LEU I 102 -6.48 12.88 27.75
N LEU I 103 -5.32 13.44 27.40
CA LEU I 103 -4.58 14.31 28.33
C LEU I 103 -5.27 15.67 28.34
N THR I 104 -5.78 16.04 27.16
CA THR I 104 -6.52 17.28 27.02
C THR I 104 -7.86 17.31 27.77
N ILE I 105 -8.56 16.20 27.75
CA ILE I 105 -9.81 16.05 28.48
C ILE I 105 -9.51 16.27 29.95
N CYS I 106 -8.57 15.51 30.46
CA CYS I 106 -8.10 15.60 31.85
C CYS I 106 -7.64 17.05 32.26
N HIS I 107 -6.94 17.73 31.36
CA HIS I 107 -6.51 19.10 31.56
C HIS I 107 -7.68 20.08 31.69
N THR I 108 -8.82 19.72 31.11
CA THR I 108 -9.99 20.57 31.16
C THR I 108 -10.80 20.33 32.43
N ALA I 109 -10.43 19.35 33.26
CA ALA I 109 -11.42 18.88 34.25
C ALA I 109 -10.81 18.35 35.50
N PHE I 110 -9.86 19.07 36.08
CA PHE I 110 -9.20 18.68 37.32
C PHE I 110 -10.21 18.39 38.44
N GLU I 111 -11.28 19.15 38.51
CA GLU I 111 -12.25 19.03 39.60
C GLU I 111 -13.09 17.73 39.54
N LYS I 112 -13.15 17.12 38.35
CA LYS I 112 -13.86 15.87 38.15
C LYS I 112 -12.87 14.67 38.17
N LEU I 113 -11.59 14.94 38.36
CA LEU I 113 -10.54 13.97 38.03
C LEU I 113 -10.04 13.13 39.21
N SER I 114 -9.94 11.82 38.97
CA SER I 114 -9.36 10.85 39.91
C SER I 114 -8.33 10.02 39.18
N ILE I 115 -7.22 9.77 39.84
CA ILE I 115 -6.11 9.03 39.26
C ILE I 115 -5.83 7.82 40.12
N PHE I 116 -5.65 6.68 39.46
CA PHE I 116 -5.32 5.39 40.08
C PHE I 116 -3.92 4.97 39.63
N PRO I 117 -2.88 5.39 40.40
CA PRO I 117 -1.49 5.07 40.09
C PRO I 117 -1.25 3.58 39.93
N ASN I 118 -0.59 3.25 38.82
CA ASN I 118 -0.21 1.90 38.49
C ASN I 118 1.19 1.90 37.85
N MET I 119 2.22 1.53 38.60
CA MET I 119 3.56 1.57 38.02
C MET I 119 4.54 0.81 38.88
N ASN I 120 5.72 0.56 38.33
CA ASN I 120 6.82 0.03 39.12
C ASN I 120 7.28 0.98 40.23
N LEU I 121 7.68 0.44 41.37
CA LEU I 121 8.09 1.25 42.52
C LEU I 121 9.18 2.30 42.19
N ARG I 122 10.20 1.94 41.41
CA ARG I 122 11.24 2.91 41.05
C ARG I 122 10.63 4.15 40.41
N MET I 123 9.51 3.99 39.72
CA MET I 123 8.90 5.14 39.04
C MET I 123 8.02 5.91 39.98
N TRP I 124 7.33 5.18 40.86
CA TRP I 124 6.49 5.77 41.89
C TRP I 124 7.31 6.58 42.90
N GLU I 125 8.50 6.09 43.21
CA GLU I 125 9.36 6.72 44.19
C GLU I 125 10.36 7.69 43.58
N ASN I 126 10.24 7.93 42.28
CA ASN I 126 11.03 8.95 41.62
C ASN I 126 10.67 10.34 42.18
N PRO I 127 11.68 11.16 42.51
CA PRO I 127 11.37 12.45 43.12
C PRO I 127 10.41 13.31 42.32
N VAL I 128 10.60 13.36 40.99
CA VAL I 128 9.74 14.14 40.12
C VAL I 128 8.30 13.65 40.15
N THR I 129 8.10 12.34 40.18
CA THR I 129 6.75 11.77 40.26
C THR I 129 6.04 12.14 41.58
N GLN I 130 6.73 11.95 42.71
CA GLN I 130 6.19 12.28 44.03
CA GLN I 130 6.16 12.28 44.03
C GLN I 130 5.75 13.75 44.14
N ASN I 131 6.61 14.66 43.65
CA ASN I 131 6.36 16.10 43.71
C ASN I 131 5.14 16.41 42.86
N ASN I 132 5.12 15.85 41.65
CA ASN I 132 4.00 16.04 40.77
C ASN I 132 2.71 15.48 41.34
N ILE I 133 2.78 14.34 42.02
CA ILE I 133 1.58 13.84 42.70
C ILE I 133 1.11 14.82 43.78
N ARG I 134 2.04 15.52 44.40
CA ARG I 134 1.67 16.48 45.44
C ARG I 134 1.11 17.76 44.78
N LEU I 135 1.70 18.22 43.67
CA LEU I 135 1.10 19.35 42.95
C LEU I 135 -0.38 19.05 42.66
N LEU I 136 -0.63 17.89 42.04
CA LEU I 136 -1.98 17.48 41.69
C LEU I 136 -2.94 17.44 42.90
N LYS I 137 -2.53 16.83 44.01
CA LYS I 137 -3.36 16.85 45.22
C LYS I 137 -3.63 18.33 45.54
N ASP I 138 -2.59 19.16 45.51
CA ASP I 138 -2.76 20.59 45.79
C ASP I 138 -3.76 21.28 44.88
N TYR I 139 -3.85 20.82 43.63
CA TYR I 139 -4.71 21.44 42.62
C TYR I 139 -6.12 20.83 42.52
N GLY I 140 -6.49 20.00 43.51
CA GLY I 140 -7.86 19.47 43.60
C GLY I 140 -8.13 18.07 43.05
N VAL I 141 -7.11 17.44 42.48
CA VAL I 141 -7.24 16.13 41.85
C VAL I 141 -7.10 15.12 42.97
N SER I 142 -7.93 14.09 42.91
CA SER I 142 -7.95 13.00 43.84
C SER I 142 -6.98 11.93 43.38
N ILE I 143 -6.16 11.41 44.30
CA ILE I 143 -5.27 10.30 44.04
C ILE I 143 -5.61 9.16 44.95
N TYR I 144 -5.85 7.99 44.39
CA TYR I 144 -6.10 6.80 45.21
C TYR I 144 -4.83 6.50 46.04
N PRO I 145 -4.97 6.30 47.37
CA PRO I 145 -3.78 5.91 48.14
C PRO I 145 -3.38 4.45 47.78
N ALA I 146 -2.66 4.33 46.65
CA ALA I 146 -2.22 3.02 46.15
C ALA I 146 -1.29 2.33 47.16
N ASN I 147 -1.67 1.12 47.56
CA ASN I 147 -0.81 0.25 48.35
C ASN I 147 0.42 -0.16 47.49
N ILE I 148 1.54 -0.44 48.16
CA ILE I 148 2.70 -1.03 47.50
C ILE I 148 2.61 -2.54 47.62
N SER I 149 2.39 -3.20 46.50
CA SER I 149 2.37 -4.65 46.40
C SER I 149 3.67 -5.18 45.77
N GLU I 150 3.91 -6.47 45.93
CA GLU I 150 4.99 -7.16 45.23
C GLU I 150 4.41 -8.43 44.63
N SER I 151 4.88 -8.80 43.45
CA SER I 151 4.36 -9.99 42.77
C SER I 151 5.27 -10.53 41.68
N TYR I 152 5.16 -11.85 41.49
CA TYR I 152 5.86 -12.56 40.43
C TYR I 152 5.28 -12.10 39.09
N GLU I 153 6.16 -11.56 38.24
CA GLU I 153 5.84 -11.18 36.87
C GLU I 153 6.29 -12.27 35.88
N LEU I 154 5.33 -12.87 35.19
CA LEU I 154 5.58 -13.97 34.25
CA LEU I 154 5.60 -13.96 34.26
C LEU I 154 6.48 -13.52 33.09
N ALA I 155 6.25 -12.31 32.57
CA ALA I 155 6.97 -11.81 31.40
C ALA I 155 8.48 -11.70 31.58
N SER I 156 8.91 -11.40 32.80
CA SER I 156 10.34 -11.29 33.17
C SER I 156 10.91 -12.45 34.01
N LYS I 157 10.02 -13.27 34.57
CA LYS I 157 10.41 -14.33 35.53
C LYS I 157 11.18 -13.77 36.74
N THR I 158 10.72 -12.62 37.24
CA THR I 158 11.24 -11.96 38.45
C THR I 158 10.09 -11.40 39.28
N PHE I 159 10.36 -11.15 40.56
CA PHE I 159 9.45 -10.39 41.41
C PHE I 159 9.64 -8.92 41.14
N LYS I 160 8.53 -8.21 40.98
CA LYS I 160 8.53 -6.77 40.76
C LYS I 160 7.72 -6.10 41.86
N LYS I 161 8.18 -4.92 42.30
CA LYS I 161 7.42 -4.14 43.27
C LYS I 161 6.70 -3.05 42.52
N ASN I 162 5.44 -2.82 42.91
CA ASN I 162 4.52 -1.95 42.15
C ASN I 162 3.55 -1.25 43.06
N VAL I 163 3.05 -0.12 42.59
CA VAL I 163 1.74 0.34 43.03
C VAL I 163 0.78 0.02 41.90
N VAL I 164 -0.39 -0.50 42.24
CA VAL I 164 -1.33 -0.93 41.21
C VAL I 164 -2.72 -0.41 41.45
N ALA I 165 -3.41 -0.21 40.33
CA ALA I 165 -4.84 -0.01 40.25
C ALA I 165 -5.56 -0.98 41.20
N PRO I 166 -6.44 -0.48 42.08
CA PRO I 166 -7.12 -1.32 43.06
C PRO I 166 -8.26 -2.13 42.43
N GLU I 167 -8.95 -2.92 43.23
CA GLU I 167 -10.06 -3.73 42.70
CA GLU I 167 -10.05 -3.73 42.71
C GLU I 167 -11.22 -2.82 42.28
N PRO I 168 -12.07 -3.31 41.33
CA PRO I 168 -13.18 -2.46 40.85
C PRO I 168 -14.09 -1.86 41.92
N TYR I 169 -14.56 -2.67 42.87
CA TYR I 169 -15.48 -2.15 43.88
C TYR I 169 -14.82 -0.97 44.63
N LYS I 170 -13.50 -1.05 44.82
CA LYS I 170 -12.73 0.03 45.48
C LYS I 170 -12.72 1.31 44.65
N VAL I 171 -12.70 1.19 43.31
CA VAL I 171 -12.81 2.35 42.44
C VAL I 171 -14.18 3.02 42.64
N LEU I 172 -15.23 2.20 42.67
CA LEU I 172 -16.60 2.72 42.81
C LEU I 172 -16.79 3.50 44.10
N GLU I 173 -16.19 3.02 45.20
CA GLU I 173 -16.23 3.74 46.46
CA GLU I 173 -16.20 3.75 46.47
C GLU I 173 -15.42 5.05 46.35
N PHE I 174 -14.26 5.01 45.72
CA PHE I 174 -13.37 6.18 45.70
C PHE I 174 -13.91 7.40 44.95
N ILE I 175 -14.77 7.18 43.96
CA ILE I 175 -15.25 8.28 43.12
C ILE I 175 -16.66 8.78 43.43
N GLU J 6 -36.46 25.91 6.62
CA GLU J 6 -35.76 26.24 5.32
C GLU J 6 -34.26 25.87 5.34
N ASN J 7 -33.84 24.99 4.43
CA ASN J 7 -32.43 24.58 4.31
C ASN J 7 -31.72 25.17 3.08
N VAL J 8 -30.41 25.43 3.19
CA VAL J 8 -29.62 25.89 2.05
C VAL J 8 -28.43 24.94 1.80
N LEU J 9 -28.07 24.72 0.55
CA LEU J 9 -26.89 23.93 0.21
C LEU J 9 -25.85 24.81 -0.48
N ILE J 10 -24.67 24.91 0.11
CA ILE J 10 -23.54 25.60 -0.49
C ILE J 10 -22.67 24.64 -1.30
N CYS J 11 -22.50 24.96 -2.58
CA CYS J 11 -21.71 24.21 -3.46
C CYS J 11 -20.46 25.03 -3.67
N LEU J 12 -19.31 24.47 -3.29
CA LEU J 12 -18.04 25.17 -3.50
CA LEU J 12 -18.00 25.11 -3.43
C LEU J 12 -17.21 24.49 -4.56
N CYS J 13 -16.60 25.33 -5.42
CA CYS J 13 -15.76 24.90 -6.52
C CYS J 13 -14.29 25.14 -6.22
N GLY J 14 -13.43 24.88 -7.19
CA GLY J 14 -11.96 24.86 -7.02
C GLY J 14 -11.42 26.26 -7.17
N SER J 15 -11.60 26.99 -6.09
CA SER J 15 -11.10 28.38 -5.98
C SER J 15 -10.56 28.64 -4.58
N VAL J 16 -9.50 29.44 -4.50
CA VAL J 16 -8.92 29.81 -3.20
C VAL J 16 -9.97 30.53 -2.37
N ASN J 17 -10.91 31.21 -3.00
CA ASN J 17 -11.94 31.88 -2.18
C ASN J 17 -12.82 30.92 -1.42
N SER J 18 -12.70 29.60 -1.68
CA SER J 18 -13.39 28.60 -0.88
C SER J 18 -12.96 28.52 0.57
N ILE J 19 -11.79 29.02 0.91
CA ILE J 19 -11.27 28.94 2.29
C ILE J 19 -12.03 29.89 3.24
N ASN J 20 -12.71 30.90 2.69
CA ASN J 20 -13.58 31.81 3.47
C ASN J 20 -15.01 31.29 3.65
N ILE J 21 -15.29 30.07 3.20
CA ILE J 21 -16.65 29.55 3.22
CA ILE J 21 -16.65 29.54 3.21
C ILE J 21 -17.29 29.57 4.60
N SER J 22 -16.49 29.39 5.66
CA SER J 22 -17.07 29.37 7.02
C SER J 22 -17.82 30.66 7.44
N HIS J 23 -17.35 31.82 6.99
CA HIS J 23 -18.04 33.07 7.31
C HIS J 23 -19.43 33.10 6.64
N TYR J 24 -19.53 32.58 5.41
CA TYR J 24 -20.81 32.48 4.73
C TYR J 24 -21.71 31.47 5.39
N ILE J 25 -21.14 30.37 5.84
CA ILE J 25 -21.91 29.39 6.60
C ILE J 25 -22.51 30.05 7.83
N ILE J 26 -21.68 30.69 8.68
CA ILE J 26 -22.17 31.32 9.92
C ILE J 26 -23.28 32.36 9.61
N GLU J 27 -23.11 33.13 8.53
CA GLU J 27 -24.08 34.14 8.12
C GLU J 27 -25.40 33.49 7.71
N LEU J 28 -25.32 32.45 6.86
CA LEU J 28 -26.50 31.73 6.43
C LEU J 28 -27.24 31.01 7.57
N LYS J 29 -26.55 30.62 8.64
CA LYS J 29 -27.21 29.97 9.80
C LYS J 29 -28.12 30.89 10.63
N SER J 30 -28.00 32.20 10.42
CA SER J 30 -28.91 33.16 11.07
C SER J 30 -30.29 33.17 10.43
N LYS J 31 -30.41 32.74 9.17
CA LYS J 31 -31.71 32.68 8.45
C LYS J 31 -32.19 31.24 8.24
N PHE J 32 -31.31 30.35 7.81
CA PHE J 32 -31.71 29.00 7.44
C PHE J 32 -31.57 27.99 8.58
N ASP J 33 -32.42 26.97 8.62
CA ASP J 33 -32.31 25.92 9.65
CA ASP J 33 -32.32 25.91 9.64
C ASP J 33 -31.02 25.10 9.44
N GLU J 34 -30.89 24.42 8.30
CA GLU J 34 -29.65 23.72 7.99
C GLU J 34 -28.86 24.47 6.93
N VAL J 35 -27.54 24.50 7.11
CA VAL J 35 -26.60 24.96 6.09
C VAL J 35 -25.61 23.80 5.82
N ASN J 36 -25.76 23.24 4.63
CA ASN J 36 -25.06 22.06 4.26
C ASN J 36 -24.13 22.41 3.10
N VAL J 37 -23.12 21.59 2.90
CA VAL J 37 -22.03 21.95 2.01
C VAL J 37 -21.64 20.70 1.21
N ILE J 38 -21.27 20.95 -0.05
CA ILE J 38 -20.70 20.00 -0.96
C ILE J 38 -19.67 20.73 -1.84
N ALA J 39 -18.61 20.02 -2.23
CA ALA J 39 -17.54 20.58 -3.04
C ALA J 39 -17.42 19.79 -4.29
N SER J 40 -16.91 20.44 -5.35
CA SER J 40 -16.63 19.78 -6.58
C SER J 40 -15.40 18.89 -6.38
N THR J 41 -15.15 17.99 -7.33
CA THR J 41 -13.97 17.11 -7.21
C THR J 41 -12.72 17.97 -7.05
N ASN J 42 -12.51 18.89 -8.00
CA ASN J 42 -11.43 19.83 -7.90
C ASN J 42 -11.43 20.74 -6.70
N GLY J 43 -12.59 21.06 -6.16
CA GLY J 43 -12.66 21.93 -4.99
C GLY J 43 -12.21 21.26 -3.69
N ARG J 44 -12.25 19.93 -3.65
CA ARG J 44 -11.90 19.21 -2.41
C ARG J 44 -10.50 19.57 -1.84
N LYS J 45 -9.57 19.87 -2.72
CA LYS J 45 -8.21 20.13 -2.28
C LYS J 45 -8.04 21.49 -1.68
N PHE J 46 -8.98 22.40 -1.94
CA PHE J 46 -8.93 23.74 -1.38
C PHE J 46 -9.57 23.79 0.00
N ILE J 47 -10.17 22.69 0.47
CA ILE J 47 -10.90 22.78 1.73
C ILE J 47 -10.60 21.64 2.71
N ASN J 48 -11.12 21.73 3.92
CA ASN J 48 -10.88 20.65 4.91
C ASN J 48 -12.25 20.28 5.42
N GLY J 49 -12.67 19.05 5.14
CA GLY J 49 -14.04 18.67 5.37
C GLY J 49 -14.40 18.66 6.84
N GLU J 50 -13.43 18.33 7.67
CA GLU J 50 -13.66 18.28 9.14
C GLU J 50 -13.82 19.68 9.73
N ILE J 51 -13.08 20.63 9.17
CA ILE J 51 -13.20 22.05 9.51
C ILE J 51 -14.58 22.58 9.05
N LEU J 52 -15.00 22.26 7.83
CA LEU J 52 -16.38 22.59 7.38
C LEU J 52 -17.47 22.05 8.33
N LYS J 53 -17.30 20.82 8.80
CA LYS J 53 -18.23 20.22 9.75
C LYS J 53 -18.27 20.86 11.13
N GLN J 54 -17.31 21.71 11.47
CA GLN J 54 -17.39 22.56 12.66
C GLN J 54 -18.54 23.59 12.59
N PHE J 55 -18.94 23.97 11.38
CA PHE J 55 -19.93 25.04 11.13
C PHE J 55 -21.19 24.60 10.36
N CYS J 56 -21.02 23.76 9.34
CA CYS J 56 -22.17 23.28 8.57
C CYS J 56 -22.83 22.09 9.28
N ASP J 57 -24.08 21.82 8.94
CA ASP J 57 -24.79 20.66 9.44
C ASP J 57 -24.38 19.35 8.73
N ASN J 58 -24.27 19.35 7.40
CA ASN J 58 -23.90 18.16 6.66
C ASN J 58 -22.90 18.53 5.63
N TYR J 59 -21.85 17.72 5.55
CA TYR J 59 -20.89 17.84 4.47
C TYR J 59 -21.04 16.57 3.64
N TYR J 60 -21.48 16.74 2.41
CA TYR J 60 -21.71 15.65 1.48
C TYR J 60 -20.40 15.38 0.78
N ASP J 61 -19.94 14.15 0.89
CA ASP J 61 -18.66 13.77 0.37
C ASP J 61 -18.83 12.54 -0.56
N GLU J 62 -18.79 12.77 -1.87
CA GLU J 62 -19.04 11.76 -2.89
C GLU J 62 -18.00 10.63 -2.82
N PHE J 63 -16.77 10.99 -2.44
CA PHE J 63 -15.68 9.99 -2.30
CA PHE J 63 -15.72 9.99 -2.34
C PHE J 63 -15.96 9.02 -1.18
N GLU J 64 -16.47 9.52 -0.05
CA GLU J 64 -16.72 8.67 1.14
CA GLU J 64 -16.70 8.65 1.12
C GLU J 64 -18.06 7.91 1.06
N ASP J 65 -19.03 8.52 0.38
CA ASP J 65 -20.36 7.96 0.21
CA ASP J 65 -20.36 7.93 0.20
C ASP J 65 -20.70 8.07 -1.29
N PRO J 66 -20.20 7.11 -2.10
CA PRO J 66 -20.43 7.26 -3.55
C PRO J 66 -21.89 7.17 -4.00
N PHE J 67 -22.76 6.65 -3.15
CA PHE J 67 -24.14 6.45 -3.52
C PHE J 67 -25.06 7.53 -3.00
N LEU J 68 -24.52 8.71 -2.68
CA LEU J 68 -25.40 9.84 -2.28
C LEU J 68 -26.30 10.18 -3.45
N ASN J 69 -27.57 10.37 -3.14
CA ASN J 69 -28.55 10.59 -4.19
C ASN J 69 -28.84 12.06 -4.39
N HIS J 70 -28.60 12.51 -5.61
CA HIS J 70 -28.76 13.88 -6.02
C HIS J 70 -30.18 14.41 -5.85
N VAL J 71 -31.17 13.58 -6.15
CA VAL J 71 -32.57 13.99 -6.07
C VAL J 71 -32.98 14.15 -4.63
N ASP J 72 -32.54 13.26 -3.73
CA ASP J 72 -32.93 13.43 -2.33
C ASP J 72 -32.22 14.63 -1.67
N ILE J 73 -31.01 14.92 -2.12
CA ILE J 73 -30.26 16.05 -1.60
C ILE J 73 -30.87 17.37 -2.10
N ALA J 74 -31.17 17.43 -3.41
CA ALA J 74 -31.86 18.58 -3.98
C ALA J 74 -33.18 18.87 -3.29
N ASN J 75 -34.02 17.83 -3.14
CA ASN J 75 -35.34 17.99 -2.53
C ASN J 75 -35.35 18.48 -1.08
N LYS J 76 -34.29 18.21 -0.33
CA LYS J 76 -34.15 18.60 1.07
C LYS J 76 -33.84 20.12 1.24
N HIS J 77 -33.48 20.77 0.15
CA HIS J 77 -33.05 22.14 0.22
C HIS J 77 -33.94 23.08 -0.55
N ASP J 78 -34.27 24.18 0.10
CA ASP J 78 -35.08 25.25 -0.49
C ASP J 78 -34.27 26.10 -1.43
N LYS J 79 -33.00 26.31 -1.10
CA LYS J 79 -32.12 27.12 -1.95
C LYS J 79 -30.80 26.36 -2.13
N ILE J 80 -30.21 26.48 -3.33
CA ILE J 80 -28.90 25.92 -3.61
C ILE J 80 -28.03 27.01 -4.25
N ILE J 81 -26.88 27.26 -3.63
CA ILE J 81 -26.00 28.30 -4.15
C ILE J 81 -24.68 27.72 -4.53
N ILE J 82 -24.11 28.23 -5.62
CA ILE J 82 -22.75 27.93 -6.00
C ILE J 82 -21.92 29.14 -5.62
N LEU J 83 -21.04 28.92 -4.66
CA LEU J 83 -20.21 29.97 -4.08
C LEU J 83 -18.94 29.30 -3.51
N PRO J 84 -17.76 29.60 -4.08
CA PRO J 84 -17.54 30.35 -5.30
C PRO J 84 -17.77 29.48 -6.47
N ALA J 85 -18.35 30.07 -7.51
CA ALA J 85 -18.61 29.37 -8.73
C ALA J 85 -17.48 29.66 -9.72
N THR J 86 -16.81 28.59 -10.14
CA THR J 86 -15.81 28.63 -11.20
C THR J 86 -16.44 28.70 -12.60
N SER J 87 -15.65 29.15 -13.58
CA SER J 87 -16.06 29.18 -15.00
C SER J 87 -16.43 27.76 -15.42
N ASN J 88 -15.59 26.80 -15.03
CA ASN J 88 -15.83 25.41 -15.37
C ASN J 88 -17.18 24.96 -14.92
N THR J 89 -17.49 25.15 -13.64
CA THR J 89 -18.76 24.67 -13.14
C THR J 89 -19.94 25.38 -13.80
N ILE J 90 -19.79 26.69 -14.05
CA ILE J 90 -20.81 27.54 -14.70
C ILE J 90 -21.06 26.98 -16.10
N ASN J 91 -19.96 26.66 -16.77
CA ASN J 91 -20.03 26.19 -18.13
C ASN J 91 -20.56 24.74 -18.23
N LYS J 92 -20.21 23.89 -17.28
CA LYS J 92 -20.72 22.54 -17.30
C LYS J 92 -22.22 22.56 -17.00
N ILE J 93 -22.68 23.40 -16.06
CA ILE J 93 -24.12 23.46 -15.75
C ILE J 93 -24.92 24.00 -16.95
N ALA J 94 -24.35 24.99 -17.63
CA ALA J 94 -25.00 25.54 -18.78
C ALA J 94 -25.28 24.48 -19.78
N ASN J 95 -24.39 23.48 -19.83
CA ASN J 95 -24.46 22.44 -20.84
C ASN J 95 -25.01 21.08 -20.37
N GLY J 96 -25.51 20.99 -19.14
CA GLY J 96 -26.13 19.77 -18.66
C GLY J 96 -25.10 18.74 -18.28
N ILE J 97 -23.83 19.14 -18.16
CA ILE J 97 -22.76 18.19 -17.79
C ILE J 97 -22.77 18.02 -16.28
N CYS J 98 -23.00 16.81 -15.84
CA CYS J 98 -23.02 16.51 -14.44
C CYS J 98 -22.30 15.20 -14.20
N ASP J 99 -20.97 15.30 -14.18
CA ASP J 99 -20.12 14.15 -13.97
C ASP J 99 -19.55 14.08 -12.52
N ASN J 100 -20.09 14.90 -11.61
CA ASN J 100 -19.84 14.73 -10.18
C ASN J 100 -21.08 15.01 -9.40
N LEU J 101 -21.10 14.68 -8.12
CA LEU J 101 -22.33 14.88 -7.35
C LEU J 101 -22.83 16.32 -7.29
N LEU J 102 -21.93 17.29 -7.19
CA LEU J 102 -22.33 18.69 -7.06
C LEU J 102 -23.11 19.17 -8.30
N LEU J 103 -22.54 18.91 -9.48
CA LEU J 103 -23.18 19.31 -10.72
C LEU J 103 -24.52 18.61 -11.04
N THR J 104 -24.63 17.35 -10.66
CA THR J 104 -25.84 16.55 -10.82
C THR J 104 -26.96 17.17 -10.01
N ILE J 105 -26.70 17.41 -8.74
CA ILE J 105 -27.64 18.13 -7.87
C ILE J 105 -28.10 19.47 -8.51
N CYS J 106 -27.13 20.30 -8.94
CA CYS J 106 -27.52 21.55 -9.55
C CYS J 106 -28.43 21.32 -10.78
N HIS J 107 -28.12 20.28 -11.53
CA HIS J 107 -28.83 19.94 -12.74
C HIS J 107 -30.29 19.62 -12.49
N THR J 108 -30.56 18.99 -11.36
CA THR J 108 -31.94 18.67 -11.01
CA THR J 108 -31.91 18.64 -10.94
C THR J 108 -32.74 19.85 -10.40
N ALA J 109 -32.08 20.97 -10.05
CA ALA J 109 -32.76 22.05 -9.29
C ALA J 109 -32.43 23.52 -9.75
N PHE J 110 -32.47 23.75 -11.05
CA PHE J 110 -32.30 25.07 -11.63
C PHE J 110 -33.18 26.13 -10.98
N GLU J 111 -34.43 25.79 -10.72
CA GLU J 111 -35.39 26.74 -10.15
C GLU J 111 -35.03 27.17 -8.70
N LYS J 112 -34.12 26.44 -8.06
CA LYS J 112 -33.69 26.75 -6.70
C LYS J 112 -32.28 27.31 -6.67
N LEU J 113 -31.68 27.53 -7.85
CA LEU J 113 -30.23 27.73 -7.97
C LEU J 113 -29.76 29.18 -8.12
N SER J 114 -28.78 29.58 -7.28
CA SER J 114 -28.10 30.86 -7.38
C SER J 114 -26.59 30.62 -7.53
N ILE J 115 -25.97 31.40 -8.41
CA ILE J 115 -24.57 31.27 -8.76
C ILE J 115 -23.82 32.59 -8.50
N PHE J 116 -22.72 32.50 -7.77
CA PHE J 116 -21.84 33.60 -7.43
C PHE J 116 -20.49 33.46 -8.14
N PRO J 117 -20.46 33.93 -9.39
CA PRO J 117 -19.27 33.80 -10.21
C PRO J 117 -18.03 34.34 -9.53
N ASN J 118 -16.94 33.58 -9.66
CA ASN J 118 -15.71 33.87 -9.00
C ASN J 118 -14.58 33.32 -9.87
N MET J 119 -13.89 34.25 -10.54
CA MET J 119 -12.92 33.88 -11.57
C MET J 119 -12.19 35.10 -12.13
N ASN J 120 -10.97 34.88 -12.60
CA ASN J 120 -10.20 35.89 -13.32
C ASN J 120 -11.03 36.54 -14.44
N LEU J 121 -10.86 37.85 -14.58
CA LEU J 121 -11.59 38.58 -15.60
C LEU J 121 -11.50 37.94 -16.97
N ARG J 122 -10.36 37.40 -17.37
CA ARG J 122 -10.18 36.87 -18.73
CA ARG J 122 -10.25 36.90 -18.74
C ARG J 122 -11.15 35.69 -18.94
N MET J 123 -11.41 34.95 -17.85
CA MET J 123 -12.29 33.79 -17.91
C MET J 123 -13.78 34.25 -17.93
N TRP J 124 -14.11 35.24 -17.08
CA TRP J 124 -15.46 35.85 -17.06
C TRP J 124 -15.81 36.49 -18.38
N GLU J 125 -14.82 37.08 -19.03
CA GLU J 125 -15.05 37.70 -20.33
C GLU J 125 -14.76 36.76 -21.48
N ASN J 126 -14.47 35.49 -21.20
CA ASN J 126 -14.48 34.52 -22.32
C ASN J 126 -15.91 34.55 -22.92
N PRO J 127 -16.02 34.66 -24.26
CA PRO J 127 -17.34 34.74 -24.85
C PRO J 127 -18.24 33.53 -24.57
N VAL J 128 -17.67 32.34 -24.58
CA VAL J 128 -18.40 31.13 -24.23
C VAL J 128 -19.01 31.22 -22.81
N THR J 129 -18.19 31.60 -21.85
CA THR J 129 -18.68 31.79 -20.49
C THR J 129 -19.77 32.86 -20.51
N GLN J 130 -19.63 33.91 -21.33
CA GLN J 130 -20.63 35.00 -21.40
CA GLN J 130 -20.66 34.94 -21.31
C GLN J 130 -21.95 34.41 -21.91
N ASN J 131 -21.86 33.70 -23.04
CA ASN J 131 -23.01 33.05 -23.68
CA ASN J 131 -22.99 33.05 -23.69
C ASN J 131 -23.72 32.12 -22.72
N ASN J 132 -22.94 31.33 -22.00
CA ASN J 132 -23.49 30.41 -21.03
C ASN J 132 -24.16 31.08 -19.82
N ILE J 133 -23.65 32.25 -19.38
CA ILE J 133 -24.34 33.03 -18.31
C ILE J 133 -25.67 33.50 -18.86
N ARG J 134 -25.68 33.95 -20.11
CA ARG J 134 -26.92 34.40 -20.75
CA ARG J 134 -26.92 34.39 -20.74
C ARG J 134 -27.94 33.24 -20.78
N LEU J 135 -27.49 32.05 -21.17
CA LEU J 135 -28.40 30.92 -21.33
C LEU J 135 -28.91 30.43 -19.98
N LEU J 136 -28.06 30.43 -18.95
CA LEU J 136 -28.52 30.05 -17.60
C LEU J 136 -29.60 31.01 -17.05
N LYS J 137 -29.49 32.32 -17.34
CA LYS J 137 -30.51 33.28 -16.89
C LYS J 137 -31.84 32.96 -17.58
N ASP J 138 -31.79 32.74 -18.89
CA ASP J 138 -32.96 32.30 -19.66
C ASP J 138 -33.66 31.05 -19.10
N TYR J 139 -32.92 30.16 -18.45
CA TYR J 139 -33.50 28.98 -17.82
C TYR J 139 -33.89 29.21 -16.38
N GLY J 140 -33.84 30.48 -15.98
CA GLY J 140 -34.29 30.89 -14.67
C GLY J 140 -33.34 30.58 -13.52
N VAL J 141 -32.03 30.53 -13.82
CA VAL J 141 -31.00 30.39 -12.81
C VAL J 141 -30.61 31.82 -12.46
N SER J 142 -30.46 32.11 -11.18
CA SER J 142 -30.15 33.47 -10.77
C SER J 142 -28.63 33.61 -10.66
N ILE J 143 -28.10 34.56 -11.41
CA ILE J 143 -26.67 34.84 -11.43
C ILE J 143 -26.43 36.18 -10.72
N TYR J 144 -25.67 36.12 -9.63
CA TYR J 144 -25.31 37.33 -8.91
C TYR J 144 -24.63 38.33 -9.86
N PRO J 145 -25.03 39.61 -9.80
CA PRO J 145 -24.38 40.57 -10.70
C PRO J 145 -23.00 40.95 -10.16
N ALA J 146 -22.01 40.12 -10.45
CA ALA J 146 -20.74 40.13 -9.75
C ALA J 146 -19.95 41.32 -10.25
N ASN J 147 -19.38 42.06 -9.32
CA ASN J 147 -18.60 43.18 -9.71
C ASN J 147 -17.17 42.74 -9.93
N ILE J 148 -16.58 43.43 -10.91
CA ILE J 148 -15.21 43.30 -11.27
C ILE J 148 -14.42 44.05 -10.23
N SER J 149 -13.27 43.54 -9.83
CA SER J 149 -12.43 44.24 -8.88
C SER J 149 -10.97 43.97 -9.28
N GLU J 150 -10.08 44.87 -8.90
CA GLU J 150 -8.65 44.68 -9.17
C GLU J 150 -8.04 44.56 -7.81
N SER J 151 -7.16 43.59 -7.61
CA SER J 151 -6.46 43.38 -6.32
C SER J 151 -5.02 42.89 -6.44
N TYR J 152 -4.23 43.17 -5.41
CA TYR J 152 -2.91 42.61 -5.30
C TYR J 152 -3.03 41.15 -4.86
N GLU J 153 -2.43 40.25 -5.65
CA GLU J 153 -2.39 38.83 -5.33
C GLU J 153 -1.02 38.40 -4.79
N LEU J 154 -0.99 37.97 -3.53
CA LEU J 154 0.25 37.60 -2.85
C LEU J 154 0.94 36.42 -3.55
N ALA J 155 0.15 35.48 -4.06
CA ALA J 155 0.67 34.22 -4.58
C ALA J 155 1.45 34.42 -5.88
N SER J 156 1.10 35.44 -6.68
CA SER J 156 1.81 35.75 -7.95
C SER J 156 2.71 36.98 -7.85
N LYS J 157 2.64 37.66 -6.72
CA LYS J 157 3.22 39.02 -6.58
C LYS J 157 2.83 39.98 -7.73
N THR J 158 1.54 39.91 -8.12
CA THR J 158 0.96 40.76 -9.19
C THR J 158 -0.51 41.20 -8.89
N PHE J 159 -0.98 42.18 -9.66
CA PHE J 159 -2.36 42.68 -9.56
C PHE J 159 -3.22 41.90 -10.54
N LYS J 160 -4.28 41.29 -10.04
CA LYS J 160 -5.17 40.46 -10.86
C LYS J 160 -6.54 41.13 -10.96
N LYS J 161 -7.15 41.10 -12.15
CA LYS J 161 -8.55 41.49 -12.27
C LYS J 161 -9.44 40.24 -12.13
N ASN J 162 -10.55 40.37 -11.36
CA ASN J 162 -11.47 39.26 -11.01
C ASN J 162 -12.94 39.72 -10.87
N VAL J 163 -13.87 38.80 -11.12
CA VAL J 163 -15.19 38.85 -10.46
C VAL J 163 -15.10 37.88 -9.27
N VAL J 164 -15.70 38.31 -8.17
CA VAL J 164 -15.47 37.74 -6.88
C VAL J 164 -16.80 37.49 -6.21
N ALA J 165 -16.87 36.45 -5.38
CA ALA J 165 -18.02 36.20 -4.52
C ALA J 165 -18.21 37.45 -3.68
N PRO J 166 -19.46 37.90 -3.47
CA PRO J 166 -19.62 39.12 -2.69
C PRO J 166 -19.57 38.78 -1.24
N GLU J 167 -19.51 39.79 -0.40
CA GLU J 167 -19.62 39.62 1.05
C GLU J 167 -20.85 38.78 1.50
N PRO J 168 -20.73 38.00 2.60
CA PRO J 168 -21.80 37.12 3.08
C PRO J 168 -23.16 37.76 3.21
N TYR J 169 -23.22 39.02 3.64
CA TYR J 169 -24.51 39.68 3.84
C TYR J 169 -25.23 39.85 2.53
N LYS J 170 -24.47 40.10 1.46
CA LYS J 170 -25.07 40.22 0.12
C LYS J 170 -25.59 38.89 -0.40
N VAL J 171 -24.89 37.81 -0.05
CA VAL J 171 -25.35 36.49 -0.38
C VAL J 171 -26.71 36.20 0.24
N LEU J 172 -26.87 36.53 1.52
CA LEU J 172 -28.14 36.33 2.20
C LEU J 172 -29.24 37.12 1.50
N GLU J 173 -28.91 38.33 1.09
CA GLU J 173 -29.87 39.24 0.48
C GLU J 173 -30.25 38.80 -0.91
N PHE J 174 -29.37 38.11 -1.63
CA PHE J 174 -29.69 37.67 -3.00
C PHE J 174 -30.57 36.41 -3.03
N ILE J 175 -30.61 35.67 -1.93
CA ILE J 175 -31.40 34.43 -1.88
C ILE J 175 -32.27 34.43 -0.62
N GLU K 6 -24.65 -10.04 -36.75
CA GLU K 6 -24.42 -8.65 -36.28
C GLU K 6 -24.00 -8.52 -34.81
N ASN K 7 -23.20 -7.50 -34.52
CA ASN K 7 -22.72 -7.26 -33.14
C ASN K 7 -23.31 -6.00 -32.55
N VAL K 8 -23.65 -6.07 -31.27
CA VAL K 8 -24.21 -4.95 -30.54
C VAL K 8 -23.39 -4.63 -29.27
N LEU K 9 -23.16 -3.35 -29.03
CA LEU K 9 -22.49 -2.87 -27.79
C LEU K 9 -23.48 -2.16 -26.90
N ILE K 10 -23.57 -2.60 -25.65
CA ILE K 10 -24.36 -1.91 -24.62
C ILE K 10 -23.46 -1.00 -23.75
N CYS K 11 -23.75 0.29 -23.74
CA CYS K 11 -23.06 1.28 -22.93
C CYS K 11 -23.90 1.57 -21.74
N LEU K 12 -23.41 1.18 -20.56
CA LEU K 12 -24.06 1.40 -19.25
CA LEU K 12 -24.16 1.48 -19.36
C LEU K 12 -23.55 2.66 -18.55
N CYS K 13 -24.47 3.49 -18.04
CA CYS K 13 -24.14 4.68 -17.28
C CYS K 13 -24.49 4.57 -15.81
N GLY K 14 -24.22 5.61 -15.04
CA GLY K 14 -24.42 5.57 -13.58
C GLY K 14 -25.86 5.68 -13.15
N SER K 15 -26.60 4.58 -13.29
CA SER K 15 -27.96 4.46 -12.81
C SER K 15 -28.12 3.12 -12.13
N VAL K 16 -29.03 3.04 -11.15
CA VAL K 16 -29.29 1.80 -10.44
C VAL K 16 -29.89 0.76 -11.41
N ASN K 17 -30.58 1.22 -12.45
CA ASN K 17 -31.16 0.34 -13.47
C ASN K 17 -30.14 -0.41 -14.28
N SER K 18 -28.88 0.00 -14.17
CA SER K 18 -27.82 -0.80 -14.73
C SER K 18 -27.74 -2.20 -14.17
N ILE K 19 -28.22 -2.41 -12.95
CA ILE K 19 -28.18 -3.76 -12.38
C ILE K 19 -29.06 -4.73 -13.16
N ASN K 20 -29.87 -4.24 -14.05
CA ASN K 20 -30.77 -5.14 -14.73
C ASN K 20 -30.21 -5.61 -16.06
N ILE K 21 -28.99 -5.20 -16.44
CA ILE K 21 -28.54 -5.38 -17.82
CA ILE K 21 -28.58 -5.38 -17.83
C ILE K 21 -28.35 -6.86 -18.23
N SER K 22 -28.27 -7.78 -17.26
CA SER K 22 -28.18 -9.21 -17.62
C SER K 22 -29.40 -9.71 -18.42
N HIS K 23 -30.58 -9.24 -18.05
CA HIS K 23 -31.80 -9.49 -18.82
C HIS K 23 -31.73 -8.96 -20.27
N TYR K 24 -31.11 -7.81 -20.45
CA TYR K 24 -31.02 -7.22 -21.78
C TYR K 24 -30.03 -7.96 -22.69
N ILE K 25 -28.90 -8.34 -22.12
CA ILE K 25 -27.89 -9.10 -22.82
C ILE K 25 -28.47 -10.44 -23.27
N ILE K 26 -29.20 -11.12 -22.38
CA ILE K 26 -29.79 -12.39 -22.73
C ILE K 26 -30.78 -12.27 -23.88
N GLU K 27 -31.62 -11.25 -23.81
CA GLU K 27 -32.54 -10.95 -24.86
C GLU K 27 -31.73 -10.70 -26.15
N LEU K 28 -30.78 -9.78 -26.13
CA LEU K 28 -30.05 -9.41 -27.34
C LEU K 28 -29.22 -10.55 -27.98
N LYS K 29 -28.84 -11.54 -27.17
CA LYS K 29 -28.01 -12.65 -27.66
C LYS K 29 -28.81 -13.54 -28.61
N SER K 30 -30.12 -13.29 -28.72
CA SER K 30 -30.97 -14.09 -29.59
CA SER K 30 -31.02 -14.06 -29.57
C SER K 30 -31.03 -13.55 -30.98
N LYS K 31 -30.58 -12.32 -31.14
CA LYS K 31 -30.63 -11.64 -32.43
CA LYS K 31 -30.61 -11.63 -32.44
C LYS K 31 -29.21 -11.31 -32.96
N PHE K 32 -28.29 -10.96 -32.06
CA PHE K 32 -26.92 -10.55 -32.42
C PHE K 32 -25.89 -11.66 -32.14
N ASP K 33 -24.86 -11.73 -32.98
CA ASP K 33 -23.75 -12.66 -32.74
C ASP K 33 -23.04 -12.35 -31.40
N GLU K 34 -22.29 -11.27 -31.32
CA GLU K 34 -21.74 -10.86 -30.03
C GLU K 34 -22.60 -9.80 -29.35
N VAL K 35 -22.76 -9.92 -28.05
CA VAL K 35 -23.31 -8.82 -27.25
C VAL K 35 -22.24 -8.40 -26.26
N ASN K 36 -21.75 -7.18 -26.44
CA ASN K 36 -20.63 -6.66 -25.64
C ASN K 36 -21.04 -5.50 -24.77
N VAL K 37 -20.24 -5.20 -23.77
CA VAL K 37 -20.63 -4.22 -22.78
C VAL K 37 -19.50 -3.31 -22.38
N ILE K 38 -19.81 -2.02 -22.25
CA ILE K 38 -18.91 -1.05 -21.59
C ILE K 38 -19.66 -0.23 -20.54
N ALA K 39 -18.94 0.18 -19.50
CA ALA K 39 -19.46 1.07 -18.47
C ALA K 39 -18.80 2.44 -18.54
N SER K 40 -19.54 3.46 -18.14
CA SER K 40 -18.99 4.76 -17.95
C SER K 40 -18.15 4.64 -16.67
N THR K 41 -17.21 5.55 -16.47
CA THR K 41 -16.36 5.54 -15.29
C THR K 41 -17.27 5.53 -14.05
N ASN K 42 -18.32 6.37 -14.10
CA ASN K 42 -19.22 6.60 -12.98
C ASN K 42 -20.16 5.40 -12.83
N GLY K 43 -20.44 4.75 -13.93
CA GLY K 43 -21.29 3.55 -13.89
C GLY K 43 -20.66 2.28 -13.37
N ARG K 44 -19.33 2.20 -13.40
CA ARG K 44 -18.63 0.97 -12.92
C ARG K 44 -19.03 0.61 -11.51
N LYS K 45 -19.26 1.61 -10.67
CA LYS K 45 -19.64 1.31 -9.30
C LYS K 45 -21.04 0.66 -9.14
N PHE K 46 -21.87 0.73 -10.19
CA PHE K 46 -23.21 0.15 -10.18
C PHE K 46 -23.31 -1.31 -10.62
N ILE K 47 -22.22 -1.86 -11.14
CA ILE K 47 -22.21 -3.16 -11.80
C ILE K 47 -21.06 -3.98 -11.28
N ASN K 48 -21.03 -5.23 -11.73
CA ASN K 48 -20.06 -6.23 -11.30
C ASN K 48 -19.50 -6.78 -12.60
N GLY K 49 -18.27 -6.45 -12.89
CA GLY K 49 -17.70 -6.81 -14.19
C GLY K 49 -17.64 -8.33 -14.35
N GLU K 50 -17.46 -9.10 -13.28
CA GLU K 50 -17.34 -10.57 -13.46
C GLU K 50 -18.69 -11.20 -13.80
N ILE K 51 -19.73 -10.68 -13.16
CA ILE K 51 -21.10 -11.07 -13.46
C ILE K 51 -21.46 -10.68 -14.90
N LEU K 52 -21.16 -9.46 -15.29
CA LEU K 52 -21.41 -9.09 -16.67
C LEU K 52 -20.85 -10.18 -17.56
N LYS K 53 -19.63 -10.62 -17.25
CA LYS K 53 -18.91 -11.54 -18.09
C LYS K 53 -19.49 -12.95 -18.17
N GLN K 54 -20.33 -13.35 -17.22
CA GLN K 54 -21.12 -14.57 -17.34
C GLN K 54 -22.09 -14.59 -18.52
N PHE K 55 -22.37 -13.41 -19.09
CA PHE K 55 -23.47 -13.22 -20.09
C PHE K 55 -22.99 -12.58 -21.38
N CYS K 56 -22.22 -11.50 -21.28
CA CYS K 56 -21.77 -10.79 -22.48
C CYS K 56 -20.50 -11.48 -22.92
N ASP K 57 -20.09 -11.20 -24.15
CA ASP K 57 -18.94 -11.84 -24.76
C ASP K 57 -17.66 -11.09 -24.41
N ASN K 58 -17.68 -9.76 -24.54
CA ASN K 58 -16.59 -8.91 -24.08
C ASN K 58 -17.14 -7.83 -23.20
N TYR K 59 -16.45 -7.60 -22.09
CA TYR K 59 -16.64 -6.45 -21.27
C TYR K 59 -15.41 -5.57 -21.42
N TYR K 60 -15.59 -4.36 -21.93
CA TYR K 60 -14.47 -3.44 -22.12
C TYR K 60 -14.24 -2.60 -20.87
N ASP K 61 -13.04 -2.74 -20.31
CA ASP K 61 -12.69 -2.12 -19.06
C ASP K 61 -11.44 -1.22 -19.29
N GLU K 62 -11.69 0.08 -19.33
CA GLU K 62 -10.69 1.13 -19.62
C GLU K 62 -9.57 1.16 -18.56
N PHE K 63 -9.97 0.85 -17.33
CA PHE K 63 -9.09 0.86 -16.22
C PHE K 63 -8.15 -0.35 -16.26
N GLU K 64 -8.63 -1.46 -16.79
CA GLU K 64 -7.78 -2.66 -16.91
C GLU K 64 -6.98 -2.51 -18.16
N ASP K 65 -7.56 -1.88 -19.17
CA ASP K 65 -6.93 -1.82 -20.48
C ASP K 65 -7.00 -0.40 -21.02
N PRO K 66 -6.11 0.47 -20.50
CA PRO K 66 -6.37 1.83 -20.80
C PRO K 66 -6.12 2.21 -22.26
N PHE K 67 -5.46 1.36 -23.05
CA PHE K 67 -5.25 1.66 -24.48
C PHE K 67 -6.29 0.97 -25.44
N LEU K 68 -7.41 0.45 -24.89
CA LEU K 68 -8.51 -0.02 -25.80
C LEU K 68 -8.85 1.04 -26.81
N ASN K 69 -9.03 0.66 -28.08
CA ASN K 69 -9.17 1.67 -29.16
C ASN K 69 -10.64 1.89 -29.56
N HIS K 70 -11.07 3.15 -29.50
CA HIS K 70 -12.44 3.57 -29.72
C HIS K 70 -12.93 3.27 -31.15
N VAL K 71 -12.09 3.52 -32.16
CA VAL K 71 -12.46 3.23 -33.57
C VAL K 71 -12.66 1.72 -33.78
N ASP K 72 -11.68 0.94 -33.38
CA ASP K 72 -11.69 -0.48 -33.60
C ASP K 72 -12.95 -1.08 -33.00
N ILE K 73 -13.28 -0.64 -31.79
CA ILE K 73 -14.46 -1.13 -31.06
C ILE K 73 -15.73 -0.65 -31.74
N ALA K 74 -15.76 0.63 -32.13
CA ALA K 74 -16.92 1.16 -32.82
C ALA K 74 -17.20 0.31 -34.06
N ASN K 75 -16.16 0.06 -34.84
CA ASN K 75 -16.29 -0.61 -36.15
C ASN K 75 -16.73 -2.06 -36.05
N LYS K 76 -16.41 -2.70 -34.94
CA LYS K 76 -16.78 -4.06 -34.73
C LYS K 76 -18.31 -4.19 -34.63
N HIS K 77 -18.97 -3.12 -34.19
CA HIS K 77 -20.40 -3.20 -33.87
C HIS K 77 -21.24 -2.53 -34.90
N ASP K 78 -22.37 -3.17 -35.21
CA ASP K 78 -23.39 -2.65 -36.14
C ASP K 78 -24.40 -1.73 -35.44
N LYS K 79 -24.68 -2.04 -34.17
CA LYS K 79 -25.56 -1.21 -33.35
CA LYS K 79 -25.56 -1.24 -33.34
C LYS K 79 -24.89 -0.97 -31.99
N ILE K 80 -25.01 0.25 -31.48
CA ILE K 80 -24.51 0.65 -30.19
C ILE K 80 -25.66 1.31 -29.47
N ILE K 81 -25.95 0.85 -28.26
CA ILE K 81 -26.99 1.44 -27.46
C ILE K 81 -26.46 1.91 -26.07
N ILE K 82 -27.10 2.97 -25.56
CA ILE K 82 -26.84 3.52 -24.26
C ILE K 82 -28.08 3.20 -23.45
N LEU K 83 -27.93 2.31 -22.52
CA LEU K 83 -29.04 1.83 -21.72
C LEU K 83 -28.41 1.36 -20.43
N PRO K 84 -28.83 1.90 -19.29
CA PRO K 84 -29.65 3.08 -19.12
C PRO K 84 -28.77 4.29 -19.40
N ALA K 85 -29.32 5.31 -20.05
CA ALA K 85 -28.59 6.53 -20.41
C ALA K 85 -28.93 7.63 -19.42
N THR K 86 -27.88 8.16 -18.78
CA THR K 86 -27.98 9.22 -17.76
C THR K 86 -28.12 10.56 -18.45
N SER K 87 -28.64 11.56 -17.76
CA SER K 87 -28.63 12.91 -18.32
C SER K 87 -27.20 13.41 -18.66
N ASN K 88 -26.22 13.11 -17.79
CA ASN K 88 -24.82 13.47 -18.04
C ASN K 88 -24.31 12.98 -19.40
N THR K 89 -24.49 11.68 -19.64
CA THR K 89 -23.94 11.05 -20.79
C THR K 89 -24.64 11.56 -22.07
N ILE K 90 -25.97 11.79 -21.99
CA ILE K 90 -26.73 12.33 -23.08
C ILE K 90 -26.23 13.76 -23.35
N ASN K 91 -26.07 14.54 -22.27
CA ASN K 91 -25.61 15.90 -22.47
C ASN K 91 -24.14 16.04 -22.94
N LYS K 92 -23.23 15.15 -22.50
CA LYS K 92 -21.86 15.16 -22.98
C LYS K 92 -21.77 14.82 -24.50
N ILE K 93 -22.50 13.79 -24.90
CA ILE K 93 -22.47 13.30 -26.24
C ILE K 93 -23.03 14.34 -27.16
N ALA K 94 -24.15 14.93 -26.75
CA ALA K 94 -24.75 16.06 -27.43
C ALA K 94 -23.74 17.18 -27.71
N ASN K 95 -22.82 17.40 -26.78
CA ASN K 95 -21.78 18.44 -26.96
C ASN K 95 -20.38 17.95 -27.42
N GLY K 96 -20.24 16.69 -27.83
CA GLY K 96 -18.96 16.18 -28.31
C GLY K 96 -17.93 15.88 -27.23
N ILE K 97 -18.36 15.88 -25.99
CA ILE K 97 -17.47 15.63 -24.86
CA ILE K 97 -17.46 15.62 -24.87
C ILE K 97 -17.25 14.12 -24.73
N CYS K 98 -15.98 13.70 -24.83
CA CYS K 98 -15.60 12.30 -24.73
C CYS K 98 -14.38 12.16 -23.83
N ASP K 99 -14.61 12.19 -22.52
CA ASP K 99 -13.52 12.14 -21.55
C ASP K 99 -13.32 10.72 -20.94
N ASN K 100 -14.16 9.77 -21.35
CA ASN K 100 -13.96 8.35 -21.17
C ASN K 100 -14.20 7.57 -22.47
N LEU K 101 -13.88 6.27 -22.42
CA LEU K 101 -13.97 5.36 -23.56
C LEU K 101 -15.41 5.19 -24.10
N LEU K 102 -16.39 4.98 -23.22
CA LEU K 102 -17.80 4.87 -23.65
C LEU K 102 -18.23 6.05 -24.51
N LEU K 103 -17.98 7.25 -24.03
CA LEU K 103 -18.30 8.49 -24.73
C LEU K 103 -17.46 8.66 -26.00
N THR K 104 -16.25 8.13 -26.02
CA THR K 104 -15.42 8.27 -27.24
C THR K 104 -15.90 7.33 -28.35
N ILE K 105 -16.28 6.10 -27.99
CA ILE K 105 -16.87 5.17 -28.94
C ILE K 105 -18.13 5.78 -29.54
N CYS K 106 -19.08 6.22 -28.68
CA CYS K 106 -20.31 6.84 -29.18
C CYS K 106 -20.04 8.06 -30.12
N HIS K 107 -19.09 8.91 -29.76
CA HIS K 107 -18.74 10.10 -30.59
C HIS K 107 -18.42 9.70 -32.05
N THR K 108 -17.89 8.49 -32.22
CA THR K 108 -17.38 7.96 -33.47
C THR K 108 -18.49 7.38 -34.33
N ALA K 109 -19.67 7.18 -33.74
CA ALA K 109 -20.69 6.35 -34.40
C ALA K 109 -22.12 6.80 -34.12
N PHE K 110 -22.42 8.06 -34.41
CA PHE K 110 -23.76 8.61 -34.18
C PHE K 110 -24.78 7.85 -35.01
N GLU K 111 -24.40 7.53 -36.24
CA GLU K 111 -25.26 6.79 -37.17
C GLU K 111 -25.57 5.34 -36.74
N LYS K 112 -24.92 4.83 -35.68
CA LYS K 112 -25.16 3.47 -35.15
C LYS K 112 -25.86 3.52 -33.79
N LEU K 113 -26.13 4.74 -33.33
CA LEU K 113 -26.30 4.95 -31.90
C LEU K 113 -27.77 5.05 -31.58
N SER K 114 -28.21 4.32 -30.56
CA SER K 114 -29.58 4.42 -30.06
C SER K 114 -29.52 4.72 -28.56
N ILE K 115 -30.33 5.68 -28.07
CA ILE K 115 -30.23 6.10 -26.66
C ILE K 115 -31.52 5.80 -25.95
N PHE K 116 -31.45 5.23 -24.75
CA PHE K 116 -32.59 4.95 -23.90
C PHE K 116 -32.48 5.73 -22.61
N PRO K 117 -33.06 6.94 -22.59
CA PRO K 117 -32.95 7.81 -21.44
C PRO K 117 -33.48 7.15 -20.19
N ASN K 118 -32.86 7.49 -19.07
CA ASN K 118 -33.23 6.95 -17.78
C ASN K 118 -32.78 7.95 -16.74
N MET K 119 -33.74 8.69 -16.19
CA MET K 119 -33.41 9.77 -15.27
C MET K 119 -34.67 10.28 -14.63
N ASN K 120 -34.51 10.88 -13.45
CA ASN K 120 -35.54 11.68 -12.85
C ASN K 120 -36.14 12.70 -13.82
N LEU K 121 -37.46 12.90 -13.71
CA LEU K 121 -38.23 13.84 -14.56
C LEU K 121 -37.68 15.27 -14.58
N ARG K 122 -37.22 15.75 -13.42
CA ARG K 122 -36.64 17.07 -13.32
CA ARG K 122 -36.64 17.07 -13.33
C ARG K 122 -35.44 17.18 -14.26
N MET K 123 -34.68 16.09 -14.41
CA MET K 123 -33.50 16.08 -15.30
C MET K 123 -33.91 16.01 -16.78
N TRP K 124 -34.86 15.13 -17.07
CA TRP K 124 -35.43 14.97 -18.38
C TRP K 124 -36.07 16.28 -18.82
N GLU K 125 -36.74 16.98 -17.90
CA GLU K 125 -37.39 18.23 -18.21
C GLU K 125 -36.51 19.47 -18.12
N ASN K 126 -35.23 19.31 -17.76
CA ASN K 126 -34.29 20.40 -17.86
C ASN K 126 -34.27 20.91 -19.30
N PRO K 127 -34.40 22.24 -19.52
CA PRO K 127 -34.34 22.74 -20.89
C PRO K 127 -33.05 22.39 -21.60
N VAL K 128 -31.95 22.28 -20.84
CA VAL K 128 -30.68 21.94 -21.47
C VAL K 128 -30.72 20.54 -22.06
N THR K 129 -31.19 19.58 -21.27
CA THR K 129 -31.38 18.19 -21.72
C THR K 129 -32.33 18.08 -22.92
N GLN K 130 -33.48 18.75 -22.82
CA GLN K 130 -34.48 18.76 -23.89
C GLN K 130 -33.83 19.24 -25.19
N ASN K 131 -33.05 20.32 -25.09
CA ASN K 131 -32.28 20.86 -26.22
CA ASN K 131 -32.32 20.87 -26.25
C ASN K 131 -31.31 19.88 -26.85
N ASN K 132 -30.53 19.24 -25.99
CA ASN K 132 -29.52 18.29 -26.43
C ASN K 132 -30.16 17.05 -27.05
N ILE K 133 -31.32 16.65 -26.54
CA ILE K 133 -32.10 15.54 -27.14
C ILE K 133 -32.54 15.85 -28.58
N ARG K 134 -33.05 17.08 -28.80
CA ARG K 134 -33.42 17.52 -30.16
CA ARG K 134 -33.41 17.54 -30.15
C ARG K 134 -32.20 17.61 -31.07
N LEU K 135 -31.11 18.17 -30.59
CA LEU K 135 -29.88 18.23 -31.36
C LEU K 135 -29.44 16.81 -31.79
N LEU K 136 -29.37 15.88 -30.83
CA LEU K 136 -28.94 14.51 -31.15
C LEU K 136 -29.81 13.83 -32.23
N LYS K 137 -31.13 14.00 -32.13
CA LYS K 137 -32.07 13.52 -33.17
C LYS K 137 -31.81 14.17 -34.51
N ASP K 138 -31.56 15.48 -34.52
CA ASP K 138 -31.19 16.19 -35.75
C ASP K 138 -29.94 15.59 -36.38
N TYR K 139 -29.03 15.09 -35.55
CA TYR K 139 -27.83 14.45 -36.06
C TYR K 139 -27.97 12.96 -36.28
N GLY K 140 -29.20 12.44 -36.27
CA GLY K 140 -29.48 11.06 -36.66
C GLY K 140 -29.26 10.02 -35.58
N VAL K 141 -29.14 10.43 -34.34
CA VAL K 141 -29.11 9.48 -33.21
C VAL K 141 -30.55 9.11 -32.89
N SER K 142 -30.87 7.82 -32.72
CA SER K 142 -32.25 7.47 -32.38
C SER K 142 -32.39 7.53 -30.88
N ILE K 143 -33.44 8.18 -30.40
CA ILE K 143 -33.76 8.30 -28.99
C ILE K 143 -35.06 7.58 -28.75
N TYR K 144 -35.04 6.55 -27.90
CA TYR K 144 -36.26 5.81 -27.58
C TYR K 144 -37.29 6.79 -27.06
N PRO K 145 -38.56 6.62 -27.44
CA PRO K 145 -39.57 7.56 -26.97
C PRO K 145 -40.09 7.09 -25.63
N ALA K 146 -39.24 7.24 -24.61
CA ALA K 146 -39.52 6.72 -23.28
C ALA K 146 -40.68 7.48 -22.64
N ASN K 147 -41.56 6.72 -21.97
CA ASN K 147 -42.65 7.24 -21.16
CA ASN K 147 -42.62 7.34 -21.20
C ASN K 147 -42.20 7.68 -19.76
N ILE K 148 -42.96 8.60 -19.19
CA ILE K 148 -42.79 9.06 -17.84
C ILE K 148 -43.63 8.17 -16.94
N SER K 149 -43.03 7.73 -15.84
CA SER K 149 -43.64 6.78 -14.92
C SER K 149 -43.29 7.18 -13.48
N GLU K 150 -44.22 6.95 -12.56
CA GLU K 150 -44.08 7.32 -11.14
C GLU K 150 -44.14 6.10 -10.22
N SER K 151 -43.01 5.75 -9.63
CA SER K 151 -42.87 4.54 -8.80
C SER K 151 -42.45 4.87 -7.39
N TYR K 152 -42.93 4.06 -6.45
CA TYR K 152 -42.39 4.05 -5.09
C TYR K 152 -40.94 3.62 -5.18
N GLU K 153 -40.04 4.46 -4.71
CA GLU K 153 -38.60 4.14 -4.70
C GLU K 153 -38.25 3.70 -3.29
N LEU K 154 -37.81 2.46 -3.14
CA LEU K 154 -37.49 1.89 -1.81
C LEU K 154 -36.34 2.61 -1.05
N ALA K 155 -35.33 3.08 -1.79
CA ALA K 155 -34.13 3.67 -1.20
C ALA K 155 -34.41 5.00 -0.45
N SER K 156 -35.39 5.77 -0.92
CA SER K 156 -35.79 7.06 -0.30
C SER K 156 -37.13 7.03 0.44
N LYS K 157 -37.90 5.95 0.27
CA LYS K 157 -39.25 5.84 0.83
C LYS K 157 -40.20 6.95 0.35
N THR K 158 -40.23 7.20 -0.96
CA THR K 158 -41.10 8.21 -1.55
C THR K 158 -41.34 7.82 -3.01
N PHE K 159 -42.37 8.38 -3.63
CA PHE K 159 -42.68 8.16 -5.05
C PHE K 159 -41.88 9.11 -5.89
N LYS K 160 -41.47 8.68 -7.07
CA LYS K 160 -40.60 9.47 -7.91
CA LYS K 160 -40.61 9.48 -7.91
C LYS K 160 -41.03 9.38 -9.34
N LYS K 161 -40.87 10.46 -10.07
CA LYS K 161 -41.20 10.42 -11.47
C LYS K 161 -39.92 10.33 -12.26
N ASN K 162 -39.89 9.38 -13.19
CA ASN K 162 -38.71 9.16 -14.02
C ASN K 162 -39.16 8.90 -15.43
N VAL K 163 -38.20 9.02 -16.36
CA VAL K 163 -38.25 8.26 -17.60
C VAL K 163 -37.30 7.10 -17.42
N VAL K 164 -37.64 5.97 -18.03
CA VAL K 164 -37.07 4.67 -17.64
C VAL K 164 -36.67 3.92 -18.89
N ALA K 165 -35.58 3.16 -18.77
CA ALA K 165 -35.19 2.22 -19.83
C ALA K 165 -36.36 1.27 -20.08
N PRO K 166 -36.65 0.97 -21.37
CA PRO K 166 -37.79 0.10 -21.65
C PRO K 166 -37.38 -1.35 -21.48
N GLU K 167 -38.35 -2.25 -21.50
CA GLU K 167 -38.08 -3.67 -21.34
C GLU K 167 -37.23 -4.21 -22.49
N PRO K 168 -36.52 -5.31 -22.23
CA PRO K 168 -35.64 -5.88 -23.22
C PRO K 168 -36.25 -6.02 -24.60
N TYR K 169 -37.46 -6.61 -24.67
CA TYR K 169 -38.07 -6.84 -25.98
C TYR K 169 -38.27 -5.55 -26.73
N LYS K 170 -38.66 -4.48 -26.04
CA LYS K 170 -38.84 -3.19 -26.72
C LYS K 170 -37.48 -2.65 -27.23
N VAL K 171 -36.41 -2.91 -26.47
CA VAL K 171 -35.06 -2.60 -26.95
C VAL K 171 -34.72 -3.36 -28.26
N LEU K 172 -35.03 -4.64 -28.36
CA LEU K 172 -34.86 -5.33 -29.66
C LEU K 172 -35.66 -4.73 -30.80
N GLU K 173 -36.91 -4.32 -30.55
CA GLU K 173 -37.79 -3.73 -31.58
C GLU K 173 -37.31 -2.35 -32.11
N PHE K 174 -36.77 -1.53 -31.21
CA PHE K 174 -36.34 -0.17 -31.53
C PHE K 174 -35.02 -0.13 -32.28
N ILE K 175 -34.16 -1.08 -31.93
CA ILE K 175 -32.73 -1.05 -32.27
C ILE K 175 -32.48 -1.54 -33.71
N GLU L 6 10.22 35.42 -26.47
CA GLU L 6 8.91 34.72 -26.55
C GLU L 6 8.95 33.30 -25.97
N ASN L 7 7.84 32.88 -25.42
CA ASN L 7 7.68 31.53 -24.91
C ASN L 7 6.48 30.84 -25.54
N VAL L 8 6.59 29.53 -25.75
CA VAL L 8 5.46 28.75 -26.21
C VAL L 8 5.11 27.59 -25.25
N LEU L 9 3.80 27.34 -25.07
CA LEU L 9 3.27 26.19 -24.32
C LEU L 9 2.64 25.16 -25.26
N ILE L 10 3.10 23.91 -25.16
CA ILE L 10 2.50 22.79 -25.88
C ILE L 10 1.60 22.04 -24.98
N CYS L 11 0.34 21.94 -25.38
CA CYS L 11 -0.64 21.16 -24.66
C CYS L 11 -0.78 19.87 -25.45
N LEU L 12 -0.54 18.74 -24.81
CA LEU L 12 -0.60 17.43 -25.45
CA LEU L 12 -0.66 17.48 -25.53
C LEU L 12 -1.84 16.72 -25.00
N CYS L 13 -2.63 16.21 -25.94
CA CYS L 13 -3.83 15.42 -25.58
C CYS L 13 -3.65 13.90 -25.82
N GLY L 14 -4.70 13.15 -25.56
CA GLY L 14 -4.62 11.72 -25.52
C GLY L 14 -4.62 11.04 -26.86
N SER L 15 -3.49 11.11 -27.56
CA SER L 15 -3.32 10.58 -28.89
C SER L 15 -1.91 10.00 -28.99
N VAL L 16 -1.75 8.98 -29.82
CA VAL L 16 -0.44 8.36 -30.04
C VAL L 16 0.50 9.31 -30.81
N ASN L 17 -0.02 10.30 -31.51
CA ASN L 17 0.87 11.32 -32.09
C ASN L 17 1.65 12.16 -31.01
N SER L 18 1.24 12.05 -29.74
CA SER L 18 1.93 12.70 -28.60
C SER L 18 3.35 12.15 -28.35
N ILE L 19 3.64 10.99 -28.92
CA ILE L 19 4.92 10.34 -28.72
C ILE L 19 6.00 10.95 -29.61
N ASN L 20 5.58 11.77 -30.60
CA ASN L 20 6.53 12.44 -31.48
C ASN L 20 6.83 13.88 -31.06
N ILE L 21 6.40 14.25 -29.86
CA ILE L 21 6.39 15.64 -29.48
C ILE L 21 7.80 16.21 -29.35
N SER L 22 8.81 15.34 -29.18
CA SER L 22 10.16 15.83 -28.95
C SER L 22 10.68 16.49 -30.21
N HIS L 23 10.18 16.08 -31.37
CA HIS L 23 10.58 16.69 -32.63
C HIS L 23 9.96 18.08 -32.75
N TYR L 24 8.81 18.29 -32.10
CA TYR L 24 8.16 19.61 -32.09
C TYR L 24 8.93 20.55 -31.16
N ILE L 25 9.27 20.06 -29.98
CA ILE L 25 10.03 20.83 -28.99
C ILE L 25 11.37 21.33 -29.60
N ILE L 26 12.11 20.41 -30.22
CA ILE L 26 13.39 20.73 -30.87
C ILE L 26 13.19 21.83 -31.92
N GLU L 27 12.17 21.70 -32.77
CA GLU L 27 11.89 22.71 -33.80
CA GLU L 27 11.89 22.71 -33.80
C GLU L 27 11.45 24.03 -33.18
N LEU L 28 10.58 23.95 -32.18
CA LEU L 28 10.12 25.15 -31.52
C LEU L 28 11.26 25.83 -30.77
N LYS L 29 12.28 25.09 -30.35
CA LYS L 29 13.35 25.70 -29.59
C LYS L 29 14.17 26.64 -30.44
N SER L 30 14.08 26.51 -31.78
CA SER L 30 14.75 27.39 -32.74
C SER L 30 14.20 28.80 -32.83
N LYS L 31 13.13 29.09 -32.10
CA LYS L 31 12.36 30.33 -32.29
C LYS L 31 11.73 30.88 -30.98
N PHE L 32 11.82 30.12 -29.89
CA PHE L 32 11.20 30.47 -28.63
C PHE L 32 12.20 30.30 -27.46
N ASP L 33 12.33 31.33 -26.63
CA ASP L 33 13.22 31.26 -25.49
C ASP L 33 12.92 29.99 -24.68
N GLU L 34 11.66 29.85 -24.26
CA GLU L 34 11.21 28.67 -23.54
C GLU L 34 10.07 27.98 -24.27
N VAL L 35 10.18 26.65 -24.34
CA VAL L 35 9.19 25.76 -24.90
C VAL L 35 8.75 24.84 -23.76
N ASN L 36 7.56 25.08 -23.26
CA ASN L 36 7.05 24.35 -22.13
C ASN L 36 5.95 23.44 -22.62
N VAL L 37 5.55 22.48 -21.78
CA VAL L 37 4.66 21.38 -22.18
C VAL L 37 3.73 21.07 -21.01
N ILE L 38 2.45 20.84 -21.31
CA ILE L 38 1.51 20.34 -20.31
C ILE L 38 0.74 19.21 -21.02
N ALA L 39 0.33 18.18 -20.27
CA ALA L 39 -0.52 17.17 -20.85
C ALA L 39 -1.90 17.17 -20.21
N SER L 40 -2.91 16.75 -20.99
CA SER L 40 -4.25 16.42 -20.43
C SER L 40 -4.13 15.26 -19.51
N THR L 41 -5.16 15.05 -18.68
CA THR L 41 -5.13 13.89 -17.77
C THR L 41 -5.06 12.59 -18.56
N ASN L 42 -5.95 12.44 -19.53
CA ASN L 42 -5.91 11.28 -20.44
C ASN L 42 -4.65 11.19 -21.28
N GLY L 43 -3.91 12.30 -21.43
CA GLY L 43 -2.74 12.34 -22.31
C GLY L 43 -1.51 11.83 -21.58
N ARG L 44 -1.58 11.81 -20.25
CA ARG L 44 -0.41 11.43 -19.47
C ARG L 44 0.10 10.02 -19.82
N LYS L 45 -0.84 9.10 -20.00
CA LYS L 45 -0.51 7.68 -20.20
C LYS L 45 0.21 7.46 -21.52
N PHE L 46 0.09 8.41 -22.46
CA PHE L 46 0.81 8.37 -23.75
C PHE L 46 2.24 8.87 -23.72
N ILE L 47 2.64 9.57 -22.65
CA ILE L 47 3.94 10.20 -22.69
C ILE L 47 4.75 9.83 -21.46
N ASN L 48 6.02 10.21 -21.50
CA ASN L 48 6.96 9.98 -20.42
C ASN L 48 7.50 11.35 -19.96
N GLY L 49 7.12 11.77 -18.78
CA GLY L 49 7.48 13.11 -18.29
C GLY L 49 8.97 13.40 -18.23
N GLU L 50 9.75 12.42 -17.75
CA GLU L 50 11.19 12.57 -17.66
C GLU L 50 11.80 12.68 -19.05
N ILE L 51 11.24 11.95 -20.03
CA ILE L 51 11.72 12.08 -21.39
C ILE L 51 11.42 13.49 -21.87
N LEU L 52 10.22 14.03 -21.60
CA LEU L 52 9.90 15.37 -22.09
C LEU L 52 10.87 16.40 -21.50
N LYS L 53 11.15 16.31 -20.21
CA LYS L 53 12.05 17.27 -19.54
C LYS L 53 13.52 17.20 -20.02
N GLN L 54 13.84 16.25 -20.88
CA GLN L 54 15.15 16.24 -21.55
C GLN L 54 15.17 17.29 -22.66
N PHE L 55 14.01 17.77 -23.10
CA PHE L 55 13.90 18.61 -24.32
C PHE L 55 13.26 19.97 -24.04
N CYS L 56 12.22 19.95 -23.20
CA CYS L 56 11.44 21.11 -22.87
C CYS L 56 11.97 21.74 -21.58
N ASP L 57 11.59 22.98 -21.32
CA ASP L 57 12.14 23.71 -20.17
C ASP L 57 11.37 23.39 -18.91
N ASN L 58 10.05 23.39 -19.02
CA ASN L 58 9.14 23.17 -17.89
C ASN L 58 8.11 22.18 -18.37
N TYR L 59 7.81 21.15 -17.58
CA TYR L 59 6.71 20.23 -17.84
C TYR L 59 5.75 20.41 -16.68
N TYR L 60 4.57 20.97 -16.93
CA TYR L 60 3.62 21.20 -15.85
C TYR L 60 2.82 19.96 -15.66
N ASP L 61 2.83 19.53 -14.41
CA ASP L 61 2.24 18.28 -14.01
C ASP L 61 1.36 18.58 -12.83
N GLU L 62 0.07 18.70 -13.11
CA GLU L 62 -1.02 18.93 -12.15
C GLU L 62 -1.10 17.87 -11.08
N PHE L 63 -0.69 16.64 -11.37
CA PHE L 63 -0.76 15.56 -10.36
C PHE L 63 0.35 15.73 -9.32
N GLU L 64 1.54 16.15 -9.77
CA GLU L 64 2.67 16.48 -8.89
CA GLU L 64 2.63 16.45 -8.86
C GLU L 64 2.41 17.78 -8.12
N ASP L 65 1.82 18.77 -8.76
CA ASP L 65 1.64 20.09 -8.14
CA ASP L 65 1.65 20.09 -8.15
C ASP L 65 0.23 20.58 -8.39
N PRO L 66 -0.71 20.14 -7.53
CA PRO L 66 -2.08 20.44 -7.93
C PRO L 66 -2.46 21.96 -7.98
N PHE L 67 -1.61 22.82 -7.44
CA PHE L 67 -1.93 24.25 -7.36
C PHE L 67 -1.22 25.09 -8.42
N LEU L 68 -0.69 24.48 -9.46
CA LEU L 68 -0.24 25.27 -10.60
C LEU L 68 -1.38 26.22 -10.97
N ASN L 69 -1.06 27.50 -11.11
CA ASN L 69 -2.03 28.51 -11.48
C ASN L 69 -2.12 28.72 -12.99
N HIS L 70 -3.32 28.59 -13.54
CA HIS L 70 -3.61 28.73 -14.98
C HIS L 70 -3.32 30.12 -15.52
N VAL L 71 -3.69 31.11 -14.72
CA VAL L 71 -3.47 32.48 -15.10
C VAL L 71 -1.98 32.71 -15.21
N ASP L 72 -1.26 32.39 -14.15
CA ASP L 72 0.19 32.64 -14.13
C ASP L 72 0.87 31.91 -15.30
N ILE L 73 0.38 30.70 -15.64
CA ILE L 73 0.99 29.91 -16.73
C ILE L 73 0.64 30.49 -18.10
N ALA L 74 -0.63 30.82 -18.30
CA ALA L 74 -1.06 31.51 -19.52
C ALA L 74 -0.31 32.80 -19.75
N ASN L 75 -0.18 33.59 -18.69
CA ASN L 75 0.49 34.88 -18.79
C ASN L 75 1.94 34.81 -19.10
N LYS L 76 2.58 33.71 -18.77
CA LYS L 76 3.98 33.53 -19.09
C LYS L 76 4.18 33.24 -20.59
N HIS L 77 3.09 32.92 -21.28
CA HIS L 77 3.22 32.40 -22.64
C HIS L 77 2.65 33.36 -23.69
N ASP L 78 3.39 33.45 -24.78
CA ASP L 78 3.05 34.34 -25.85
C ASP L 78 2.12 33.62 -26.83
N LYS L 79 2.36 32.33 -27.01
CA LYS L 79 1.52 31.48 -27.84
C LYS L 79 1.27 30.18 -27.13
N ILE L 80 0.02 29.72 -27.13
CA ILE L 80 -0.31 28.41 -26.58
C ILE L 80 -0.88 27.50 -27.66
N ILE L 81 -0.29 26.31 -27.82
CA ILE L 81 -0.78 25.33 -28.83
C ILE L 81 -1.28 24.00 -28.29
N ILE L 82 -2.23 23.41 -29.01
CA ILE L 82 -2.71 22.08 -28.69
C ILE L 82 -2.32 21.19 -29.84
N LEU L 83 -1.41 20.26 -29.57
CA LEU L 83 -0.86 19.46 -30.64
C LEU L 83 -0.29 18.24 -30.03
N PRO L 84 -0.88 17.07 -30.31
CA PRO L 84 -2.11 16.83 -31.07
C PRO L 84 -3.36 17.20 -30.27
N ALA L 85 -4.33 17.80 -30.94
CA ALA L 85 -5.58 18.25 -30.30
C ALA L 85 -6.68 17.22 -30.57
N THR L 86 -7.16 16.59 -29.52
CA THR L 86 -8.18 15.56 -29.64
C THR L 86 -9.56 16.20 -29.71
N SER L 87 -10.49 15.45 -30.32
CA SER L 87 -11.90 15.85 -30.43
C SER L 87 -12.43 16.21 -29.07
N ASN L 88 -12.21 15.33 -28.10
CA ASN L 88 -12.67 15.62 -26.77
C ASN L 88 -12.19 17.01 -26.31
N THR L 89 -10.93 17.35 -26.55
CA THR L 89 -10.37 18.63 -26.03
C THR L 89 -10.91 19.83 -26.79
N ILE L 90 -10.96 19.69 -28.11
CA ILE L 90 -11.54 20.68 -28.95
C ILE L 90 -13.00 21.02 -28.52
N ASN L 91 -13.82 19.99 -28.36
CA ASN L 91 -15.25 20.16 -27.97
C ASN L 91 -15.48 20.75 -26.58
N LYS L 92 -14.57 20.43 -25.70
CA LYS L 92 -14.61 20.93 -24.33
C LYS L 92 -14.17 22.39 -24.32
N ILE L 93 -13.12 22.75 -25.08
CA ILE L 93 -12.66 24.15 -25.09
C ILE L 93 -13.81 25.00 -25.67
N ALA L 94 -14.50 24.47 -26.67
CA ALA L 94 -15.57 25.22 -27.36
C ALA L 94 -16.76 25.46 -26.44
N ASN L 95 -16.94 24.59 -25.45
CA ASN L 95 -18.05 24.73 -24.46
C ASN L 95 -17.66 25.35 -23.13
N GLY L 96 -16.39 25.75 -23.02
CA GLY L 96 -15.85 26.34 -21.78
C GLY L 96 -15.68 25.41 -20.58
N ILE L 97 -15.51 24.12 -20.84
CA ILE L 97 -15.42 23.14 -19.74
C ILE L 97 -13.95 23.14 -19.48
N CYS L 98 -13.55 23.20 -18.21
CA CYS L 98 -12.13 23.14 -17.87
C CYS L 98 -11.94 22.42 -16.57
N ASP L 99 -11.99 21.08 -16.63
CA ASP L 99 -11.87 20.28 -15.44
C ASP L 99 -10.47 19.65 -15.27
N ASN L 100 -9.53 20.05 -16.12
CA ASN L 100 -8.14 19.86 -15.82
C ASN L 100 -7.34 21.16 -16.04
N LEU L 101 -6.05 21.13 -15.77
CA LEU L 101 -5.27 22.32 -15.81
C LEU L 101 -5.08 22.76 -17.28
N LEU L 102 -4.80 21.83 -18.20
CA LEU L 102 -4.57 22.18 -19.62
C LEU L 102 -5.77 22.98 -20.22
N LEU L 103 -7.00 22.49 -20.01
CA LEU L 103 -8.24 23.16 -20.52
C LEU L 103 -8.43 24.53 -19.85
N THR L 104 -8.26 24.61 -18.51
CA THR L 104 -8.26 25.87 -17.78
C THR L 104 -7.30 26.97 -18.33
N ILE L 105 -6.05 26.63 -18.56
CA ILE L 105 -5.08 27.56 -19.16
C ILE L 105 -5.59 28.00 -20.54
N CYS L 106 -6.08 27.03 -21.32
CA CYS L 106 -6.54 27.33 -22.70
C CYS L 106 -7.81 28.22 -22.69
N HIS L 107 -8.65 27.99 -21.68
CA HIS L 107 -9.86 28.81 -21.46
C HIS L 107 -9.50 30.27 -21.15
N THR L 108 -8.31 30.53 -20.60
CA THR L 108 -7.94 31.93 -20.30
C THR L 108 -7.15 32.64 -21.39
N ALA L 109 -6.93 31.99 -22.52
CA ALA L 109 -6.13 32.63 -23.55
C ALA L 109 -6.53 32.26 -24.96
N PHE L 110 -7.81 32.33 -25.30
CA PHE L 110 -8.25 32.09 -26.69
C PHE L 110 -7.39 32.92 -27.64
N GLU L 111 -7.24 34.20 -27.28
CA GLU L 111 -6.37 35.20 -27.94
C GLU L 111 -5.03 34.63 -28.48
N LYS L 112 -4.48 33.66 -27.74
CA LYS L 112 -3.13 33.12 -27.97
C LYS L 112 -3.13 31.66 -28.38
N LEU L 113 -4.30 31.11 -28.67
CA LEU L 113 -4.47 29.66 -28.81
C LEU L 113 -4.49 29.20 -30.26
N SER L 114 -3.62 28.25 -30.61
CA SER L 114 -3.69 27.53 -31.88
C SER L 114 -4.05 26.08 -31.62
N ILE L 115 -4.82 25.50 -32.53
CA ILE L 115 -5.23 24.09 -32.39
C ILE L 115 -4.92 23.31 -33.65
N PHE L 116 -4.27 22.16 -33.44
CA PHE L 116 -3.88 21.23 -34.49
C PHE L 116 -4.64 19.91 -34.34
N PRO L 117 -5.84 19.83 -34.94
CA PRO L 117 -6.66 18.66 -34.89
C PRO L 117 -5.89 17.44 -35.23
N ASN L 118 -6.06 16.40 -34.42
CA ASN L 118 -5.50 15.10 -34.68
C ASN L 118 -6.49 14.03 -34.26
N MET L 119 -7.14 13.40 -35.25
CA MET L 119 -8.20 12.42 -34.98
C MET L 119 -8.69 11.71 -36.21
N ASN L 120 -9.41 10.62 -35.98
CA ASN L 120 -10.06 9.85 -37.04
C ASN L 120 -11.14 10.70 -37.72
N LEU L 121 -11.41 10.37 -38.98
CA LEU L 121 -12.30 11.15 -39.84
C LEU L 121 -13.72 11.20 -39.31
N ARG L 122 -14.19 10.05 -38.84
CA ARG L 122 -15.52 9.95 -38.24
C ARG L 122 -15.72 11.01 -37.17
N MET L 123 -14.70 11.24 -36.37
CA MET L 123 -14.77 12.20 -35.25
C MET L 123 -14.69 13.64 -35.80
N TRP L 124 -13.83 13.83 -36.79
CA TRP L 124 -13.65 15.13 -37.47
C TRP L 124 -14.93 15.54 -38.21
N GLU L 125 -15.61 14.58 -38.80
CA GLU L 125 -16.84 14.84 -39.53
C GLU L 125 -18.10 14.73 -38.68
N ASN L 126 -17.94 14.45 -37.39
CA ASN L 126 -19.07 14.53 -36.46
C ASN L 126 -19.63 15.97 -36.42
N PRO L 127 -20.94 16.16 -36.63
CA PRO L 127 -21.40 17.53 -36.79
C PRO L 127 -21.21 18.41 -35.57
N VAL L 128 -21.28 17.83 -34.36
CA VAL L 128 -21.05 18.56 -33.16
C VAL L 128 -19.60 19.08 -33.11
N THR L 129 -18.61 18.29 -33.57
CA THR L 129 -17.22 18.76 -33.68
C THR L 129 -17.11 19.90 -34.67
N GLN L 130 -17.68 19.74 -35.85
CA GLN L 130 -17.60 20.82 -36.81
CA GLN L 130 -17.66 20.80 -36.87
C GLN L 130 -18.23 22.09 -36.29
N ASN L 131 -19.44 22.02 -35.76
CA ASN L 131 -20.03 23.20 -35.08
C ASN L 131 -19.14 23.85 -34.04
N ASN L 132 -18.44 23.03 -33.27
CA ASN L 132 -17.57 23.54 -32.23
C ASN L 132 -16.33 24.15 -32.86
N ILE L 133 -15.78 23.49 -33.88
CA ILE L 133 -14.67 24.08 -34.63
C ILE L 133 -15.09 25.44 -35.13
N ARG L 134 -16.33 25.58 -35.58
CA ARG L 134 -16.74 26.84 -36.20
C ARG L 134 -16.80 27.94 -35.14
N LEU L 135 -17.28 27.58 -33.96
CA LEU L 135 -17.48 28.49 -32.85
C LEU L 135 -16.15 29.00 -32.29
N LEU L 136 -15.18 28.08 -32.15
CA LEU L 136 -13.81 28.46 -31.79
C LEU L 136 -13.21 29.45 -32.81
N LYS L 137 -13.37 29.18 -34.09
CA LYS L 137 -12.87 30.13 -35.11
C LYS L 137 -13.46 31.54 -34.87
N ASP L 138 -14.76 31.60 -34.55
CA ASP L 138 -15.50 32.87 -34.34
C ASP L 138 -15.00 33.63 -33.17
N TYR L 139 -14.66 32.91 -32.09
CA TYR L 139 -14.22 33.49 -30.82
C TYR L 139 -12.70 33.74 -30.72
N GLY L 140 -12.00 33.68 -31.85
CA GLY L 140 -10.59 34.09 -31.94
C GLY L 140 -9.51 33.01 -31.98
N VAL L 141 -9.87 31.75 -31.73
CA VAL L 141 -8.89 30.66 -31.69
C VAL L 141 -8.52 30.31 -33.12
N SER L 142 -7.24 29.99 -33.34
CA SER L 142 -6.74 29.61 -34.68
CA SER L 142 -6.75 29.62 -34.66
C SER L 142 -6.69 28.09 -34.82
N ILE L 143 -7.47 27.55 -35.76
CA ILE L 143 -7.47 26.12 -36.05
C ILE L 143 -6.66 25.87 -37.33
N TYR L 144 -5.66 24.98 -37.22
CA TYR L 144 -4.83 24.67 -38.37
C TYR L 144 -5.71 23.98 -39.40
N PRO L 145 -5.62 24.42 -40.69
CA PRO L 145 -6.43 23.75 -41.69
C PRO L 145 -5.87 22.35 -41.96
N ALA L 146 -6.10 21.44 -41.02
CA ALA L 146 -5.54 20.10 -41.18
C ALA L 146 -6.15 19.45 -42.42
N ASN L 147 -5.40 18.55 -43.05
CA ASN L 147 -5.87 17.86 -44.22
C ASN L 147 -6.06 16.36 -43.94
N ILE L 148 -6.84 15.73 -44.80
CA ILE L 148 -7.30 14.37 -44.58
C ILE L 148 -6.31 13.40 -45.23
N SER L 149 -5.76 12.49 -44.43
CA SER L 149 -4.84 11.50 -44.95
C SER L 149 -5.33 10.09 -44.68
N GLU L 150 -4.72 9.15 -45.38
CA GLU L 150 -5.03 7.73 -45.21
C GLU L 150 -3.70 6.99 -45.08
N SER L 151 -3.68 6.05 -44.14
CA SER L 151 -2.46 5.39 -43.72
C SER L 151 -2.79 3.99 -43.16
N TYR L 152 -1.93 3.01 -43.44
CA TYR L 152 -2.04 1.70 -42.80
C TYR L 152 -1.67 1.90 -41.34
N GLU L 153 -2.52 1.42 -40.43
CA GLU L 153 -2.24 1.53 -39.00
C GLU L 153 -1.76 0.16 -38.49
N LEU L 154 -0.56 0.09 -37.92
CA LEU L 154 -0.04 -1.21 -37.40
C LEU L 154 -0.89 -1.80 -36.28
N ALA L 155 -1.33 -0.95 -35.33
CA ALA L 155 -2.02 -1.46 -34.13
C ALA L 155 -3.31 -2.21 -34.45
N SER L 156 -3.99 -1.83 -35.53
CA SER L 156 -5.24 -2.49 -35.95
C SER L 156 -5.10 -3.38 -37.21
N LYS L 157 -4.02 -3.21 -37.95
CA LYS L 157 -3.83 -3.83 -39.27
C LYS L 157 -4.97 -3.45 -40.25
N THR L 158 -5.32 -2.16 -40.23
CA THR L 158 -6.32 -1.59 -41.12
C THR L 158 -5.83 -0.24 -41.63
N PHE L 159 -6.34 0.15 -42.80
CA PHE L 159 -6.20 1.52 -43.30
C PHE L 159 -7.23 2.40 -42.59
N LYS L 160 -6.76 3.45 -41.94
CA LYS L 160 -7.65 4.42 -41.31
C LYS L 160 -7.49 5.79 -41.96
N LYS L 161 -8.59 6.54 -42.00
CA LYS L 161 -8.59 7.91 -42.49
C LYS L 161 -8.57 8.83 -41.28
N ASN L 162 -7.60 9.75 -41.25
CA ASN L 162 -7.44 10.67 -40.12
C ASN L 162 -7.13 12.09 -40.57
N VAL L 163 -7.38 13.03 -39.65
CA VAL L 163 -6.77 14.34 -39.69
C VAL L 163 -5.63 14.33 -38.66
N VAL L 164 -4.44 14.78 -39.07
CA VAL L 164 -3.23 14.67 -38.24
C VAL L 164 -2.53 16.02 -38.04
N ALA L 165 -1.71 16.10 -36.98
CA ALA L 165 -0.79 17.23 -36.76
C ALA L 165 0.21 17.25 -37.93
N PRO L 166 0.50 18.42 -38.48
CA PRO L 166 1.41 18.49 -39.63
C PRO L 166 2.85 18.35 -39.18
N GLU L 167 3.82 18.38 -40.09
CA GLU L 167 5.23 18.31 -39.65
C GLU L 167 5.63 19.60 -38.87
N PRO L 168 6.50 19.45 -37.85
CA PRO L 168 7.04 20.52 -37.00
C PRO L 168 7.27 21.90 -37.63
N TYR L 169 7.89 21.97 -38.81
CA TYR L 169 8.17 23.28 -39.41
C TYR L 169 6.87 24.00 -39.80
N LYS L 170 5.84 23.23 -40.16
CA LYS L 170 4.52 23.79 -40.45
C LYS L 170 3.88 24.31 -39.15
N VAL L 171 4.23 23.73 -38.02
CA VAL L 171 3.77 24.27 -36.76
C VAL L 171 4.41 25.65 -36.52
N LEU L 172 5.71 25.77 -36.79
CA LEU L 172 6.43 27.05 -36.64
C LEU L 172 5.91 28.15 -37.55
N GLU L 173 5.52 27.82 -38.77
CA GLU L 173 5.01 28.82 -39.70
C GLU L 173 3.58 29.23 -39.38
N PHE L 174 2.86 28.37 -38.65
CA PHE L 174 1.45 28.64 -38.36
C PHE L 174 1.25 29.63 -37.23
N ILE L 175 2.17 29.61 -36.27
CA ILE L 175 2.03 30.45 -35.10
C ILE L 175 2.94 31.68 -35.25
#